data_1WWC
# 
_entry.id   1WWC 
# 
_audit_conform.dict_name       mmcif_pdbx.dic 
_audit_conform.dict_version    5.398 
_audit_conform.dict_location   http://mmcif.pdb.org/dictionaries/ascii/mmcif_pdbx.dic 
# 
loop_
_database_2.database_id 
_database_2.database_code 
_database_2.pdbx_database_accession 
_database_2.pdbx_DOI 
PDB   1WWC         pdb_00001wwc 10.2210/pdb1wwc/pdb 
RCSB  RCSB000985   ?            ?                   
WWPDB D_1000000985 ?            ?                   
# 
loop_
_pdbx_audit_revision_history.ordinal 
_pdbx_audit_revision_history.data_content_type 
_pdbx_audit_revision_history.major_revision 
_pdbx_audit_revision_history.minor_revision 
_pdbx_audit_revision_history.revision_date 
1 'Structure model' 1 0 1999-07-07 
2 'Structure model' 1 1 2008-04-26 
3 'Structure model' 1 2 2011-07-13 
4 'Structure model' 1 3 2018-03-14 
5 'Structure model' 1 4 2023-12-27 
6 'Structure model' 1 5 2024-11-06 
# 
_pdbx_audit_revision_details.ordinal             1 
_pdbx_audit_revision_details.revision_ordinal    1 
_pdbx_audit_revision_details.data_content_type   'Structure model' 
_pdbx_audit_revision_details.provider            repository 
_pdbx_audit_revision_details.type                'Initial release' 
_pdbx_audit_revision_details.description         ? 
_pdbx_audit_revision_details.details             ? 
# 
loop_
_pdbx_audit_revision_group.ordinal 
_pdbx_audit_revision_group.revision_ordinal 
_pdbx_audit_revision_group.data_content_type 
_pdbx_audit_revision_group.group 
1 2 'Structure model' 'Version format compliance' 
2 3 'Structure model' 'Derived calculations'      
3 3 'Structure model' 'Version format compliance' 
4 4 'Structure model' 'Database references'       
5 5 'Structure model' 'Data collection'           
6 5 'Structure model' 'Database references'       
7 6 'Structure model' 'Structure summary'         
# 
loop_
_pdbx_audit_revision_category.ordinal 
_pdbx_audit_revision_category.revision_ordinal 
_pdbx_audit_revision_category.data_content_type 
_pdbx_audit_revision_category.category 
1 4 'Structure model' struct_ref_seq_dif        
2 5 'Structure model' chem_comp_atom            
3 5 'Structure model' chem_comp_bond            
4 5 'Structure model' database_2                
5 5 'Structure model' struct_ref_seq_dif        
6 6 'Structure model' pdbx_entry_details        
7 6 'Structure model' pdbx_modification_feature 
# 
loop_
_pdbx_audit_revision_item.ordinal 
_pdbx_audit_revision_item.revision_ordinal 
_pdbx_audit_revision_item.data_content_type 
_pdbx_audit_revision_item.item 
1 4 'Structure model' '_struct_ref_seq_dif.details'         
2 5 'Structure model' '_database_2.pdbx_DOI'                
3 5 'Structure model' '_database_2.pdbx_database_accession' 
4 5 'Structure model' '_struct_ref_seq_dif.details'         
# 
_pdbx_database_status.status_code                     REL 
_pdbx_database_status.entry_id                        1WWC 
_pdbx_database_status.recvd_initial_deposition_date   1999-04-30 
_pdbx_database_status.deposit_site                    BNL 
_pdbx_database_status.process_site                    RCSB 
_pdbx_database_status.SG_entry                        . 
_pdbx_database_status.pdb_format_compatible           Y 
_pdbx_database_status.status_code_mr                  ? 
_pdbx_database_status.status_code_sf                  ? 
_pdbx_database_status.status_code_cs                  ? 
_pdbx_database_status.methods_development_category    ? 
_pdbx_database_status.status_code_nmr_data            ? 
# 
loop_
_pdbx_database_related.db_name 
_pdbx_database_related.db_id 
_pdbx_database_related.details 
_pdbx_database_related.content_type 
PDB 1WWA TRKA unspecified 
PDB 1WWB TRKB unspecified 
# 
loop_
_audit_author.name 
_audit_author.pdbx_ordinal 
'Ultsch, M.H.'  1 
'Wiesmann, C.'  2 
'Simmons, L.C.' 3 
'Henrich, J.'   4 
'Yang, M.'      5 
'Reilly, D.'    6 
'Bass, S.H.'    7 
'De Vos, A.M.'  8 
# 
_citation.id                        primary 
_citation.title                     'Crystal structures of the neurotrophin-binding domain of TrkA, TrkB and TrkC.' 
_citation.journal_abbrev            J.Mol.Biol. 
_citation.journal_volume            290 
_citation.page_first                149 
_citation.page_last                 159 
_citation.year                      1999 
_citation.journal_id_ASTM           JMOBAK 
_citation.country                   UK 
_citation.journal_id_ISSN           0022-2836 
_citation.journal_id_CSD            0070 
_citation.book_publisher            ? 
_citation.pdbx_database_id_PubMed   10388563 
_citation.pdbx_database_id_DOI      10.1006/jmbi.1999.2816 
# 
loop_
_citation_author.citation_id 
_citation_author.name 
_citation_author.ordinal 
_citation_author.identifier_ORCID 
primary 'Ultsch, M.H.'  1 ? 
primary 'Wiesmann, C.'  2 ? 
primary 'Simmons, L.C.' 3 ? 
primary 'Henrich, J.'   4 ? 
primary 'Yang, M.'      5 ? 
primary 'Reilly, D.'    6 ? 
primary 'Bass, S.H.'    7 ? 
primary 'de Vos, A.M.'  8 ? 
# 
loop_
_entity.id 
_entity.type 
_entity.src_method 
_entity.pdbx_description 
_entity.formula_weight 
_entity.pdbx_number_of_molecules 
_entity.pdbx_ec 
_entity.pdbx_mutation 
_entity.pdbx_fragment 
_entity.details 
1 polymer man 'PROTEIN (NT-3 GROWTH FACTOR RECEPTOR TRKC)' 13400.147 1   ? F410V 'LIGAND BINDING DOMAIN' ? 
2 water   nat water                                        18.015    101 ? ?     ?                       ? 
# 
_entity_poly.entity_id                      1 
_entity_poly.type                           'polypeptide(L)' 
_entity_poly.nstd_linkage                   no 
_entity_poly.nstd_monomer                   no 
_entity_poly.pdbx_seq_one_letter_code       
;VALTVYYPPRVVSLEEPELRLEHCIEFVVRGNPPPTLHWLHNGQPLRESKIIHVEYYQEGEISEGCLLFNKPTHYNNGNY
TLIAKNPLGTANQTINGHFLKEPFPVDEVSPTPPITVT
;
_entity_poly.pdbx_seq_one_letter_code_can   
;VALTVYYPPRVVSLEEPELRLEHCIEFVVRGNPPPTLHWLHNGQPLRESKIIHVEYYQEGEISEGCLLFNKPTHYNNGNY
TLIAKNPLGTANQTINGHFLKEPFPVDEVSPTPPITVT
;
_entity_poly.pdbx_strand_id                 A 
_entity_poly.pdbx_target_identifier         ? 
# 
_pdbx_entity_nonpoly.entity_id   2 
_pdbx_entity_nonpoly.name        water 
_pdbx_entity_nonpoly.comp_id     HOH 
# 
loop_
_entity_poly_seq.entity_id 
_entity_poly_seq.num 
_entity_poly_seq.mon_id 
_entity_poly_seq.hetero 
1 1   VAL n 
1 2   ALA n 
1 3   LEU n 
1 4   THR n 
1 5   VAL n 
1 6   TYR n 
1 7   TYR n 
1 8   PRO n 
1 9   PRO n 
1 10  ARG n 
1 11  VAL n 
1 12  VAL n 
1 13  SER n 
1 14  LEU n 
1 15  GLU n 
1 16  GLU n 
1 17  PRO n 
1 18  GLU n 
1 19  LEU n 
1 20  ARG n 
1 21  LEU n 
1 22  GLU n 
1 23  HIS n 
1 24  CYS n 
1 25  ILE n 
1 26  GLU n 
1 27  PHE n 
1 28  VAL n 
1 29  VAL n 
1 30  ARG n 
1 31  GLY n 
1 32  ASN n 
1 33  PRO n 
1 34  PRO n 
1 35  PRO n 
1 36  THR n 
1 37  LEU n 
1 38  HIS n 
1 39  TRP n 
1 40  LEU n 
1 41  HIS n 
1 42  ASN n 
1 43  GLY n 
1 44  GLN n 
1 45  PRO n 
1 46  LEU n 
1 47  ARG n 
1 48  GLU n 
1 49  SER n 
1 50  LYS n 
1 51  ILE n 
1 52  ILE n 
1 53  HIS n 
1 54  VAL n 
1 55  GLU n 
1 56  TYR n 
1 57  TYR n 
1 58  GLN n 
1 59  GLU n 
1 60  GLY n 
1 61  GLU n 
1 62  ILE n 
1 63  SER n 
1 64  GLU n 
1 65  GLY n 
1 66  CYS n 
1 67  LEU n 
1 68  LEU n 
1 69  PHE n 
1 70  ASN n 
1 71  LYS n 
1 72  PRO n 
1 73  THR n 
1 74  HIS n 
1 75  TYR n 
1 76  ASN n 
1 77  ASN n 
1 78  GLY n 
1 79  ASN n 
1 80  TYR n 
1 81  THR n 
1 82  LEU n 
1 83  ILE n 
1 84  ALA n 
1 85  LYS n 
1 86  ASN n 
1 87  PRO n 
1 88  LEU n 
1 89  GLY n 
1 90  THR n 
1 91  ALA n 
1 92  ASN n 
1 93  GLN n 
1 94  THR n 
1 95  ILE n 
1 96  ASN n 
1 97  GLY n 
1 98  HIS n 
1 99  PHE n 
1 100 LEU n 
1 101 LYS n 
1 102 GLU n 
1 103 PRO n 
1 104 PHE n 
1 105 PRO n 
1 106 VAL n 
1 107 ASP n 
1 108 GLU n 
1 109 VAL n 
1 110 SER n 
1 111 PRO n 
1 112 THR n 
1 113 PRO n 
1 114 PRO n 
1 115 ILE n 
1 116 THR n 
1 117 VAL n 
1 118 THR n 
# 
_entity_src_gen.entity_id                          1 
_entity_src_gen.pdbx_src_id                        1 
_entity_src_gen.pdbx_alt_source_flag               sample 
_entity_src_gen.pdbx_seq_type                      ? 
_entity_src_gen.pdbx_beg_seq_num                   ? 
_entity_src_gen.pdbx_end_seq_num                   ? 
_entity_src_gen.gene_src_common_name               human 
_entity_src_gen.gene_src_genus                     Homo 
_entity_src_gen.pdbx_gene_src_gene                 ? 
_entity_src_gen.gene_src_species                   ? 
_entity_src_gen.gene_src_strain                    ? 
_entity_src_gen.gene_src_tissue                    ? 
_entity_src_gen.gene_src_tissue_fraction           ? 
_entity_src_gen.gene_src_details                   ? 
_entity_src_gen.pdbx_gene_src_fragment             ? 
_entity_src_gen.pdbx_gene_src_scientific_name      'Homo sapiens' 
_entity_src_gen.pdbx_gene_src_ncbi_taxonomy_id     9606 
_entity_src_gen.pdbx_gene_src_variant              ? 
_entity_src_gen.pdbx_gene_src_cell_line            ? 
_entity_src_gen.pdbx_gene_src_atcc                 ? 
_entity_src_gen.pdbx_gene_src_organ                ? 
_entity_src_gen.pdbx_gene_src_organelle            ? 
_entity_src_gen.pdbx_gene_src_cell                 ? 
_entity_src_gen.pdbx_gene_src_cellular_location    ? 
_entity_src_gen.host_org_common_name               ? 
_entity_src_gen.pdbx_host_org_scientific_name      'Escherichia coli' 
_entity_src_gen.pdbx_host_org_ncbi_taxonomy_id     562 
_entity_src_gen.host_org_genus                     Escherichia 
_entity_src_gen.pdbx_host_org_gene                 ? 
_entity_src_gen.pdbx_host_org_organ                ? 
_entity_src_gen.host_org_species                   ? 
_entity_src_gen.pdbx_host_org_tissue               ? 
_entity_src_gen.pdbx_host_org_tissue_fraction      ? 
_entity_src_gen.pdbx_host_org_strain               ? 
_entity_src_gen.pdbx_host_org_variant              ? 
_entity_src_gen.pdbx_host_org_cell_line            ? 
_entity_src_gen.pdbx_host_org_atcc                 ? 
_entity_src_gen.pdbx_host_org_culture_collection   ? 
_entity_src_gen.pdbx_host_org_cell                 ? 
_entity_src_gen.pdbx_host_org_organelle            ? 
_entity_src_gen.pdbx_host_org_cellular_location    ? 
_entity_src_gen.pdbx_host_org_vector_type          ? 
_entity_src_gen.pdbx_host_org_vector               ? 
_entity_src_gen.host_org_details                   ? 
_entity_src_gen.expression_system_id               ? 
_entity_src_gen.plasmid_name                       ? 
_entity_src_gen.plasmid_details                    ? 
_entity_src_gen.pdbx_description                   ? 
# 
loop_
_chem_comp.id 
_chem_comp.type 
_chem_comp.mon_nstd_flag 
_chem_comp.name 
_chem_comp.pdbx_synonyms 
_chem_comp.formula 
_chem_comp.formula_weight 
ALA 'L-peptide linking' y ALANINE         ? 'C3 H7 N O2'     89.093  
ARG 'L-peptide linking' y ARGININE        ? 'C6 H15 N4 O2 1' 175.209 
ASN 'L-peptide linking' y ASPARAGINE      ? 'C4 H8 N2 O3'    132.118 
ASP 'L-peptide linking' y 'ASPARTIC ACID' ? 'C4 H7 N O4'     133.103 
CYS 'L-peptide linking' y CYSTEINE        ? 'C3 H7 N O2 S'   121.158 
GLN 'L-peptide linking' y GLUTAMINE       ? 'C5 H10 N2 O3'   146.144 
GLU 'L-peptide linking' y 'GLUTAMIC ACID' ? 'C5 H9 N O4'     147.129 
GLY 'peptide linking'   y GLYCINE         ? 'C2 H5 N O2'     75.067  
HIS 'L-peptide linking' y HISTIDINE       ? 'C6 H10 N3 O2 1' 156.162 
HOH non-polymer         . WATER           ? 'H2 O'           18.015  
ILE 'L-peptide linking' y ISOLEUCINE      ? 'C6 H13 N O2'    131.173 
LEU 'L-peptide linking' y LEUCINE         ? 'C6 H13 N O2'    131.173 
LYS 'L-peptide linking' y LYSINE          ? 'C6 H15 N2 O2 1' 147.195 
PHE 'L-peptide linking' y PHENYLALANINE   ? 'C9 H11 N O2'    165.189 
PRO 'L-peptide linking' y PROLINE         ? 'C5 H9 N O2'     115.130 
SER 'L-peptide linking' y SERINE          ? 'C3 H7 N O3'     105.093 
THR 'L-peptide linking' y THREONINE       ? 'C4 H9 N O3'     119.119 
TRP 'L-peptide linking' y TRYPTOPHAN      ? 'C11 H12 N2 O2'  204.225 
TYR 'L-peptide linking' y TYROSINE        ? 'C9 H11 N O3'    181.189 
VAL 'L-peptide linking' y VALINE          ? 'C5 H11 N O2'    117.146 
# 
loop_
_pdbx_poly_seq_scheme.asym_id 
_pdbx_poly_seq_scheme.entity_id 
_pdbx_poly_seq_scheme.seq_id 
_pdbx_poly_seq_scheme.mon_id 
_pdbx_poly_seq_scheme.ndb_seq_num 
_pdbx_poly_seq_scheme.pdb_seq_num 
_pdbx_poly_seq_scheme.auth_seq_num 
_pdbx_poly_seq_scheme.pdb_mon_id 
_pdbx_poly_seq_scheme.auth_mon_id 
_pdbx_poly_seq_scheme.pdb_strand_id 
_pdbx_poly_seq_scheme.pdb_ins_code 
_pdbx_poly_seq_scheme.hetero 
A 1 1   VAL 1   297 ?   ?   ?   A . n 
A 1 2   ALA 2   298 ?   ?   ?   A . n 
A 1 3   LEU 3   299 ?   ?   ?   A . n 
A 1 4   THR 4   300 300 THR THR A . n 
A 1 5   VAL 5   301 301 VAL VAL A . n 
A 1 6   TYR 6   302 302 TYR TYR A . n 
A 1 7   TYR 7   303 303 TYR TYR A . n 
A 1 8   PRO 8   304 304 PRO PRO A . n 
A 1 9   PRO 9   305 305 PRO PRO A . n 
A 1 10  ARG 10  306 306 ARG ARG A . n 
A 1 11  VAL 11  307 307 VAL VAL A . n 
A 1 12  VAL 12  308 308 VAL VAL A . n 
A 1 13  SER 13  309 309 SER SER A . n 
A 1 14  LEU 14  310 310 LEU LEU A . n 
A 1 15  GLU 15  311 311 GLU GLU A . n 
A 1 16  GLU 16  312 312 GLU GLU A . n 
A 1 17  PRO 17  313 313 PRO PRO A . n 
A 1 18  GLU 18  314 314 GLU GLU A . n 
A 1 19  LEU 19  315 315 LEU LEU A . n 
A 1 20  ARG 20  316 316 ARG ARG A . n 
A 1 21  LEU 21  317 317 LEU LEU A . n 
A 1 22  GLU 22  318 318 GLU GLU A . n 
A 1 23  HIS 23  319 319 HIS HIS A . n 
A 1 24  CYS 24  320 320 CYS CYS A . n 
A 1 25  ILE 25  321 321 ILE ILE A . n 
A 1 26  GLU 26  322 322 GLU GLU A . n 
A 1 27  PHE 27  323 323 PHE PHE A . n 
A 1 28  VAL 28  324 324 VAL VAL A . n 
A 1 29  VAL 29  325 325 VAL VAL A . n 
A 1 30  ARG 30  326 326 ARG ARG A . n 
A 1 31  GLY 31  327 327 GLY GLY A . n 
A 1 32  ASN 32  328 328 ASN ASN A . n 
A 1 33  PRO 33  329 329 PRO PRO A . n 
A 1 34  PRO 34  330 330 PRO PRO A . n 
A 1 35  PRO 35  331 331 PRO PRO A . n 
A 1 36  THR 36  332 332 THR THR A . n 
A 1 37  LEU 37  333 333 LEU LEU A . n 
A 1 38  HIS 38  334 334 HIS HIS A . n 
A 1 39  TRP 39  335 335 TRP TRP A . n 
A 1 40  LEU 40  336 336 LEU LEU A . n 
A 1 41  HIS 41  337 337 HIS HIS A . n 
A 1 42  ASN 42  338 338 ASN ASN A . n 
A 1 43  GLY 43  339 339 GLY GLY A . n 
A 1 44  GLN 44  340 340 GLN GLN A . n 
A 1 45  PRO 45  341 341 PRO PRO A . n 
A 1 46  LEU 46  342 342 LEU LEU A . n 
A 1 47  ARG 47  343 343 ARG ARG A . n 
A 1 48  GLU 48  344 344 GLU GLU A . n 
A 1 49  SER 49  345 345 SER SER A . n 
A 1 50  LYS 50  346 346 LYS LYS A . n 
A 1 51  ILE 51  347 347 ILE ILE A . n 
A 1 52  ILE 52  348 348 ILE ILE A . n 
A 1 53  HIS 53  349 349 HIS HIS A . n 
A 1 54  VAL 54  350 350 VAL VAL A . n 
A 1 55  GLU 55  351 351 GLU GLU A . n 
A 1 56  TYR 56  352 352 TYR TYR A . n 
A 1 57  TYR 57  353 353 TYR TYR A . n 
A 1 58  GLN 58  354 354 GLN GLN A . n 
A 1 59  GLU 59  355 355 GLU GLU A . n 
A 1 60  GLY 60  356 356 GLY GLY A . n 
A 1 61  GLU 61  357 357 GLU GLU A . n 
A 1 62  ILE 62  358 358 ILE ILE A . n 
A 1 63  SER 63  359 359 SER SER A . n 
A 1 64  GLU 64  360 360 GLU GLU A . n 
A 1 65  GLY 65  361 361 GLY GLY A . n 
A 1 66  CYS 66  362 362 CYS CYS A . n 
A 1 67  LEU 67  363 363 LEU LEU A . n 
A 1 68  LEU 68  364 364 LEU LEU A . n 
A 1 69  PHE 69  365 365 PHE PHE A . n 
A 1 70  ASN 70  366 366 ASN ASN A . n 
A 1 71  LYS 71  367 367 LYS LYS A . n 
A 1 72  PRO 72  368 368 PRO PRO A . n 
A 1 73  THR 73  369 369 THR THR A . n 
A 1 74  HIS 74  370 370 HIS HIS A . n 
A 1 75  TYR 75  371 371 TYR TYR A . n 
A 1 76  ASN 76  372 372 ASN ASN A . n 
A 1 77  ASN 77  373 373 ASN ASN A . n 
A 1 78  GLY 78  374 374 GLY GLY A . n 
A 1 79  ASN 79  375 375 ASN ASN A . n 
A 1 80  TYR 80  376 376 TYR TYR A . n 
A 1 81  THR 81  377 377 THR THR A . n 
A 1 82  LEU 82  378 378 LEU LEU A . n 
A 1 83  ILE 83  379 379 ILE ILE A . n 
A 1 84  ALA 84  380 380 ALA ALA A . n 
A 1 85  LYS 85  381 381 LYS LYS A . n 
A 1 86  ASN 86  382 382 ASN ASN A . n 
A 1 87  PRO 87  383 383 PRO PRO A . n 
A 1 88  LEU 88  384 384 LEU LEU A . n 
A 1 89  GLY 89  385 385 GLY GLY A . n 
A 1 90  THR 90  386 386 THR THR A . n 
A 1 91  ALA 91  387 387 ALA ALA A . n 
A 1 92  ASN 92  388 388 ASN ASN A . n 
A 1 93  GLN 93  389 389 GLN GLN A . n 
A 1 94  THR 94  390 390 THR THR A . n 
A 1 95  ILE 95  391 391 ILE ILE A . n 
A 1 96  ASN 96  392 392 ASN ASN A . n 
A 1 97  GLY 97  393 393 GLY GLY A . n 
A 1 98  HIS 98  394 394 HIS HIS A . n 
A 1 99  PHE 99  395 395 PHE PHE A . n 
A 1 100 LEU 100 396 396 LEU LEU A . n 
A 1 101 LYS 101 397 397 LYS LYS A . n 
A 1 102 GLU 102 398 398 GLU GLU A . n 
A 1 103 PRO 103 399 399 PRO PRO A . n 
A 1 104 PHE 104 400 400 PHE PHE A . n 
A 1 105 PRO 105 401 401 PRO PRO A . n 
A 1 106 VAL 106 402 402 VAL VAL A . n 
A 1 107 ASP 107 403 403 ASP ASP A . n 
A 1 108 GLU 108 404 404 GLU GLU A . n 
A 1 109 VAL 109 405 ?   ?   ?   A . n 
A 1 110 SER 110 406 ?   ?   ?   A . n 
A 1 111 PRO 111 407 ?   ?   ?   A . n 
A 1 112 THR 112 408 ?   ?   ?   A . n 
A 1 113 PRO 113 409 ?   ?   ?   A . n 
A 1 114 PRO 114 410 ?   ?   ?   A . n 
A 1 115 ILE 115 411 ?   ?   ?   A . n 
A 1 116 THR 116 412 ?   ?   ?   A . n 
A 1 117 VAL 117 413 ?   ?   ?   A . n 
A 1 118 THR 118 414 ?   ?   ?   A . n 
# 
loop_
_pdbx_nonpoly_scheme.asym_id 
_pdbx_nonpoly_scheme.entity_id 
_pdbx_nonpoly_scheme.mon_id 
_pdbx_nonpoly_scheme.ndb_seq_num 
_pdbx_nonpoly_scheme.pdb_seq_num 
_pdbx_nonpoly_scheme.auth_seq_num 
_pdbx_nonpoly_scheme.pdb_mon_id 
_pdbx_nonpoly_scheme.auth_mon_id 
_pdbx_nonpoly_scheme.pdb_strand_id 
_pdbx_nonpoly_scheme.pdb_ins_code 
B 2 HOH 1   415 405 HOH HOH A . 
B 2 HOH 2   416 406 HOH HOH A . 
B 2 HOH 3   417 407 HOH HOH A . 
B 2 HOH 4   418 408 HOH HOH A . 
B 2 HOH 5   419 409 HOH HOH A . 
B 2 HOH 6   420 410 HOH HOH A . 
B 2 HOH 7   421 411 HOH HOH A . 
B 2 HOH 8   422 412 HOH HOH A . 
B 2 HOH 9   423 413 HOH HOH A . 
B 2 HOH 10  424 414 HOH HOH A . 
B 2 HOH 11  425 415 HOH HOH A . 
B 2 HOH 12  426 416 HOH HOH A . 
B 2 HOH 13  427 417 HOH HOH A . 
B 2 HOH 14  428 418 HOH HOH A . 
B 2 HOH 15  429 419 HOH HOH A . 
B 2 HOH 16  430 420 HOH HOH A . 
B 2 HOH 17  431 421 HOH HOH A . 
B 2 HOH 18  432 422 HOH HOH A . 
B 2 HOH 19  433 423 HOH HOH A . 
B 2 HOH 20  434 424 HOH HOH A . 
B 2 HOH 21  435 425 HOH HOH A . 
B 2 HOH 22  436 426 HOH HOH A . 
B 2 HOH 23  437 427 HOH HOH A . 
B 2 HOH 24  438 428 HOH HOH A . 
B 2 HOH 25  439 429 HOH HOH A . 
B 2 HOH 26  440 430 HOH HOH A . 
B 2 HOH 27  441 431 HOH HOH A . 
B 2 HOH 28  442 432 HOH HOH A . 
B 2 HOH 29  443 433 HOH HOH A . 
B 2 HOH 30  444 434 HOH HOH A . 
B 2 HOH 31  445 435 HOH HOH A . 
B 2 HOH 32  446 436 HOH HOH A . 
B 2 HOH 33  447 437 HOH HOH A . 
B 2 HOH 34  448 438 HOH HOH A . 
B 2 HOH 35  449 439 HOH HOH A . 
B 2 HOH 36  450 440 HOH HOH A . 
B 2 HOH 37  451 441 HOH HOH A . 
B 2 HOH 38  452 442 HOH HOH A . 
B 2 HOH 39  453 443 HOH HOH A . 
B 2 HOH 40  454 444 HOH HOH A . 
B 2 HOH 41  455 445 HOH HOH A . 
B 2 HOH 42  456 446 HOH HOH A . 
B 2 HOH 43  457 447 HOH HOH A . 
B 2 HOH 44  458 448 HOH HOH A . 
B 2 HOH 45  459 449 HOH HOH A . 
B 2 HOH 46  460 450 HOH HOH A . 
B 2 HOH 47  461 451 HOH HOH A . 
B 2 HOH 48  462 452 HOH HOH A . 
B 2 HOH 49  463 453 HOH HOH A . 
B 2 HOH 50  464 454 HOH HOH A . 
B 2 HOH 51  465 455 HOH HOH A . 
B 2 HOH 52  466 456 HOH HOH A . 
B 2 HOH 53  467 457 HOH HOH A . 
B 2 HOH 54  468 458 HOH HOH A . 
B 2 HOH 55  469 459 HOH HOH A . 
B 2 HOH 56  470 460 HOH HOH A . 
B 2 HOH 57  471 461 HOH HOH A . 
B 2 HOH 58  472 462 HOH HOH A . 
B 2 HOH 59  473 463 HOH HOH A . 
B 2 HOH 60  474 464 HOH HOH A . 
B 2 HOH 61  475 465 HOH HOH A . 
B 2 HOH 62  476 466 HOH HOH A . 
B 2 HOH 63  477 467 HOH HOH A . 
B 2 HOH 64  478 468 HOH HOH A . 
B 2 HOH 65  479 469 HOH HOH A . 
B 2 HOH 66  480 470 HOH HOH A . 
B 2 HOH 67  481 471 HOH HOH A . 
B 2 HOH 68  482 472 HOH HOH A . 
B 2 HOH 69  483 473 HOH HOH A . 
B 2 HOH 70  484 474 HOH HOH A . 
B 2 HOH 71  485 475 HOH HOH A . 
B 2 HOH 72  486 476 HOH HOH A . 
B 2 HOH 73  487 477 HOH HOH A . 
B 2 HOH 74  488 478 HOH HOH A . 
B 2 HOH 75  489 479 HOH HOH A . 
B 2 HOH 76  490 480 HOH HOH A . 
B 2 HOH 77  491 481 HOH HOH A . 
B 2 HOH 78  492 482 HOH HOH A . 
B 2 HOH 79  493 483 HOH HOH A . 
B 2 HOH 80  494 484 HOH HOH A . 
B 2 HOH 81  495 485 HOH HOH A . 
B 2 HOH 82  496 486 HOH HOH A . 
B 2 HOH 83  497 487 HOH HOH A . 
B 2 HOH 84  498 488 HOH HOH A . 
B 2 HOH 85  499 489 HOH HOH A . 
B 2 HOH 86  500 490 HOH HOH A . 
B 2 HOH 87  501 491 HOH HOH A . 
B 2 HOH 88  502 492 HOH HOH A . 
B 2 HOH 89  503 493 HOH HOH A . 
B 2 HOH 90  504 494 HOH HOH A . 
B 2 HOH 91  505 495 HOH HOH A . 
B 2 HOH 92  506 496 HOH HOH A . 
B 2 HOH 93  507 497 HOH HOH A . 
B 2 HOH 94  508 498 HOH HOH A . 
B 2 HOH 95  509 499 HOH HOH A . 
B 2 HOH 96  510 500 HOH HOH A . 
B 2 HOH 97  511 501 HOH HOH A . 
B 2 HOH 98  512 502 HOH HOH A . 
B 2 HOH 99  513 503 HOH HOH A . 
B 2 HOH 100 514 504 HOH HOH A . 
B 2 HOH 101 515 505 HOH HOH A . 
# 
loop_
_software.name 
_software.classification 
_software.version 
_software.citation_id 
_software.pdbx_ordinal 
DENZO     'data reduction' .     ? 1 
SCALEPACK 'data scaling'   .     ? 2 
CCP4      'model building' .     ? 3 
X-PLOR    refinement       3.851 ? 4 
CCP4      phasing          .     ? 5 
# 
_cell.entry_id           1WWC 
_cell.length_a           82.900 
_cell.length_b           82.900 
_cell.length_c           30.400 
_cell.angle_alpha        90.00 
_cell.angle_beta         90.00 
_cell.angle_gamma        120.00 
_cell.Z_PDB              6 
_cell.pdbx_unique_axis   ? 
# 
_symmetry.entry_id                         1WWC 
_symmetry.space_group_name_H-M             'P 32 2 1' 
_symmetry.pdbx_full_space_group_name_H-M   ? 
_symmetry.cell_setting                     ? 
_symmetry.Int_Tables_number                154 
# 
_exptl.entry_id          1WWC 
_exptl.method            'X-RAY DIFFRACTION' 
_exptl.crystals_number   1 
# 
_exptl_crystal.id                    1 
_exptl_crystal.density_meas          ? 
_exptl_crystal.density_Matthews      2.49 
_exptl_crystal.density_percent_sol   43 
_exptl_crystal.description           ? 
# 
_exptl_crystal_grow.crystal_id      1 
_exptl_crystal_grow.method          ? 
_exptl_crystal_grow.temp            ? 
_exptl_crystal_grow.temp_details    ? 
_exptl_crystal_grow.pH              6.0 
_exptl_crystal_grow.pdbx_details    '4MG/ML IN 0.15M NACL, 25MM TRIS PH 7.5, 1MM PMSF VERSUS 25% GLYCEROL, 0.1M NAOAC PH 6.0.' 
_exptl_crystal_grow.pdbx_pH_range   ? 
# 
_diffrn.id                     1 
_diffrn.ambient_temp           100 
_diffrn.ambient_temp_details   ? 
_diffrn.crystal_id             1 
# 
_diffrn_detector.diffrn_id              1 
_diffrn_detector.detector               ? 
_diffrn_detector.type                   ? 
_diffrn_detector.pdbx_collection_date   1996-10-24 
_diffrn_detector.details                ? 
# 
_diffrn_radiation.diffrn_id                        1 
_diffrn_radiation.wavelength_id                    1 
_diffrn_radiation.pdbx_monochromatic_or_laue_m_l   M 
_diffrn_radiation.monochromator                    ? 
_diffrn_radiation.pdbx_diffrn_protocol             'SINGLE WAVELENGTH' 
_diffrn_radiation.pdbx_scattering_type             x-ray 
# 
_diffrn_radiation_wavelength.id           1 
_diffrn_radiation_wavelength.wavelength   0.91 
_diffrn_radiation_wavelength.wt           1.0 
# 
_diffrn_source.diffrn_id                   1 
_diffrn_source.source                      SYNCHROTRON 
_diffrn_source.type                        'CHESS BEAMLINE A1' 
_diffrn_source.pdbx_synchrotron_site       CHESS 
_diffrn_source.pdbx_synchrotron_beamline   A1 
_diffrn_source.pdbx_wavelength             0.91 
_diffrn_source.pdbx_wavelength_list        ? 
# 
_reflns.entry_id                     1WWC 
_reflns.observed_criterion_sigma_I   ? 
_reflns.observed_criterion_sigma_F   ? 
_reflns.d_resolution_low             20.0 
_reflns.d_resolution_high            1.90 
_reflns.number_obs                   8088 
_reflns.number_all                   ? 
_reflns.percent_possible_obs         94.7 
_reflns.pdbx_Rmerge_I_obs            0.043 
_reflns.pdbx_Rsym_value              ? 
_reflns.pdbx_netI_over_sigmaI        ? 
_reflns.B_iso_Wilson_estimate        ? 
_reflns.pdbx_redundancy              4 
_reflns.R_free_details               ? 
_reflns.pdbx_ordinal                 1 
_reflns.pdbx_diffrn_id               1 
# 
_reflns_shell.d_res_high             1.9 
_reflns_shell.d_res_low              1.97 
_reflns_shell.percent_possible_all   89.5 
_reflns_shell.Rmerge_I_obs           0.083 
_reflns_shell.pdbx_Rsym_value        ? 
_reflns_shell.meanI_over_sigI_obs    ? 
_reflns_shell.pdbx_redundancy        2 
_reflns_shell.percent_possible_obs   ? 
_reflns_shell.number_unique_all      ? 
_reflns_shell.pdbx_ordinal           1 
_reflns_shell.pdbx_diffrn_id         1 
# 
_refine.entry_id                                 1WWC 
_refine.ls_number_reflns_obs                     8088 
_refine.ls_number_reflns_all                     ? 
_refine.pdbx_ls_sigma_I                          ? 
_refine.pdbx_ls_sigma_F                          0.5 
_refine.pdbx_data_cutoff_high_absF               1000000.0 
_refine.pdbx_data_cutoff_low_absF                0.001 
_refine.pdbx_data_cutoff_high_rms_absF           ? 
_refine.ls_d_res_low                             20.0 
_refine.ls_d_res_high                            1.9 
_refine.ls_percent_reflns_obs                    94.7 
_refine.ls_R_factor_obs                          ? 
_refine.ls_R_factor_all                          ? 
_refine.ls_R_factor_R_work                       0.187 
_refine.ls_R_factor_R_free                       0.288 
_refine.ls_R_factor_R_free_error                 0.009 
_refine.ls_R_factor_R_free_error_details         ? 
_refine.ls_percent_reflns_R_free                 10 
_refine.ls_number_reflns_R_free                  897 
_refine.ls_number_parameters                     ? 
_refine.ls_number_restraints                     ? 
_refine.occupancy_min                            ? 
_refine.occupancy_max                            ? 
_refine.B_iso_mean                               26.5 
_refine.aniso_B[1][1]                            2.72 
_refine.aniso_B[2][2]                            2.72 
_refine.aniso_B[3][3]                            -5.18 
_refine.aniso_B[1][2]                            -1.31 
_refine.aniso_B[1][3]                            0.00 
_refine.aniso_B[2][3]                            0.00 
_refine.solvent_model_details                    ? 
_refine.solvent_model_param_ksol                 ? 
_refine.solvent_model_param_bsol                 ? 
_refine.pdbx_ls_cross_valid_method               THROUGHOUT 
_refine.details                                  ? 
_refine.pdbx_starting_model                      ? 
_refine.pdbx_method_to_determine_struct          MIR 
_refine.pdbx_isotropic_thermal_model             RESTRAINED 
_refine.pdbx_stereochemistry_target_values       ? 
_refine.pdbx_stereochem_target_val_spec_case     ? 
_refine.pdbx_R_Free_selection_details            RANDOM 
_refine.pdbx_overall_ESU_R                       ? 
_refine.pdbx_overall_ESU_R_Free                  ? 
_refine.overall_SU_ML                            ? 
_refine.overall_SU_B                             ? 
_refine.ls_redundancy_reflns_obs                 ? 
_refine.pdbx_refine_id                           'X-RAY DIFFRACTION' 
_refine.pdbx_diffrn_id                           1 
_refine.pdbx_TLS_residual_ADP_flag               ? 
_refine.correlation_coeff_Fo_to_Fc               ? 
_refine.correlation_coeff_Fo_to_Fc_free          ? 
_refine.pdbx_solvent_vdw_probe_radii             ? 
_refine.pdbx_solvent_ion_probe_radii             ? 
_refine.pdbx_solvent_shrinkage_radii             ? 
_refine.pdbx_overall_phase_error                 ? 
_refine.overall_SU_R_Cruickshank_DPI             ? 
_refine.pdbx_overall_SU_R_free_Cruickshank_DPI   ? 
_refine.pdbx_overall_SU_R_Blow_DPI               ? 
_refine.pdbx_overall_SU_R_free_Blow_DPI          ? 
# 
_refine_hist.pdbx_refine_id                   'X-RAY DIFFRACTION' 
_refine_hist.cycle_id                         LAST 
_refine_hist.pdbx_number_atoms_protein        857 
_refine_hist.pdbx_number_atoms_nucleic_acid   0 
_refine_hist.pdbx_number_atoms_ligand         0 
_refine_hist.number_atoms_solvent             101 
_refine_hist.number_atoms_total               958 
_refine_hist.d_res_high                       1.9 
_refine_hist.d_res_low                        20.0 
# 
loop_
_refine_ls_restr.type 
_refine_ls_restr.dev_ideal 
_refine_ls_restr.dev_ideal_target 
_refine_ls_restr.weight 
_refine_ls_restr.number 
_refine_ls_restr.pdbx_refine_id 
_refine_ls_restr.pdbx_restraint_function 
x_bond_d                0.010 ?    ? ? 'X-RAY DIFFRACTION' ? 
x_bond_d_na             ?     ?    ? ? 'X-RAY DIFFRACTION' ? 
x_bond_d_prot           ?     ?    ? ? 'X-RAY DIFFRACTION' ? 
x_angle_d               ?     ?    ? ? 'X-RAY DIFFRACTION' ? 
x_angle_d_na            ?     ?    ? ? 'X-RAY DIFFRACTION' ? 
x_angle_d_prot          ?     ?    ? ? 'X-RAY DIFFRACTION' ? 
x_angle_deg             1.8   ?    ? ? 'X-RAY DIFFRACTION' ? 
x_angle_deg_na          ?     ?    ? ? 'X-RAY DIFFRACTION' ? 
x_angle_deg_prot        ?     ?    ? ? 'X-RAY DIFFRACTION' ? 
x_dihedral_angle_d      ?     ?    ? ? 'X-RAY DIFFRACTION' ? 
x_dihedral_angle_d_na   ?     ?    ? ? 'X-RAY DIFFRACTION' ? 
x_dihedral_angle_d_prot ?     ?    ? ? 'X-RAY DIFFRACTION' ? 
x_improper_angle_d      ?     ?    ? ? 'X-RAY DIFFRACTION' ? 
x_improper_angle_d_na   ?     ?    ? ? 'X-RAY DIFFRACTION' ? 
x_improper_angle_d_prot ?     ?    ? ? 'X-RAY DIFFRACTION' ? 
x_mcbond_it             4.04  4.00 ? ? 'X-RAY DIFFRACTION' ? 
x_mcangle_it            5.86  7.50 ? ? 'X-RAY DIFFRACTION' ? 
x_scbond_it             5.03  3.50 ? ? 'X-RAY DIFFRACTION' ? 
x_scangle_it            7.79  6.5  ? ? 'X-RAY DIFFRACTION' ? 
# 
_refine_ls_shell.pdbx_total_number_of_bins_used   8 
_refine_ls_shell.d_res_high                       1.90 
_refine_ls_shell.d_res_low                        1.99 
_refine_ls_shell.number_reflns_R_work             887 
_refine_ls_shell.R_factor_R_work                  0.267 
_refine_ls_shell.percent_reflns_obs               89.5 
_refine_ls_shell.R_factor_R_free                  0.308 
_refine_ls_shell.R_factor_R_free_error            0.032 
_refine_ls_shell.percent_reflns_R_free            10.4 
_refine_ls_shell.number_reflns_R_free             93 
_refine_ls_shell.redundancy_reflns_obs            ? 
_refine_ls_shell.pdbx_refine_id                   'X-RAY DIFFRACTION' 
_refine_ls_shell.number_reflns_all                ? 
_refine_ls_shell.R_factor_all                     ? 
# 
_struct.entry_id                  1WWC 
_struct.title                     'NT3 BINDING DOMAIN OF HUMAN TRKC RECEPTOR' 
_struct.pdbx_model_details        ? 
_struct.pdbx_CASP_flag            ? 
_struct.pdbx_model_type_details   ? 
# 
_struct_keywords.entry_id        1WWC 
_struct_keywords.pdbx_keywords   TRANSFERASE 
_struct_keywords.text            'TRK RECEPTOR, RECEPTOR TYROSINE KINASE, 3D-DOMAIN SWAPPING, TRANSFERASE' 
# 
loop_
_struct_asym.id 
_struct_asym.pdbx_blank_PDB_chainid_flag 
_struct_asym.pdbx_modified 
_struct_asym.entity_id 
_struct_asym.details 
A N N 1 ? 
B N N 2 ? 
# 
_struct_ref.id                         1 
_struct_ref.db_name                    UNP 
_struct_ref.db_code                    NTRK3_HUMAN 
_struct_ref.entity_id                  1 
_struct_ref.pdbx_db_accession          Q16288 
_struct_ref.pdbx_db_isoform            ? 
_struct_ref.pdbx_seq_one_letter_code   ? 
_struct_ref.pdbx_align_begin           ? 
# 
_struct_ref_seq.align_id                      1 
_struct_ref_seq.ref_id                        1 
_struct_ref_seq.pdbx_PDB_id_code              1WWC 
_struct_ref_seq.pdbx_strand_id                A 
_struct_ref_seq.seq_align_beg                 1 
_struct_ref_seq.pdbx_seq_align_beg_ins_code   ? 
_struct_ref_seq.seq_align_end                 118 
_struct_ref_seq.pdbx_seq_align_end_ins_code   ? 
_struct_ref_seq.pdbx_db_accession             Q16288 
_struct_ref_seq.db_align_beg                  297 
_struct_ref_seq.pdbx_db_align_beg_ins_code    ? 
_struct_ref_seq.db_align_end                  422 
_struct_ref_seq.pdbx_db_align_end_ins_code    ? 
_struct_ref_seq.pdbx_auth_seq_align_beg       297 
_struct_ref_seq.pdbx_auth_seq_align_end       414 
# 
loop_
_struct_ref_seq_dif.align_id 
_struct_ref_seq_dif.pdbx_pdb_id_code 
_struct_ref_seq_dif.mon_id 
_struct_ref_seq_dif.pdbx_pdb_strand_id 
_struct_ref_seq_dif.seq_num 
_struct_ref_seq_dif.pdbx_pdb_ins_code 
_struct_ref_seq_dif.pdbx_seq_db_name 
_struct_ref_seq_dif.pdbx_seq_db_accession_code 
_struct_ref_seq_dif.db_mon_id 
_struct_ref_seq_dif.pdbx_seq_db_seq_num 
_struct_ref_seq_dif.details 
_struct_ref_seq_dif.pdbx_auth_seq_num 
_struct_ref_seq_dif.pdbx_ordinal 
1 1WWC ?   A ?   ? UNP Q16288 GLU 402 'SEE REMARK 999'      ?   1 
1 1WWC ?   A ?   ? UNP Q16288 SER 403 'SEE REMARK 999'      ?   2 
1 1WWC ?   A ?   ? UNP Q16288 THR 404 'SEE REMARK 999'      ?   3 
1 1WWC ?   A ?   ? UNP Q16288 ASP 405 'SEE REMARK 999'      ?   4 
1 1WWC ?   A ?   ? UNP Q16288 ASN 406 'SEE REMARK 999'      ?   5 
1 1WWC ?   A ?   ? UNP Q16288 PHE 407 'SEE REMARK 999'      ?   6 
1 1WWC ?   A ?   ? UNP Q16288 ILE 408 'SEE REMARK 999'      ?   7 
1 1WWC ?   A ?   ? UNP Q16288 LEU 409 'SEE REMARK 999'      ?   8 
1 1WWC VAL A 106 ? UNP Q16288 PHE 410 'engineered mutation' 402 9 
# 
loop_
_pdbx_struct_assembly.id 
_pdbx_struct_assembly.details 
_pdbx_struct_assembly.method_details 
_pdbx_struct_assembly.oligomeric_details 
_pdbx_struct_assembly.oligomeric_count 
1 author_defined_assembly   ?        monomeric 1 
2 software_defined_assembly PISA,PQS dimeric   2 
# 
loop_
_pdbx_struct_assembly_prop.biol_id 
_pdbx_struct_assembly_prop.type 
_pdbx_struct_assembly_prop.value 
_pdbx_struct_assembly_prop.details 
2 'ABSA (A^2)' 4730  ? 
2 MORE         -30   ? 
2 'SSA (A^2)'  12920 ? 
# 
loop_
_pdbx_struct_assembly_gen.assembly_id 
_pdbx_struct_assembly_gen.oper_expression 
_pdbx_struct_assembly_gen.asym_id_list 
1 1   A,B 
2 1,2 A,B 
# 
loop_
_pdbx_struct_oper_list.id 
_pdbx_struct_oper_list.type 
_pdbx_struct_oper_list.name 
_pdbx_struct_oper_list.symmetry_operation 
_pdbx_struct_oper_list.matrix[1][1] 
_pdbx_struct_oper_list.matrix[1][2] 
_pdbx_struct_oper_list.matrix[1][3] 
_pdbx_struct_oper_list.vector[1] 
_pdbx_struct_oper_list.matrix[2][1] 
_pdbx_struct_oper_list.matrix[2][2] 
_pdbx_struct_oper_list.matrix[2][3] 
_pdbx_struct_oper_list.vector[2] 
_pdbx_struct_oper_list.matrix[3][1] 
_pdbx_struct_oper_list.matrix[3][2] 
_pdbx_struct_oper_list.matrix[3][3] 
_pdbx_struct_oper_list.vector[3] 
1 'identity operation'         1_555 x,y,z         1.0000000000 0.0000000000 0.0000000000 0.0000000000 0.0000000000 1.0000000000  0.0000000000 0.0000000000  0.0000000000 0.0000000000 1.0000000000  0.0000000000   
2 'crystal symmetry operation' 5_557 x-y,-y,-z+7/3 0.5192061042 0.8214305481 0.2359594793 7.4244662553 0.8214305481 -0.5558547694 0.1275826393 -9.3587213472 0.2359594793 0.1275826393 -0.9633513348 -15.2219137785 
# 
_struct_biol.id   1 
# 
_struct_conf.conf_type_id            HELX_P 
_struct_conf.id                      HELX_P1 
_struct_conf.pdbx_PDB_helix_id       1 
_struct_conf.beg_label_comp_id       HIS 
_struct_conf.beg_label_asym_id       A 
_struct_conf.beg_label_seq_id        74 
_struct_conf.pdbx_beg_PDB_ins_code   ? 
_struct_conf.end_label_comp_id       ASN 
_struct_conf.end_label_asym_id       A 
_struct_conf.end_label_seq_id        76 
_struct_conf.pdbx_end_PDB_ins_code   ? 
_struct_conf.beg_auth_comp_id        HIS 
_struct_conf.beg_auth_asym_id        A 
_struct_conf.beg_auth_seq_id         370 
_struct_conf.end_auth_comp_id        ASN 
_struct_conf.end_auth_asym_id        A 
_struct_conf.end_auth_seq_id         372 
_struct_conf.pdbx_PDB_helix_class    5 
_struct_conf.details                 ? 
_struct_conf.pdbx_PDB_helix_length   3 
# 
_struct_conf_type.id          HELX_P 
_struct_conf_type.criteria    ? 
_struct_conf_type.reference   ? 
# 
_struct_conn.id                            disulf1 
_struct_conn.conn_type_id                  disulf 
_struct_conn.pdbx_leaving_atom_flag        ? 
_struct_conn.pdbx_PDB_id                   ? 
_struct_conn.ptnr1_label_asym_id           A 
_struct_conn.ptnr1_label_comp_id           CYS 
_struct_conn.ptnr1_label_seq_id            24 
_struct_conn.ptnr1_label_atom_id           SG 
_struct_conn.pdbx_ptnr1_label_alt_id       ? 
_struct_conn.pdbx_ptnr1_PDB_ins_code       ? 
_struct_conn.pdbx_ptnr1_standard_comp_id   ? 
_struct_conn.ptnr1_symmetry                1_555 
_struct_conn.ptnr2_label_asym_id           A 
_struct_conn.ptnr2_label_comp_id           CYS 
_struct_conn.ptnr2_label_seq_id            66 
_struct_conn.ptnr2_label_atom_id           SG 
_struct_conn.pdbx_ptnr2_label_alt_id       ? 
_struct_conn.pdbx_ptnr2_PDB_ins_code       ? 
_struct_conn.ptnr1_auth_asym_id            A 
_struct_conn.ptnr1_auth_comp_id            CYS 
_struct_conn.ptnr1_auth_seq_id             320 
_struct_conn.ptnr2_auth_asym_id            A 
_struct_conn.ptnr2_auth_comp_id            CYS 
_struct_conn.ptnr2_auth_seq_id             362 
_struct_conn.ptnr2_symmetry                1_555 
_struct_conn.pdbx_ptnr3_label_atom_id      ? 
_struct_conn.pdbx_ptnr3_label_seq_id       ? 
_struct_conn.pdbx_ptnr3_label_comp_id      ? 
_struct_conn.pdbx_ptnr3_label_asym_id      ? 
_struct_conn.pdbx_ptnr3_label_alt_id       ? 
_struct_conn.pdbx_ptnr3_PDB_ins_code       ? 
_struct_conn.details                       ? 
_struct_conn.pdbx_dist_value               2.069 
_struct_conn.pdbx_value_order              ? 
_struct_conn.pdbx_role                     ? 
# 
_struct_conn_type.id          disulf 
_struct_conn_type.criteria    ? 
_struct_conn_type.reference   ? 
# 
_pdbx_modification_feature.ordinal                            1 
_pdbx_modification_feature.label_comp_id                      CYS 
_pdbx_modification_feature.label_asym_id                      A 
_pdbx_modification_feature.label_seq_id                       24 
_pdbx_modification_feature.label_alt_id                       ? 
_pdbx_modification_feature.modified_residue_label_comp_id     CYS 
_pdbx_modification_feature.modified_residue_label_asym_id     A 
_pdbx_modification_feature.modified_residue_label_seq_id      66 
_pdbx_modification_feature.modified_residue_label_alt_id      ? 
_pdbx_modification_feature.auth_comp_id                       CYS 
_pdbx_modification_feature.auth_asym_id                       A 
_pdbx_modification_feature.auth_seq_id                        320 
_pdbx_modification_feature.PDB_ins_code                       ? 
_pdbx_modification_feature.symmetry                           1_555 
_pdbx_modification_feature.modified_residue_auth_comp_id      CYS 
_pdbx_modification_feature.modified_residue_auth_asym_id      A 
_pdbx_modification_feature.modified_residue_auth_seq_id       362 
_pdbx_modification_feature.modified_residue_PDB_ins_code      ? 
_pdbx_modification_feature.modified_residue_symmetry          1_555 
_pdbx_modification_feature.comp_id_linking_atom               SG 
_pdbx_modification_feature.modified_residue_id_linking_atom   SG 
_pdbx_modification_feature.modified_residue_id                . 
_pdbx_modification_feature.ref_pcm_id                         . 
_pdbx_modification_feature.ref_comp_id                        . 
_pdbx_modification_feature.type                               None 
_pdbx_modification_feature.category                           'Disulfide bridge' 
# 
_struct_mon_prot_cis.pdbx_id                1 
_struct_mon_prot_cis.label_comp_id          ASN 
_struct_mon_prot_cis.label_seq_id           32 
_struct_mon_prot_cis.label_asym_id          A 
_struct_mon_prot_cis.label_alt_id           . 
_struct_mon_prot_cis.pdbx_PDB_ins_code      ? 
_struct_mon_prot_cis.auth_comp_id           ASN 
_struct_mon_prot_cis.auth_seq_id            328 
_struct_mon_prot_cis.auth_asym_id           A 
_struct_mon_prot_cis.pdbx_label_comp_id_2   PRO 
_struct_mon_prot_cis.pdbx_label_seq_id_2    33 
_struct_mon_prot_cis.pdbx_label_asym_id_2   A 
_struct_mon_prot_cis.pdbx_PDB_ins_code_2    ? 
_struct_mon_prot_cis.pdbx_auth_comp_id_2    PRO 
_struct_mon_prot_cis.pdbx_auth_seq_id_2     329 
_struct_mon_prot_cis.pdbx_auth_asym_id_2    A 
_struct_mon_prot_cis.pdbx_PDB_model_num     1 
_struct_mon_prot_cis.pdbx_omega_angle       0.99 
# 
loop_
_struct_sheet.id 
_struct_sheet.type 
_struct_sheet.number_strands 
_struct_sheet.details 
A ? 3 ? 
B ? 3 ? 
# 
loop_
_struct_sheet_order.sheet_id 
_struct_sheet_order.range_id_1 
_struct_sheet_order.range_id_2 
_struct_sheet_order.offset 
_struct_sheet_order.sense 
A 1 2 ? anti-parallel 
A 2 3 ? anti-parallel 
B 1 2 ? anti-parallel 
B 2 3 ? anti-parallel 
# 
loop_
_struct_sheet_range.sheet_id 
_struct_sheet_range.id 
_struct_sheet_range.beg_label_comp_id 
_struct_sheet_range.beg_label_asym_id 
_struct_sheet_range.beg_label_seq_id 
_struct_sheet_range.pdbx_beg_PDB_ins_code 
_struct_sheet_range.end_label_comp_id 
_struct_sheet_range.end_label_asym_id 
_struct_sheet_range.end_label_seq_id 
_struct_sheet_range.pdbx_end_PDB_ins_code 
_struct_sheet_range.beg_auth_comp_id 
_struct_sheet_range.beg_auth_asym_id 
_struct_sheet_range.beg_auth_seq_id 
_struct_sheet_range.end_auth_comp_id 
_struct_sheet_range.end_auth_asym_id 
_struct_sheet_range.end_auth_seq_id 
A 1 GLU A 22 ? ARG A 30 ? GLU A 318 ARG A 326 
A 2 ILE A 62 ? ASN A 70 ? ILE A 358 ASN A 366 
A 3 ILE A 52 ? GLN A 58 ? ILE A 348 GLN A 354 
B 1 THR A 36 ? HIS A 41 ? THR A 332 HIS A 337 
B 2 GLY A 78 ? ASN A 86 ? GLY A 374 ASN A 382 
B 3 GLY A 89 ? GLY A 97 ? GLY A 385 GLY A 393 
# 
loop_
_pdbx_struct_sheet_hbond.sheet_id 
_pdbx_struct_sheet_hbond.range_id_1 
_pdbx_struct_sheet_hbond.range_id_2 
_pdbx_struct_sheet_hbond.range_1_label_atom_id 
_pdbx_struct_sheet_hbond.range_1_label_comp_id 
_pdbx_struct_sheet_hbond.range_1_label_asym_id 
_pdbx_struct_sheet_hbond.range_1_label_seq_id 
_pdbx_struct_sheet_hbond.range_1_PDB_ins_code 
_pdbx_struct_sheet_hbond.range_1_auth_atom_id 
_pdbx_struct_sheet_hbond.range_1_auth_comp_id 
_pdbx_struct_sheet_hbond.range_1_auth_asym_id 
_pdbx_struct_sheet_hbond.range_1_auth_seq_id 
_pdbx_struct_sheet_hbond.range_2_label_atom_id 
_pdbx_struct_sheet_hbond.range_2_label_comp_id 
_pdbx_struct_sheet_hbond.range_2_label_asym_id 
_pdbx_struct_sheet_hbond.range_2_label_seq_id 
_pdbx_struct_sheet_hbond.range_2_PDB_ins_code 
_pdbx_struct_sheet_hbond.range_2_auth_atom_id 
_pdbx_struct_sheet_hbond.range_2_auth_comp_id 
_pdbx_struct_sheet_hbond.range_2_auth_asym_id 
_pdbx_struct_sheet_hbond.range_2_auth_seq_id 
A 1 2 O HIS A 23 ? O HIS A 319 N PHE A 69 ? N PHE A 365 
A 2 3 O GLU A 64 ? O GLU A 360 N GLN A 58 ? N GLN A 354 
B 1 2 O THR A 36 ? O THR A 332 N LYS A 85 ? N LYS A 381 
B 2 3 O GLY A 78 ? O GLY A 374 N GLY A 97 ? N GLY A 393 
# 
_pdbx_entry_details.entry_id                   1WWC 
_pdbx_entry_details.compound_details           ? 
_pdbx_entry_details.source_details             ? 
_pdbx_entry_details.nonpolymer_details         ? 
_pdbx_entry_details.sequence_details           ? 
_pdbx_entry_details.has_ligand_of_interest     ? 
_pdbx_entry_details.has_protein_modification   Y 
# 
loop_
_pdbx_validate_torsion.id 
_pdbx_validate_torsion.PDB_model_num 
_pdbx_validate_torsion.auth_comp_id 
_pdbx_validate_torsion.auth_asym_id 
_pdbx_validate_torsion.auth_seq_id 
_pdbx_validate_torsion.PDB_ins_code 
_pdbx_validate_torsion.label_alt_id 
_pdbx_validate_torsion.phi 
_pdbx_validate_torsion.psi 
1 1 SER A 345 ? ? -161.66 -135.46 
2 1 GLN A 354 ? ? -174.84 141.51  
3 1 THR A 369 ? ? -115.78 -168.23 
# 
_pdbx_validate_planes.id              1 
_pdbx_validate_planes.PDB_model_num   1 
_pdbx_validate_planes.auth_comp_id    TYR 
_pdbx_validate_planes.auth_asym_id    A 
_pdbx_validate_planes.auth_seq_id     353 
_pdbx_validate_planes.PDB_ins_code    ? 
_pdbx_validate_planes.label_alt_id    ? 
_pdbx_validate_planes.rmsd            0.081 
_pdbx_validate_planes.type            'SIDE CHAIN' 
# 
loop_
_pdbx_unobs_or_zero_occ_residues.id 
_pdbx_unobs_or_zero_occ_residues.PDB_model_num 
_pdbx_unobs_or_zero_occ_residues.polymer_flag 
_pdbx_unobs_or_zero_occ_residues.occupancy_flag 
_pdbx_unobs_or_zero_occ_residues.auth_asym_id 
_pdbx_unobs_or_zero_occ_residues.auth_comp_id 
_pdbx_unobs_or_zero_occ_residues.auth_seq_id 
_pdbx_unobs_or_zero_occ_residues.PDB_ins_code 
_pdbx_unobs_or_zero_occ_residues.label_asym_id 
_pdbx_unobs_or_zero_occ_residues.label_comp_id 
_pdbx_unobs_or_zero_occ_residues.label_seq_id 
1  1 Y 1 A VAL 297 ? A VAL 1   
2  1 Y 1 A ALA 298 ? A ALA 2   
3  1 Y 1 A LEU 299 ? A LEU 3   
4  1 Y 1 A VAL 405 ? A VAL 109 
5  1 Y 1 A SER 406 ? A SER 110 
6  1 Y 1 A PRO 407 ? A PRO 111 
7  1 Y 1 A THR 408 ? A THR 112 
8  1 Y 1 A PRO 409 ? A PRO 113 
9  1 Y 1 A PRO 410 ? A PRO 114 
10 1 Y 1 A ILE 411 ? A ILE 115 
11 1 Y 1 A THR 412 ? A THR 116 
12 1 Y 1 A VAL 413 ? A VAL 117 
13 1 Y 1 A THR 414 ? A THR 118 
# 
loop_
_chem_comp_atom.comp_id 
_chem_comp_atom.atom_id 
_chem_comp_atom.type_symbol 
_chem_comp_atom.pdbx_aromatic_flag 
_chem_comp_atom.pdbx_stereo_config 
_chem_comp_atom.pdbx_ordinal 
ALA N    N N N 1   
ALA CA   C N S 2   
ALA C    C N N 3   
ALA O    O N N 4   
ALA CB   C N N 5   
ALA OXT  O N N 6   
ALA H    H N N 7   
ALA H2   H N N 8   
ALA HA   H N N 9   
ALA HB1  H N N 10  
ALA HB2  H N N 11  
ALA HB3  H N N 12  
ALA HXT  H N N 13  
ARG N    N N N 14  
ARG CA   C N S 15  
ARG C    C N N 16  
ARG O    O N N 17  
ARG CB   C N N 18  
ARG CG   C N N 19  
ARG CD   C N N 20  
ARG NE   N N N 21  
ARG CZ   C N N 22  
ARG NH1  N N N 23  
ARG NH2  N N N 24  
ARG OXT  O N N 25  
ARG H    H N N 26  
ARG H2   H N N 27  
ARG HA   H N N 28  
ARG HB2  H N N 29  
ARG HB3  H N N 30  
ARG HG2  H N N 31  
ARG HG3  H N N 32  
ARG HD2  H N N 33  
ARG HD3  H N N 34  
ARG HE   H N N 35  
ARG HH11 H N N 36  
ARG HH12 H N N 37  
ARG HH21 H N N 38  
ARG HH22 H N N 39  
ARG HXT  H N N 40  
ASN N    N N N 41  
ASN CA   C N S 42  
ASN C    C N N 43  
ASN O    O N N 44  
ASN CB   C N N 45  
ASN CG   C N N 46  
ASN OD1  O N N 47  
ASN ND2  N N N 48  
ASN OXT  O N N 49  
ASN H    H N N 50  
ASN H2   H N N 51  
ASN HA   H N N 52  
ASN HB2  H N N 53  
ASN HB3  H N N 54  
ASN HD21 H N N 55  
ASN HD22 H N N 56  
ASN HXT  H N N 57  
ASP N    N N N 58  
ASP CA   C N S 59  
ASP C    C N N 60  
ASP O    O N N 61  
ASP CB   C N N 62  
ASP CG   C N N 63  
ASP OD1  O N N 64  
ASP OD2  O N N 65  
ASP OXT  O N N 66  
ASP H    H N N 67  
ASP H2   H N N 68  
ASP HA   H N N 69  
ASP HB2  H N N 70  
ASP HB3  H N N 71  
ASP HD2  H N N 72  
ASP HXT  H N N 73  
CYS N    N N N 74  
CYS CA   C N R 75  
CYS C    C N N 76  
CYS O    O N N 77  
CYS CB   C N N 78  
CYS SG   S N N 79  
CYS OXT  O N N 80  
CYS H    H N N 81  
CYS H2   H N N 82  
CYS HA   H N N 83  
CYS HB2  H N N 84  
CYS HB3  H N N 85  
CYS HG   H N N 86  
CYS HXT  H N N 87  
GLN N    N N N 88  
GLN CA   C N S 89  
GLN C    C N N 90  
GLN O    O N N 91  
GLN CB   C N N 92  
GLN CG   C N N 93  
GLN CD   C N N 94  
GLN OE1  O N N 95  
GLN NE2  N N N 96  
GLN OXT  O N N 97  
GLN H    H N N 98  
GLN H2   H N N 99  
GLN HA   H N N 100 
GLN HB2  H N N 101 
GLN HB3  H N N 102 
GLN HG2  H N N 103 
GLN HG3  H N N 104 
GLN HE21 H N N 105 
GLN HE22 H N N 106 
GLN HXT  H N N 107 
GLU N    N N N 108 
GLU CA   C N S 109 
GLU C    C N N 110 
GLU O    O N N 111 
GLU CB   C N N 112 
GLU CG   C N N 113 
GLU CD   C N N 114 
GLU OE1  O N N 115 
GLU OE2  O N N 116 
GLU OXT  O N N 117 
GLU H    H N N 118 
GLU H2   H N N 119 
GLU HA   H N N 120 
GLU HB2  H N N 121 
GLU HB3  H N N 122 
GLU HG2  H N N 123 
GLU HG3  H N N 124 
GLU HE2  H N N 125 
GLU HXT  H N N 126 
GLY N    N N N 127 
GLY CA   C N N 128 
GLY C    C N N 129 
GLY O    O N N 130 
GLY OXT  O N N 131 
GLY H    H N N 132 
GLY H2   H N N 133 
GLY HA2  H N N 134 
GLY HA3  H N N 135 
GLY HXT  H N N 136 
HIS N    N N N 137 
HIS CA   C N S 138 
HIS C    C N N 139 
HIS O    O N N 140 
HIS CB   C N N 141 
HIS CG   C Y N 142 
HIS ND1  N Y N 143 
HIS CD2  C Y N 144 
HIS CE1  C Y N 145 
HIS NE2  N Y N 146 
HIS OXT  O N N 147 
HIS H    H N N 148 
HIS H2   H N N 149 
HIS HA   H N N 150 
HIS HB2  H N N 151 
HIS HB3  H N N 152 
HIS HD1  H N N 153 
HIS HD2  H N N 154 
HIS HE1  H N N 155 
HIS HE2  H N N 156 
HIS HXT  H N N 157 
HOH O    O N N 158 
HOH H1   H N N 159 
HOH H2   H N N 160 
ILE N    N N N 161 
ILE CA   C N S 162 
ILE C    C N N 163 
ILE O    O N N 164 
ILE CB   C N S 165 
ILE CG1  C N N 166 
ILE CG2  C N N 167 
ILE CD1  C N N 168 
ILE OXT  O N N 169 
ILE H    H N N 170 
ILE H2   H N N 171 
ILE HA   H N N 172 
ILE HB   H N N 173 
ILE HG12 H N N 174 
ILE HG13 H N N 175 
ILE HG21 H N N 176 
ILE HG22 H N N 177 
ILE HG23 H N N 178 
ILE HD11 H N N 179 
ILE HD12 H N N 180 
ILE HD13 H N N 181 
ILE HXT  H N N 182 
LEU N    N N N 183 
LEU CA   C N S 184 
LEU C    C N N 185 
LEU O    O N N 186 
LEU CB   C N N 187 
LEU CG   C N N 188 
LEU CD1  C N N 189 
LEU CD2  C N N 190 
LEU OXT  O N N 191 
LEU H    H N N 192 
LEU H2   H N N 193 
LEU HA   H N N 194 
LEU HB2  H N N 195 
LEU HB3  H N N 196 
LEU HG   H N N 197 
LEU HD11 H N N 198 
LEU HD12 H N N 199 
LEU HD13 H N N 200 
LEU HD21 H N N 201 
LEU HD22 H N N 202 
LEU HD23 H N N 203 
LEU HXT  H N N 204 
LYS N    N N N 205 
LYS CA   C N S 206 
LYS C    C N N 207 
LYS O    O N N 208 
LYS CB   C N N 209 
LYS CG   C N N 210 
LYS CD   C N N 211 
LYS CE   C N N 212 
LYS NZ   N N N 213 
LYS OXT  O N N 214 
LYS H    H N N 215 
LYS H2   H N N 216 
LYS HA   H N N 217 
LYS HB2  H N N 218 
LYS HB3  H N N 219 
LYS HG2  H N N 220 
LYS HG3  H N N 221 
LYS HD2  H N N 222 
LYS HD3  H N N 223 
LYS HE2  H N N 224 
LYS HE3  H N N 225 
LYS HZ1  H N N 226 
LYS HZ2  H N N 227 
LYS HZ3  H N N 228 
LYS HXT  H N N 229 
PHE N    N N N 230 
PHE CA   C N S 231 
PHE C    C N N 232 
PHE O    O N N 233 
PHE CB   C N N 234 
PHE CG   C Y N 235 
PHE CD1  C Y N 236 
PHE CD2  C Y N 237 
PHE CE1  C Y N 238 
PHE CE2  C Y N 239 
PHE CZ   C Y N 240 
PHE OXT  O N N 241 
PHE H    H N N 242 
PHE H2   H N N 243 
PHE HA   H N N 244 
PHE HB2  H N N 245 
PHE HB3  H N N 246 
PHE HD1  H N N 247 
PHE HD2  H N N 248 
PHE HE1  H N N 249 
PHE HE2  H N N 250 
PHE HZ   H N N 251 
PHE HXT  H N N 252 
PRO N    N N N 253 
PRO CA   C N S 254 
PRO C    C N N 255 
PRO O    O N N 256 
PRO CB   C N N 257 
PRO CG   C N N 258 
PRO CD   C N N 259 
PRO OXT  O N N 260 
PRO H    H N N 261 
PRO HA   H N N 262 
PRO HB2  H N N 263 
PRO HB3  H N N 264 
PRO HG2  H N N 265 
PRO HG3  H N N 266 
PRO HD2  H N N 267 
PRO HD3  H N N 268 
PRO HXT  H N N 269 
SER N    N N N 270 
SER CA   C N S 271 
SER C    C N N 272 
SER O    O N N 273 
SER CB   C N N 274 
SER OG   O N N 275 
SER OXT  O N N 276 
SER H    H N N 277 
SER H2   H N N 278 
SER HA   H N N 279 
SER HB2  H N N 280 
SER HB3  H N N 281 
SER HG   H N N 282 
SER HXT  H N N 283 
THR N    N N N 284 
THR CA   C N S 285 
THR C    C N N 286 
THR O    O N N 287 
THR CB   C N R 288 
THR OG1  O N N 289 
THR CG2  C N N 290 
THR OXT  O N N 291 
THR H    H N N 292 
THR H2   H N N 293 
THR HA   H N N 294 
THR HB   H N N 295 
THR HG1  H N N 296 
THR HG21 H N N 297 
THR HG22 H N N 298 
THR HG23 H N N 299 
THR HXT  H N N 300 
TRP N    N N N 301 
TRP CA   C N S 302 
TRP C    C N N 303 
TRP O    O N N 304 
TRP CB   C N N 305 
TRP CG   C Y N 306 
TRP CD1  C Y N 307 
TRP CD2  C Y N 308 
TRP NE1  N Y N 309 
TRP CE2  C Y N 310 
TRP CE3  C Y N 311 
TRP CZ2  C Y N 312 
TRP CZ3  C Y N 313 
TRP CH2  C Y N 314 
TRP OXT  O N N 315 
TRP H    H N N 316 
TRP H2   H N N 317 
TRP HA   H N N 318 
TRP HB2  H N N 319 
TRP HB3  H N N 320 
TRP HD1  H N N 321 
TRP HE1  H N N 322 
TRP HE3  H N N 323 
TRP HZ2  H N N 324 
TRP HZ3  H N N 325 
TRP HH2  H N N 326 
TRP HXT  H N N 327 
TYR N    N N N 328 
TYR CA   C N S 329 
TYR C    C N N 330 
TYR O    O N N 331 
TYR CB   C N N 332 
TYR CG   C Y N 333 
TYR CD1  C Y N 334 
TYR CD2  C Y N 335 
TYR CE1  C Y N 336 
TYR CE2  C Y N 337 
TYR CZ   C Y N 338 
TYR OH   O N N 339 
TYR OXT  O N N 340 
TYR H    H N N 341 
TYR H2   H N N 342 
TYR HA   H N N 343 
TYR HB2  H N N 344 
TYR HB3  H N N 345 
TYR HD1  H N N 346 
TYR HD2  H N N 347 
TYR HE1  H N N 348 
TYR HE2  H N N 349 
TYR HH   H N N 350 
TYR HXT  H N N 351 
VAL N    N N N 352 
VAL CA   C N S 353 
VAL C    C N N 354 
VAL O    O N N 355 
VAL CB   C N N 356 
VAL CG1  C N N 357 
VAL CG2  C N N 358 
VAL OXT  O N N 359 
VAL H    H N N 360 
VAL H2   H N N 361 
VAL HA   H N N 362 
VAL HB   H N N 363 
VAL HG11 H N N 364 
VAL HG12 H N N 365 
VAL HG13 H N N 366 
VAL HG21 H N N 367 
VAL HG22 H N N 368 
VAL HG23 H N N 369 
VAL HXT  H N N 370 
# 
loop_
_chem_comp_bond.comp_id 
_chem_comp_bond.atom_id_1 
_chem_comp_bond.atom_id_2 
_chem_comp_bond.value_order 
_chem_comp_bond.pdbx_aromatic_flag 
_chem_comp_bond.pdbx_stereo_config 
_chem_comp_bond.pdbx_ordinal 
ALA N   CA   sing N N 1   
ALA N   H    sing N N 2   
ALA N   H2   sing N N 3   
ALA CA  C    sing N N 4   
ALA CA  CB   sing N N 5   
ALA CA  HA   sing N N 6   
ALA C   O    doub N N 7   
ALA C   OXT  sing N N 8   
ALA CB  HB1  sing N N 9   
ALA CB  HB2  sing N N 10  
ALA CB  HB3  sing N N 11  
ALA OXT HXT  sing N N 12  
ARG N   CA   sing N N 13  
ARG N   H    sing N N 14  
ARG N   H2   sing N N 15  
ARG CA  C    sing N N 16  
ARG CA  CB   sing N N 17  
ARG CA  HA   sing N N 18  
ARG C   O    doub N N 19  
ARG C   OXT  sing N N 20  
ARG CB  CG   sing N N 21  
ARG CB  HB2  sing N N 22  
ARG CB  HB3  sing N N 23  
ARG CG  CD   sing N N 24  
ARG CG  HG2  sing N N 25  
ARG CG  HG3  sing N N 26  
ARG CD  NE   sing N N 27  
ARG CD  HD2  sing N N 28  
ARG CD  HD3  sing N N 29  
ARG NE  CZ   sing N N 30  
ARG NE  HE   sing N N 31  
ARG CZ  NH1  sing N N 32  
ARG CZ  NH2  doub N N 33  
ARG NH1 HH11 sing N N 34  
ARG NH1 HH12 sing N N 35  
ARG NH2 HH21 sing N N 36  
ARG NH2 HH22 sing N N 37  
ARG OXT HXT  sing N N 38  
ASN N   CA   sing N N 39  
ASN N   H    sing N N 40  
ASN N   H2   sing N N 41  
ASN CA  C    sing N N 42  
ASN CA  CB   sing N N 43  
ASN CA  HA   sing N N 44  
ASN C   O    doub N N 45  
ASN C   OXT  sing N N 46  
ASN CB  CG   sing N N 47  
ASN CB  HB2  sing N N 48  
ASN CB  HB3  sing N N 49  
ASN CG  OD1  doub N N 50  
ASN CG  ND2  sing N N 51  
ASN ND2 HD21 sing N N 52  
ASN ND2 HD22 sing N N 53  
ASN OXT HXT  sing N N 54  
ASP N   CA   sing N N 55  
ASP N   H    sing N N 56  
ASP N   H2   sing N N 57  
ASP CA  C    sing N N 58  
ASP CA  CB   sing N N 59  
ASP CA  HA   sing N N 60  
ASP C   O    doub N N 61  
ASP C   OXT  sing N N 62  
ASP CB  CG   sing N N 63  
ASP CB  HB2  sing N N 64  
ASP CB  HB3  sing N N 65  
ASP CG  OD1  doub N N 66  
ASP CG  OD2  sing N N 67  
ASP OD2 HD2  sing N N 68  
ASP OXT HXT  sing N N 69  
CYS N   CA   sing N N 70  
CYS N   H    sing N N 71  
CYS N   H2   sing N N 72  
CYS CA  C    sing N N 73  
CYS CA  CB   sing N N 74  
CYS CA  HA   sing N N 75  
CYS C   O    doub N N 76  
CYS C   OXT  sing N N 77  
CYS CB  SG   sing N N 78  
CYS CB  HB2  sing N N 79  
CYS CB  HB3  sing N N 80  
CYS SG  HG   sing N N 81  
CYS OXT HXT  sing N N 82  
GLN N   CA   sing N N 83  
GLN N   H    sing N N 84  
GLN N   H2   sing N N 85  
GLN CA  C    sing N N 86  
GLN CA  CB   sing N N 87  
GLN CA  HA   sing N N 88  
GLN C   O    doub N N 89  
GLN C   OXT  sing N N 90  
GLN CB  CG   sing N N 91  
GLN CB  HB2  sing N N 92  
GLN CB  HB3  sing N N 93  
GLN CG  CD   sing N N 94  
GLN CG  HG2  sing N N 95  
GLN CG  HG3  sing N N 96  
GLN CD  OE1  doub N N 97  
GLN CD  NE2  sing N N 98  
GLN NE2 HE21 sing N N 99  
GLN NE2 HE22 sing N N 100 
GLN OXT HXT  sing N N 101 
GLU N   CA   sing N N 102 
GLU N   H    sing N N 103 
GLU N   H2   sing N N 104 
GLU CA  C    sing N N 105 
GLU CA  CB   sing N N 106 
GLU CA  HA   sing N N 107 
GLU C   O    doub N N 108 
GLU C   OXT  sing N N 109 
GLU CB  CG   sing N N 110 
GLU CB  HB2  sing N N 111 
GLU CB  HB3  sing N N 112 
GLU CG  CD   sing N N 113 
GLU CG  HG2  sing N N 114 
GLU CG  HG3  sing N N 115 
GLU CD  OE1  doub N N 116 
GLU CD  OE2  sing N N 117 
GLU OE2 HE2  sing N N 118 
GLU OXT HXT  sing N N 119 
GLY N   CA   sing N N 120 
GLY N   H    sing N N 121 
GLY N   H2   sing N N 122 
GLY CA  C    sing N N 123 
GLY CA  HA2  sing N N 124 
GLY CA  HA3  sing N N 125 
GLY C   O    doub N N 126 
GLY C   OXT  sing N N 127 
GLY OXT HXT  sing N N 128 
HIS N   CA   sing N N 129 
HIS N   H    sing N N 130 
HIS N   H2   sing N N 131 
HIS CA  C    sing N N 132 
HIS CA  CB   sing N N 133 
HIS CA  HA   sing N N 134 
HIS C   O    doub N N 135 
HIS C   OXT  sing N N 136 
HIS CB  CG   sing N N 137 
HIS CB  HB2  sing N N 138 
HIS CB  HB3  sing N N 139 
HIS CG  ND1  sing Y N 140 
HIS CG  CD2  doub Y N 141 
HIS ND1 CE1  doub Y N 142 
HIS ND1 HD1  sing N N 143 
HIS CD2 NE2  sing Y N 144 
HIS CD2 HD2  sing N N 145 
HIS CE1 NE2  sing Y N 146 
HIS CE1 HE1  sing N N 147 
HIS NE2 HE2  sing N N 148 
HIS OXT HXT  sing N N 149 
HOH O   H1   sing N N 150 
HOH O   H2   sing N N 151 
ILE N   CA   sing N N 152 
ILE N   H    sing N N 153 
ILE N   H2   sing N N 154 
ILE CA  C    sing N N 155 
ILE CA  CB   sing N N 156 
ILE CA  HA   sing N N 157 
ILE C   O    doub N N 158 
ILE C   OXT  sing N N 159 
ILE CB  CG1  sing N N 160 
ILE CB  CG2  sing N N 161 
ILE CB  HB   sing N N 162 
ILE CG1 CD1  sing N N 163 
ILE CG1 HG12 sing N N 164 
ILE CG1 HG13 sing N N 165 
ILE CG2 HG21 sing N N 166 
ILE CG2 HG22 sing N N 167 
ILE CG2 HG23 sing N N 168 
ILE CD1 HD11 sing N N 169 
ILE CD1 HD12 sing N N 170 
ILE CD1 HD13 sing N N 171 
ILE OXT HXT  sing N N 172 
LEU N   CA   sing N N 173 
LEU N   H    sing N N 174 
LEU N   H2   sing N N 175 
LEU CA  C    sing N N 176 
LEU CA  CB   sing N N 177 
LEU CA  HA   sing N N 178 
LEU C   O    doub N N 179 
LEU C   OXT  sing N N 180 
LEU CB  CG   sing N N 181 
LEU CB  HB2  sing N N 182 
LEU CB  HB3  sing N N 183 
LEU CG  CD1  sing N N 184 
LEU CG  CD2  sing N N 185 
LEU CG  HG   sing N N 186 
LEU CD1 HD11 sing N N 187 
LEU CD1 HD12 sing N N 188 
LEU CD1 HD13 sing N N 189 
LEU CD2 HD21 sing N N 190 
LEU CD2 HD22 sing N N 191 
LEU CD2 HD23 sing N N 192 
LEU OXT HXT  sing N N 193 
LYS N   CA   sing N N 194 
LYS N   H    sing N N 195 
LYS N   H2   sing N N 196 
LYS CA  C    sing N N 197 
LYS CA  CB   sing N N 198 
LYS CA  HA   sing N N 199 
LYS C   O    doub N N 200 
LYS C   OXT  sing N N 201 
LYS CB  CG   sing N N 202 
LYS CB  HB2  sing N N 203 
LYS CB  HB3  sing N N 204 
LYS CG  CD   sing N N 205 
LYS CG  HG2  sing N N 206 
LYS CG  HG3  sing N N 207 
LYS CD  CE   sing N N 208 
LYS CD  HD2  sing N N 209 
LYS CD  HD3  sing N N 210 
LYS CE  NZ   sing N N 211 
LYS CE  HE2  sing N N 212 
LYS CE  HE3  sing N N 213 
LYS NZ  HZ1  sing N N 214 
LYS NZ  HZ2  sing N N 215 
LYS NZ  HZ3  sing N N 216 
LYS OXT HXT  sing N N 217 
PHE N   CA   sing N N 218 
PHE N   H    sing N N 219 
PHE N   H2   sing N N 220 
PHE CA  C    sing N N 221 
PHE CA  CB   sing N N 222 
PHE CA  HA   sing N N 223 
PHE C   O    doub N N 224 
PHE C   OXT  sing N N 225 
PHE CB  CG   sing N N 226 
PHE CB  HB2  sing N N 227 
PHE CB  HB3  sing N N 228 
PHE CG  CD1  doub Y N 229 
PHE CG  CD2  sing Y N 230 
PHE CD1 CE1  sing Y N 231 
PHE CD1 HD1  sing N N 232 
PHE CD2 CE2  doub Y N 233 
PHE CD2 HD2  sing N N 234 
PHE CE1 CZ   doub Y N 235 
PHE CE1 HE1  sing N N 236 
PHE CE2 CZ   sing Y N 237 
PHE CE2 HE2  sing N N 238 
PHE CZ  HZ   sing N N 239 
PHE OXT HXT  sing N N 240 
PRO N   CA   sing N N 241 
PRO N   CD   sing N N 242 
PRO N   H    sing N N 243 
PRO CA  C    sing N N 244 
PRO CA  CB   sing N N 245 
PRO CA  HA   sing N N 246 
PRO C   O    doub N N 247 
PRO C   OXT  sing N N 248 
PRO CB  CG   sing N N 249 
PRO CB  HB2  sing N N 250 
PRO CB  HB3  sing N N 251 
PRO CG  CD   sing N N 252 
PRO CG  HG2  sing N N 253 
PRO CG  HG3  sing N N 254 
PRO CD  HD2  sing N N 255 
PRO CD  HD3  sing N N 256 
PRO OXT HXT  sing N N 257 
SER N   CA   sing N N 258 
SER N   H    sing N N 259 
SER N   H2   sing N N 260 
SER CA  C    sing N N 261 
SER CA  CB   sing N N 262 
SER CA  HA   sing N N 263 
SER C   O    doub N N 264 
SER C   OXT  sing N N 265 
SER CB  OG   sing N N 266 
SER CB  HB2  sing N N 267 
SER CB  HB3  sing N N 268 
SER OG  HG   sing N N 269 
SER OXT HXT  sing N N 270 
THR N   CA   sing N N 271 
THR N   H    sing N N 272 
THR N   H2   sing N N 273 
THR CA  C    sing N N 274 
THR CA  CB   sing N N 275 
THR CA  HA   sing N N 276 
THR C   O    doub N N 277 
THR C   OXT  sing N N 278 
THR CB  OG1  sing N N 279 
THR CB  CG2  sing N N 280 
THR CB  HB   sing N N 281 
THR OG1 HG1  sing N N 282 
THR CG2 HG21 sing N N 283 
THR CG2 HG22 sing N N 284 
THR CG2 HG23 sing N N 285 
THR OXT HXT  sing N N 286 
TRP N   CA   sing N N 287 
TRP N   H    sing N N 288 
TRP N   H2   sing N N 289 
TRP CA  C    sing N N 290 
TRP CA  CB   sing N N 291 
TRP CA  HA   sing N N 292 
TRP C   O    doub N N 293 
TRP C   OXT  sing N N 294 
TRP CB  CG   sing N N 295 
TRP CB  HB2  sing N N 296 
TRP CB  HB3  sing N N 297 
TRP CG  CD1  doub Y N 298 
TRP CG  CD2  sing Y N 299 
TRP CD1 NE1  sing Y N 300 
TRP CD1 HD1  sing N N 301 
TRP CD2 CE2  doub Y N 302 
TRP CD2 CE3  sing Y N 303 
TRP NE1 CE2  sing Y N 304 
TRP NE1 HE1  sing N N 305 
TRP CE2 CZ2  sing Y N 306 
TRP CE3 CZ3  doub Y N 307 
TRP CE3 HE3  sing N N 308 
TRP CZ2 CH2  doub Y N 309 
TRP CZ2 HZ2  sing N N 310 
TRP CZ3 CH2  sing Y N 311 
TRP CZ3 HZ3  sing N N 312 
TRP CH2 HH2  sing N N 313 
TRP OXT HXT  sing N N 314 
TYR N   CA   sing N N 315 
TYR N   H    sing N N 316 
TYR N   H2   sing N N 317 
TYR CA  C    sing N N 318 
TYR CA  CB   sing N N 319 
TYR CA  HA   sing N N 320 
TYR C   O    doub N N 321 
TYR C   OXT  sing N N 322 
TYR CB  CG   sing N N 323 
TYR CB  HB2  sing N N 324 
TYR CB  HB3  sing N N 325 
TYR CG  CD1  doub Y N 326 
TYR CG  CD2  sing Y N 327 
TYR CD1 CE1  sing Y N 328 
TYR CD1 HD1  sing N N 329 
TYR CD2 CE2  doub Y N 330 
TYR CD2 HD2  sing N N 331 
TYR CE1 CZ   doub Y N 332 
TYR CE1 HE1  sing N N 333 
TYR CE2 CZ   sing Y N 334 
TYR CE2 HE2  sing N N 335 
TYR CZ  OH   sing N N 336 
TYR OH  HH   sing N N 337 
TYR OXT HXT  sing N N 338 
VAL N   CA   sing N N 339 
VAL N   H    sing N N 340 
VAL N   H2   sing N N 341 
VAL CA  C    sing N N 342 
VAL CA  CB   sing N N 343 
VAL CA  HA   sing N N 344 
VAL C   O    doub N N 345 
VAL C   OXT  sing N N 346 
VAL CB  CG1  sing N N 347 
VAL CB  CG2  sing N N 348 
VAL CB  HB   sing N N 349 
VAL CG1 HG11 sing N N 350 
VAL CG1 HG12 sing N N 351 
VAL CG1 HG13 sing N N 352 
VAL CG2 HG21 sing N N 353 
VAL CG2 HG22 sing N N 354 
VAL CG2 HG23 sing N N 355 
VAL OXT HXT  sing N N 356 
# 
_atom_sites.entry_id                    1WWC 
_atom_sites.fract_transf_matrix[1][1]   0.00794750 
_atom_sites.fract_transf_matrix[1][2]   0.00880026 
_atom_sites.fract_transf_matrix[1][3]   0.00730794 
_atom_sites.fract_transf_matrix[2][1]   -0.00513244 
_atom_sites.fract_transf_matrix[2][2]   0.00623170 
_atom_sites.fract_transf_matrix[2][3]   0.01135082 
_atom_sites.fract_transf_matrix[3][1]   0.01064017 
_atom_sites.fract_transf_matrix[3][2]   -0.02500387 
_atom_sites.fract_transf_matrix[3][3]   0.01853846 
_atom_sites.fract_transf_vector[1]      0.375263 
_atom_sites.fract_transf_vector[2]      0.134604 
_atom_sites.fract_transf_vector[3]      1.151270 
# 
loop_
_atom_type.symbol 
C 
N 
O 
S 
# 
loop_
_atom_site.group_PDB 
_atom_site.id 
_atom_site.type_symbol 
_atom_site.label_atom_id 
_atom_site.label_alt_id 
_atom_site.label_comp_id 
_atom_site.label_asym_id 
_atom_site.label_entity_id 
_atom_site.label_seq_id 
_atom_site.pdbx_PDB_ins_code 
_atom_site.Cartn_x 
_atom_site.Cartn_y 
_atom_site.Cartn_z 
_atom_site.occupancy 
_atom_site.B_iso_or_equiv 
_atom_site.pdbx_formal_charge 
_atom_site.auth_seq_id 
_atom_site.auth_comp_id 
_atom_site.auth_asym_id 
_atom_site.auth_atom_id 
_atom_site.pdbx_PDB_model_num 
ATOM   1   N N   . THR A 1 4   ? 33.716  -10.986 1.090   1.00 68.92 ? 300 THR A N   1 
ATOM   2   C CA  . THR A 1 4   ? 32.425  -11.716 1.281   1.00 73.62 ? 300 THR A CA  1 
ATOM   3   C C   . THR A 1 4   ? 32.445  -13.045 0.520   1.00 68.98 ? 300 THR A C   1 
ATOM   4   O O   . THR A 1 4   ? 33.365  -13.289 -0.253  1.00 67.46 ? 300 THR A O   1 
ATOM   5   C CB  . THR A 1 4   ? 31.211  -10.816 0.840   1.00 78.03 ? 300 THR A CB  1 
ATOM   6   O OG1 . THR A 1 4   ? 31.118  -9.653  1.692   1.00 80.08 ? 300 THR A OG1 1 
ATOM   7   C CG2 . THR A 1 4   ? 29.871  -11.588 0.902   1.00 78.63 ? 300 THR A CG2 1 
ATOM   8   N N   . VAL A 1 5   ? 31.485  -13.927 0.813   1.00 67.86 ? 301 VAL A N   1 
ATOM   9   C CA  . VAL A 1 5   ? 31.386  -15.235 0.162   1.00 65.40 ? 301 VAL A CA  1 
ATOM   10  C C   . VAL A 1 5   ? 30.581  -15.146 -1.137  1.00 63.20 ? 301 VAL A C   1 
ATOM   11  O O   . VAL A 1 5   ? 29.378  -14.924 -1.119  1.00 65.23 ? 301 VAL A O   1 
ATOM   12  C CB  . VAL A 1 5   ? 30.710  -16.263 1.097   1.00 63.89 ? 301 VAL A CB  1 
ATOM   13  C CG1 . VAL A 1 5   ? 31.640  -16.602 2.241   1.00 62.37 ? 301 VAL A CG1 1 
ATOM   14  C CG2 . VAL A 1 5   ? 29.388  -15.713 1.608   1.00 59.95 ? 301 VAL A CG2 1 
ATOM   15  N N   . TYR A 1 6   ? 31.254  -15.335 -2.260  1.00 59.06 ? 302 TYR A N   1 
ATOM   16  C CA  . TYR A 1 6   ? 30.621  -15.270 -3.564  1.00 51.13 ? 302 TYR A CA  1 
ATOM   17  C C   . TYR A 1 6   ? 30.365  -16.601 -4.207  1.00 50.39 ? 302 TYR A C   1 
ATOM   18  O O   . TYR A 1 6   ? 31.106  -17.573 -4.012  1.00 46.02 ? 302 TYR A O   1 
ATOM   19  C CB  . TYR A 1 6   ? 31.478  -14.473 -4.521  1.00 46.29 ? 302 TYR A CB  1 
ATOM   20  C CG  . TYR A 1 6   ? 31.630  -13.031 -4.166  1.00 42.28 ? 302 TYR A CG  1 
ATOM   21  C CD1 . TYR A 1 6   ? 30.850  -12.445 -3.180  1.00 40.56 ? 302 TYR A CD1 1 
ATOM   22  C CD2 . TYR A 1 6   ? 32.513  -12.228 -4.874  1.00 45.73 ? 302 TYR A CD2 1 
ATOM   23  C CE1 . TYR A 1 6   ? 30.937  -11.071 -2.923  1.00 44.55 ? 302 TYR A CE1 1 
ATOM   24  C CE2 . TYR A 1 6   ? 32.617  -10.856 -4.619  1.00 44.46 ? 302 TYR A CE2 1 
ATOM   25  C CZ  . TYR A 1 6   ? 31.827  -10.281 -3.651  1.00 43.15 ? 302 TYR A CZ  1 
ATOM   26  O OH  . TYR A 1 6   ? 31.921  -8.920  -3.443  1.00 42.67 ? 302 TYR A OH  1 
ATOM   27  N N   . TYR A 1 7   ? 29.331  -16.599 -5.038  1.00 46.42 ? 303 TYR A N   1 
ATOM   28  C CA  . TYR A 1 7   ? 28.928  -17.771 -5.802  1.00 47.05 ? 303 TYR A CA  1 
ATOM   29  C C   . TYR A 1 7   ? 28.174  -17.239 -7.037  1.00 45.21 ? 303 TYR A C   1 
ATOM   30  O O   . TYR A 1 7   ? 27.760  -16.071 -7.075  1.00 39.49 ? 303 TYR A O   1 
ATOM   31  C CB  . TYR A 1 7   ? 28.055  -18.753 -4.957  1.00 43.12 ? 303 TYR A CB  1 
ATOM   32  C CG  . TYR A 1 7   ? 26.937  -18.102 -4.168  1.00 44.95 ? 303 TYR A CG  1 
ATOM   33  C CD1 . TYR A 1 7   ? 27.202  -17.453 -2.971  1.00 43.95 ? 303 TYR A CD1 1 
ATOM   34  C CD2 . TYR A 1 7   ? 25.640  -18.037 -4.666  1.00 46.17 ? 303 TYR A CD2 1 
ATOM   35  C CE1 . TYR A 1 7   ? 26.228  -16.755 -2.301  1.00 42.23 ? 303 TYR A CE1 1 
ATOM   36  C CE2 . TYR A 1 7   ? 24.633  -17.329 -3.975  1.00 43.55 ? 303 TYR A CE2 1 
ATOM   37  C CZ  . TYR A 1 7   ? 24.947  -16.679 -2.803  1.00 41.44 ? 303 TYR A CZ  1 
ATOM   38  O OH  . TYR A 1 7   ? 24.018  -15.901 -2.147  1.00 40.88 ? 303 TYR A OH  1 
ATOM   39  N N   . PRO A 1 8   ? 28.159  -18.016 -8.130  1.00 45.12 ? 304 PRO A N   1 
ATOM   40  C CA  . PRO A 1 8   ? 27.426  -17.520 -9.304  1.00 44.99 ? 304 PRO A CA  1 
ATOM   41  C C   . PRO A 1 8   ? 25.885  -17.642 -9.102  1.00 39.87 ? 304 PRO A C   1 
ATOM   42  O O   . PRO A 1 8   ? 25.413  -18.462 -8.260  1.00 34.29 ? 304 PRO A O   1 
ATOM   43  C CB  . PRO A 1 8   ? 27.949  -18.419 -10.429 1.00 43.38 ? 304 PRO A CB  1 
ATOM   44  C CG  . PRO A 1 8   ? 28.274  -19.724 -9.707  1.00 44.54 ? 304 PRO A CG  1 
ATOM   45  C CD  . PRO A 1 8   ? 28.915  -19.253 -8.433  1.00 44.15 ? 304 PRO A CD  1 
ATOM   46  N N   . PRO A 1 9   ? 25.095  -16.870 -9.904  1.00 34.00 ? 305 PRO A N   1 
ATOM   47  C CA  . PRO A 1 9   ? 23.633  -16.837 -9.874  1.00 30.08 ? 305 PRO A CA  1 
ATOM   48  C C   . PRO A 1 9   ? 23.000  -18.196 -10.048 1.00 30.12 ? 305 PRO A C   1 
ATOM   49  O O   . PRO A 1 9   ? 23.510  -19.045 -10.775 1.00 27.84 ? 305 PRO A O   1 
ATOM   50  C CB  . PRO A 1 9   ? 23.277  -16.007 -11.103 1.00 30.37 ? 305 PRO A CB  1 
ATOM   51  C CG  . PRO A 1 9   ? 24.448  -15.177 -11.339 1.00 25.82 ? 305 PRO A CG  1 
ATOM   52  C CD  . PRO A 1 9   ? 25.569  -16.128 -11.084 1.00 28.04 ? 305 PRO A CD  1 
ATOM   53  N N   . ARG A 1 10  ? 21.859  -18.371 -9.388  1.00 33.64 ? 306 ARG A N   1 
ATOM   54  C CA  . ARG A 1 10  ? 21.086  -19.584 -9.501  1.00 29.14 ? 306 ARG A CA  1 
ATOM   55  C C   . ARG A 1 10  ? 19.595  -19.292 -9.335  1.00 27.11 ? 306 ARG A C   1 
ATOM   56  O O   . ARG A 1 10  ? 19.198  -18.513 -8.454  1.00 24.12 ? 306 ARG A O   1 
ATOM   57  C CB  . ARG A 1 10  ? 21.576  -20.699 -8.558  1.00 34.80 ? 306 ARG A CB  1 
ATOM   58  C CG  . ARG A 1 10  ? 21.361  -20.539 -7.067  1.00 41.27 ? 306 ARG A CG  1 
ATOM   59  C CD  . ARG A 1 10  ? 21.851  -21.848 -6.410  1.00 49.91 ? 306 ARG A CD  1 
ATOM   60  N NE  . ARG A 1 10  ? 21.860  -21.882 -4.941  1.00 56.34 ? 306 ARG A NE  1 
ATOM   61  C CZ  . ARG A 1 10  ? 22.613  -21.106 -4.159  1.00 57.48 ? 306 ARG A CZ  1 
ATOM   62  N NH1 . ARG A 1 10  ? 23.423  -20.197 -4.693  1.00 60.98 ? 306 ARG A NH1 1 
ATOM   63  N NH2 . ARG A 1 10  ? 22.613  -21.302 -2.840  1.00 55.57 ? 306 ARG A NH2 1 
ATOM   64  N N   . VAL A 1 11  ? 18.822  -19.783 -10.310 1.00 23.62 ? 307 VAL A N   1 
ATOM   65  C CA  . VAL A 1 11  ? 17.368  -19.658 -10.301 1.00 23.30 ? 307 VAL A CA  1 
ATOM   66  C C   . VAL A 1 11  ? 16.807  -20.837 -9.459  1.00 22.44 ? 307 VAL A C   1 
ATOM   67  O O   . VAL A 1 11  ? 16.911  -22.019 -9.833  1.00 21.85 ? 307 VAL A O   1 
ATOM   68  C CB  . VAL A 1 11  ? 16.748  -19.615 -11.736 1.00 24.54 ? 307 VAL A CB  1 
ATOM   69  C CG1 . VAL A 1 11  ? 15.203  -19.412 -11.642 1.00 22.16 ? 307 VAL A CG1 1 
ATOM   70  C CG2 . VAL A 1 11  ? 17.388  -18.473 -12.589 1.00 18.92 ? 307 VAL A CG2 1 
ATOM   71  N N   . VAL A 1 12  ? 16.333  -20.489 -8.263  1.00 22.29 ? 308 VAL A N   1 
ATOM   72  C CA  . VAL A 1 12  ? 15.802  -21.458 -7.325  1.00 22.42 ? 308 VAL A CA  1 
ATOM   73  C C   . VAL A 1 12  ? 14.383  -21.857 -7.691  1.00 24.15 ? 308 VAL A C   1 
ATOM   74  O O   . VAL A 1 12  ? 14.006  -23.040 -7.613  1.00 26.13 ? 308 VAL A O   1 
ATOM   75  C CB  . VAL A 1 12  ? 15.816  -20.874 -5.885  1.00 21.49 ? 308 VAL A CB  1 
ATOM   76  C CG1 . VAL A 1 12  ? 15.269  -21.878 -4.892  1.00 22.04 ? 308 VAL A CG1 1 
ATOM   77  C CG2 . VAL A 1 12  ? 17.225  -20.504 -5.499  1.00 22.10 ? 308 VAL A CG2 1 
ATOM   78  N N   . SER A 1 13  ? 13.626  -20.868 -8.151  1.00 18.14 ? 309 SER A N   1 
ATOM   79  C CA  . SER A 1 13  ? 12.247  -21.086 -8.465  1.00 18.38 ? 309 SER A CA  1 
ATOM   80  C C   . SER A 1 13  ? 11.741  -20.186 -9.576  1.00 16.31 ? 309 SER A C   1 
ATOM   81  O O   . SER A 1 13  ? 12.127  -19.019 -9.679  1.00 19.30 ? 309 SER A O   1 
ATOM   82  C CB  . SER A 1 13  ? 11.433  -20.873 -7.185  1.00 22.78 ? 309 SER A CB  1 
ATOM   83  O OG  . SER A 1 13  ? 10.065  -20.852 -7.488  1.00 34.37 ? 309 SER A OG  1 
ATOM   84  N N   . LEU A 1 14  ? 10.915  -20.779 -10.435 1.00 16.03 ? 310 LEU A N   1 
ATOM   85  C CA  . LEU A 1 14  ? 10.278  -20.120 -11.566 1.00 15.45 ? 310 LEU A CA  1 
ATOM   86  C C   . LEU A 1 14  ? 9.013   -20.950 -11.839 1.00 18.12 ? 310 LEU A C   1 
ATOM   87  O O   . LEU A 1 14  ? 9.064   -22.121 -12.198 1.00 24.59 ? 310 LEU A O   1 
ATOM   88  C CB  . LEU A 1 14  ? 11.220  -20.028 -12.792 1.00 15.09 ? 310 LEU A CB  1 
ATOM   89  C CG  . LEU A 1 14  ? 10.643  -19.243 -13.959 1.00 14.50 ? 310 LEU A CG  1 
ATOM   90  C CD1 . LEU A 1 14  ? 10.486  -17.779 -13.558 1.00 16.47 ? 310 LEU A CD1 1 
ATOM   91  C CD2 . LEU A 1 14  ? 11.540  -19.384 -15.136 1.00 15.98 ? 310 LEU A CD2 1 
ATOM   92  N N   . GLU A 1 15  ? 7.874   -20.327 -11.635 1.00 15.04 ? 311 GLU A N   1 
ATOM   93  C CA  . GLU A 1 15  ? 6.599   -21.001 -11.773 1.00 21.61 ? 311 GLU A CA  1 
ATOM   94  C C   . GLU A 1 15  ? 5.689   -20.510 -12.903 1.00 23.69 ? 311 GLU A C   1 
ATOM   95  O O   . GLU A 1 15  ? 5.702   -19.319 -13.249 1.00 20.35 ? 311 GLU A O   1 
ATOM   96  C CB  . GLU A 1 15  ? 5.845   -20.800 -10.468 1.00 24.30 ? 311 GLU A CB  1 
ATOM   97  C CG  . GLU A 1 15  ? 6.586   -21.290 -9.267  1.00 43.22 ? 311 GLU A CG  1 
ATOM   98  C CD  . GLU A 1 15  ? 6.204   -22.727 -8.940  1.00 58.81 ? 311 GLU A CD  1 
ATOM   99  O OE1 . GLU A 1 15  ? 6.619   -23.667 -9.667  1.00 61.85 ? 311 GLU A OE1 1 
ATOM   100 O OE2 . GLU A 1 15  ? 5.467   -22.924 -7.947  1.00 68.72 ? 311 GLU A OE2 1 
ATOM   101 N N   . GLU A 1 16  ? 4.870   -21.429 -13.430 1.00 18.54 ? 312 GLU A N   1 
ATOM   102 C CA  . GLU A 1 16  ? 3.900   -21.099 -14.447 1.00 17.74 ? 312 GLU A CA  1 
ATOM   103 C C   . GLU A 1 16  ? 2.917   -20.077 -13.870 1.00 21.23 ? 312 GLU A C   1 
ATOM   104 O O   . GLU A 1 16  ? 2.693   -20.015 -12.670 1.00 16.23 ? 312 GLU A O   1 
ATOM   105 C CB  . GLU A 1 16  ? 3.205   -22.343 -14.892 1.00 20.76 ? 312 GLU A CB  1 
ATOM   106 C CG  . GLU A 1 16  ? 4.063   -23.131 -15.782 1.00 19.13 ? 312 GLU A CG  1 
ATOM   107 C CD  . GLU A 1 16  ? 3.275   -24.255 -16.453 1.00 32.29 ? 312 GLU A CD  1 
ATOM   108 O OE1 . GLU A 1 16  ? 2.021   -24.263 -16.366 1.00 27.34 ? 312 GLU A OE1 1 
ATOM   109 O OE2 . GLU A 1 16  ? 3.918   -25.132 -17.072 1.00 29.85 ? 312 GLU A OE2 1 
ATOM   110 N N   . PRO A 1 17  ? 2.330   -19.237 -14.734 1.00 22.46 ? 313 PRO A N   1 
ATOM   111 C CA  . PRO A 1 17  ? 1.410   -18.226 -14.232 1.00 21.54 ? 313 PRO A CA  1 
ATOM   112 C C   . PRO A 1 17  ? 0.249   -18.703 -13.370 1.00 22.89 ? 313 PRO A C   1 
ATOM   113 O O   . PRO A 1 17  ? -0.339  -19.731 -13.634 1.00 20.41 ? 313 PRO A O   1 
ATOM   114 C CB  . PRO A 1 17  ? 0.996   -17.469 -15.511 1.00 14.92 ? 313 PRO A CB  1 
ATOM   115 C CG  . PRO A 1 17  ? 1.135   -18.441 -16.575 1.00 17.30 ? 313 PRO A CG  1 
ATOM   116 C CD  . PRO A 1 17  ? 2.402   -19.214 -16.202 1.00 21.58 ? 313 PRO A CD  1 
ATOM   117 N N   . GLU A 1 18  ? -0.063  -17.930 -12.332 1.00 24.07 ? 314 GLU A N   1 
ATOM   118 C CA  . GLU A 1 18  ? -1.167  -18.234 -11.442 1.00 27.41 ? 314 GLU A CA  1 
ATOM   119 C C   . GLU A 1 18  ? -1.922  -16.929 -11.232 1.00 29.83 ? 314 GLU A C   1 
ATOM   120 O O   . GLU A 1 18  ? -1.302  -15.870 -11.079 1.00 26.90 ? 314 GLU A O   1 
ATOM   121 C CB  . GLU A 1 18  ? -0.662  -18.736 -10.084 1.00 34.96 ? 314 GLU A CB  1 
ATOM   122 C CG  . GLU A 1 18  ? 0.161   -20.024 -10.125 1.00 51.32 ? 314 GLU A CG  1 
ATOM   123 C CD  . GLU A 1 18  ? 0.622   -20.469 -8.727  1.00 64.77 ? 314 GLU A CD  1 
ATOM   124 O OE1 . GLU A 1 18  ? -0.067  -20.075 -7.743  1.00 71.48 ? 314 GLU A OE1 1 
ATOM   125 O OE2 . GLU A 1 18  ? 1.654   -21.197 -8.598  1.00 64.58 ? 314 GLU A OE2 1 
ATOM   126 N N   . LEU A 1 19  ? -3.256  -17.013 -11.243 1.00 28.52 ? 315 LEU A N   1 
ATOM   127 C CA  . LEU A 1 19  ? -4.145  -15.864 -11.008 1.00 28.84 ? 315 LEU A CA  1 
ATOM   128 C C   . LEU A 1 19  ? -3.972  -15.322 -9.593  1.00 26.54 ? 315 LEU A C   1 
ATOM   129 O O   . LEU A 1 19  ? -3.839  -16.064 -8.636  1.00 29.54 ? 315 LEU A O   1 
ATOM   130 C CB  . LEU A 1 19  ? -5.616  -16.258 -11.143 1.00 30.21 ? 315 LEU A CB  1 
ATOM   131 C CG  . LEU A 1 19  ? -6.371  -16.261 -12.457 1.00 35.76 ? 315 LEU A CG  1 
ATOM   132 C CD1 . LEU A 1 19  ? -5.649  -15.460 -13.532 1.00 34.06 ? 315 LEU A CD1 1 
ATOM   133 C CD2 . LEU A 1 19  ? -6.636  -17.690 -12.872 1.00 40.10 ? 315 LEU A CD2 1 
ATOM   134 N N   . ARG A 1 20  ? -4.108  -14.024 -9.456  1.00 27.69 ? 316 ARG A N   1 
ATOM   135 C CA  . ARG A 1 20  ? -3.959  -13.411 -8.167  1.00 29.98 ? 316 ARG A CA  1 
ATOM   136 C C   . ARG A 1 20  ? -4.892  -12.196 -8.155  1.00 30.14 ? 316 ARG A C   1 
ATOM   137 O O   . ARG A 1 20  ? -4.881  -11.346 -9.051  1.00 31.26 ? 316 ARG A O   1 
ATOM   138 C CB  . ARG A 1 20  ? -2.494  -13.017 -7.993  1.00 37.23 ? 316 ARG A CB  1 
ATOM   139 C CG  . ARG A 1 20  ? -2.122  -12.502 -6.656  1.00 44.25 ? 316 ARG A CG  1 
ATOM   140 C CD  . ARG A 1 20  ? -0.644  -12.209 -6.622  1.00 53.41 ? 316 ARG A CD  1 
ATOM   141 N NE  . ARG A 1 20  ? 0.171   -13.433 -6.607  1.00 60.71 ? 316 ARG A NE  1 
ATOM   142 C CZ  . ARG A 1 20  ? 1.395   -13.515 -6.078  1.00 60.83 ? 316 ARG A CZ  1 
ATOM   143 N NH1 . ARG A 1 20  ? 1.957   -12.437 -5.511  1.00 59.36 ? 316 ARG A NH1 1 
ATOM   144 N NH2 . ARG A 1 20  ? 2.077   -14.658 -6.161  1.00 58.11 ? 316 ARG A NH2 1 
ATOM   145 N N   . LEU A 1 21  ? -5.832  -12.226 -7.236  1.00 26.81 ? 317 LEU A N   1 
ATOM   146 C CA  . LEU A 1 21  ? -6.812  -11.136 -7.082  1.00 28.68 ? 317 LEU A CA  1 
ATOM   147 C C   . LEU A 1 21  ? -6.335  -10.206 -5.984  1.00 24.79 ? 317 LEU A C   1 
ATOM   148 O O   . LEU A 1 21  ? -6.066  -10.658 -4.871  1.00 30.03 ? 317 LEU A O   1 
ATOM   149 C CB  . LEU A 1 21  ? -8.131  -11.702 -6.560  1.00 34.88 ? 317 LEU A CB  1 
ATOM   150 C CG  . LEU A 1 21  ? -9.457  -11.484 -7.246  1.00 36.17 ? 317 LEU A CG  1 
ATOM   151 C CD1 . LEU A 1 21  ? -9.501  -10.148 -7.946  1.00 35.42 ? 317 LEU A CD1 1 
ATOM   152 C CD2 . LEU A 1 21  ? -9.623  -12.643 -8.214  1.00 43.95 ? 317 LEU A CD2 1 
ATOM   153 N N   . GLU A 1 22  ? -6.178  -8.935  -6.284  1.00 21.58 ? 318 GLU A N   1 
ATOM   154 C CA  . GLU A 1 22  ? -5.759  -8.012  -5.224  1.00 26.54 ? 318 GLU A CA  1 
ATOM   155 C C   . GLU A 1 22  ? -6.636  -6.766  -5.327  1.00 26.29 ? 318 GLU A C   1 
ATOM   156 O O   . GLU A 1 22  ? -7.301  -6.560  -6.354  1.00 23.73 ? 318 GLU A O   1 
ATOM   157 C CB  . GLU A 1 22  ? -4.251  -7.659  -5.297  1.00 30.77 ? 318 GLU A CB  1 
ATOM   158 C CG  . GLU A 1 22  ? -3.337  -8.727  -4.609  1.00 45.28 ? 318 GLU A CG  1 
ATOM   159 C CD  . GLU A 1 22  ? -1.854  -8.341  -4.360  1.00 47.85 ? 318 GLU A CD  1 
ATOM   160 O OE1 . GLU A 1 22  ? -1.352  -7.312  -4.851  1.00 48.53 ? 318 GLU A OE1 1 
ATOM   161 O OE2 . GLU A 1 22  ? -1.160  -9.101  -3.656  1.00 50.94 ? 318 GLU A OE2 1 
ATOM   162 N N   . HIS A 1 23  ? -6.753  -6.030  -4.220  1.00 21.73 ? 319 HIS A N   1 
ATOM   163 C CA  . HIS A 1 23  ? -7.525  -4.780  -4.180  1.00 20.58 ? 319 HIS A CA  1 
ATOM   164 C C   . HIS A 1 23  ? -6.495  -3.660  -4.264  1.00 14.94 ? 319 HIS A C   1 
ATOM   165 O O   . HIS A 1 23  ? -5.439  -3.742  -3.632  1.00 17.81 ? 319 HIS A O   1 
ATOM   166 C CB  . HIS A 1 23  ? -8.306  -4.703  -2.874  1.00 28.14 ? 319 HIS A CB  1 
ATOM   167 C CG  . HIS A 1 23  ? -9.306  -5.813  -2.691  1.00 34.29 ? 319 HIS A CG  1 
ATOM   168 N ND1 . HIS A 1 23  ? -10.631 -5.576  -2.382  1.00 34.70 ? 319 HIS A ND1 1 
ATOM   169 C CD2 . HIS A 1 23  ? -9.172  -7.160  -2.733  1.00 34.89 ? 319 HIS A CD2 1 
ATOM   170 C CE1 . HIS A 1 23  ? -11.266 -6.729  -2.243  1.00 33.01 ? 319 HIS A CE1 1 
ATOM   171 N NE2 . HIS A 1 23  ? -10.402 -7.702  -2.450  1.00 37.42 ? 319 HIS A NE2 1 
ATOM   172 N N   . CYS A 1 24  ? -6.738  -2.689  -5.136  1.00 18.01 ? 320 CYS A N   1 
ATOM   173 C CA  . CYS A 1 24  ? -5.791  -1.585  -5.315  1.00 20.35 ? 320 CYS A CA  1 
ATOM   174 C C   . CYS A 1 24  ? -6.390  -0.248  -4.940  1.00 17.83 ? 320 CYS A C   1 
ATOM   175 O O   . CYS A 1 24  ? -7.538  0.014   -5.276  1.00 18.58 ? 320 CYS A O   1 
ATOM   176 C CB  . CYS A 1 24  ? -5.282  -1.479  -6.785  1.00 28.01 ? 320 CYS A CB  1 
ATOM   177 S SG  . CYS A 1 24  ? -4.712  0.243   -7.255  1.00 49.64 ? 320 CYS A SG  1 
ATOM   178 N N   . ILE A 1 25  ? -5.649  0.510   -4.125  1.00 14.98 ? 321 ILE A N   1 
ATOM   179 C CA  . ILE A 1 25  ? -5.992  1.897   -3.757  1.00 16.36 ? 321 ILE A CA  1 
ATOM   180 C C   . ILE A 1 25  ? -4.972  2.670   -4.602  1.00 18.10 ? 321 ILE A C   1 
ATOM   181 O O   . ILE A 1 25  ? -3.774  2.696   -4.339  1.00 17.76 ? 321 ILE A O   1 
ATOM   182 C CB  . ILE A 1 25  ? -5.825  2.206   -2.219  1.00 17.07 ? 321 ILE A CB  1 
ATOM   183 C CG1 . ILE A 1 25  ? -6.994  1.591   -1.438  1.00 20.69 ? 321 ILE A CG1 1 
ATOM   184 C CG2 . ILE A 1 25  ? -5.824  3.712   -1.955  1.00 17.69 ? 321 ILE A CG2 1 
ATOM   185 C CD1 . ILE A 1 25  ? -7.020  1.955   0.008   1.00 22.45 ? 321 ILE A CD1 1 
ATOM   186 N N   . GLU A 1 26  ? -5.459  3.252   -5.663  1.00 15.97 ? 322 GLU A N   1 
ATOM   187 C CA  . GLU A 1 26  ? -4.611  3.953   -6.592  1.00 21.71 ? 322 GLU A CA  1 
ATOM   188 C C   . GLU A 1 26  ? -4.382  5.410   -6.140  1.00 16.99 ? 322 GLU A C   1 
ATOM   189 O O   . GLU A 1 26  ? -5.231  6.024   -5.516  1.00 19.60 ? 322 GLU A O   1 
ATOM   190 C CB  . GLU A 1 26  ? -5.315  3.815   -7.929  1.00 26.11 ? 322 GLU A CB  1 
ATOM   191 C CG  . GLU A 1 26  ? -4.766  4.445   -9.163  1.00 41.34 ? 322 GLU A CG  1 
ATOM   192 C CD  . GLU A 1 26  ? -5.689  4.068   -10.313 1.00 53.39 ? 322 GLU A CD  1 
ATOM   193 O OE1 . GLU A 1 26  ? -6.722  4.744   -10.497 1.00 60.17 ? 322 GLU A OE1 1 
ATOM   194 O OE2 . GLU A 1 26  ? -5.424  3.078   -11.029 1.00 60.03 ? 322 GLU A OE2 1 
ATOM   195 N N   . PHE A 1 27  ? -3.175  5.914   -6.349  1.00 17.28 ? 323 PHE A N   1 
ATOM   196 C CA  . PHE A 1 27  ? -2.782  7.279   -5.948  1.00 16.21 ? 323 PHE A CA  1 
ATOM   197 C C   . PHE A 1 27  ? -1.842  7.944   -6.973  1.00 15.67 ? 323 PHE A C   1 
ATOM   198 O O   . PHE A 1 27  ? -1.123  7.263   -7.697  1.00 16.58 ? 323 PHE A O   1 
ATOM   199 C CB  . PHE A 1 27  ? -2.050  7.215   -4.562  1.00 17.38 ? 323 PHE A CB  1 
ATOM   200 C CG  . PHE A 1 27  ? -0.714  6.448   -4.590  1.00 20.15 ? 323 PHE A CG  1 
ATOM   201 C CD1 . PHE A 1 27  ? 0.482   7.087   -4.994  1.00 20.64 ? 323 PHE A CD1 1 
ATOM   202 C CD2 . PHE A 1 27  ? -0.665  5.071   -4.276  1.00 21.46 ? 323 PHE A CD2 1 
ATOM   203 C CE1 . PHE A 1 27  ? 1.682   6.355   -5.096  1.00 23.03 ? 323 PHE A CE1 1 
ATOM   204 C CE2 . PHE A 1 27  ? 0.535   4.325   -4.370  1.00 18.75 ? 323 PHE A CE2 1 
ATOM   205 C CZ  . PHE A 1 27  ? 1.706   4.968   -4.783  1.00 19.22 ? 323 PHE A CZ  1 
ATOM   206 N N   . VAL A 1 28  ? -1.845  9.274   -7.010  1.00 18.75 ? 324 VAL A N   1 
ATOM   207 C CA  . VAL A 1 28  ? -0.922  10.050  -7.846  1.00 16.57 ? 324 VAL A CA  1 
ATOM   208 C C   . VAL A 1 28  ? -0.536  11.235  -6.946  1.00 17.03 ? 324 VAL A C   1 
ATOM   209 O O   . VAL A 1 28  ? -1.402  11.884  -6.362  1.00 20.99 ? 324 VAL A O   1 
ATOM   210 C CB  . VAL A 1 28  ? -1.563  10.623  -9.139  1.00 20.98 ? 324 VAL A CB  1 
ATOM   211 C CG1 . VAL A 1 28  ? -0.528  11.431  -9.888  1.00 23.53 ? 324 VAL A CG1 1 
ATOM   212 C CG2 . VAL A 1 28  ? -2.088  9.515   -10.021 1.00 18.62 ? 324 VAL A CG2 1 
ATOM   213 N N   . VAL A 1 29  ? 0.757   11.464  -6.777  1.00 19.52 ? 325 VAL A N   1 
ATOM   214 C CA  . VAL A 1 29  ? 1.256   12.566  -5.927  1.00 20.59 ? 325 VAL A CA  1 
ATOM   215 C C   . VAL A 1 29  ? 2.323   13.358  -6.737  1.00 26.31 ? 325 VAL A C   1 
ATOM   216 O O   . VAL A 1 29  ? 3.085   12.765  -7.514  1.00 26.04 ? 325 VAL A O   1 
ATOM   217 C CB  . VAL A 1 29  ? 1.944   12.022  -4.604  1.00 21.00 ? 325 VAL A CB  1 
ATOM   218 C CG1 . VAL A 1 29  ? 2.456   13.149  -3.759  1.00 24.67 ? 325 VAL A CG1 1 
ATOM   219 C CG2 . VAL A 1 29  ? 1.025   11.162  -3.807  1.00 19.61 ? 325 VAL A CG2 1 
ATOM   220 N N   . ARG A 1 30  ? 2.292   14.684  -6.637  1.00 22.12 ? 326 ARG A N   1 
ATOM   221 C CA  . ARG A 1 30  ? 3.281   15.504  -7.317  1.00 28.14 ? 326 ARG A CA  1 
ATOM   222 C C   . ARG A 1 30  ? 4.011   16.337  -6.252  1.00 34.68 ? 326 ARG A C   1 
ATOM   223 O O   . ARG A 1 30  ? 3.419   16.768  -5.244  1.00 36.56 ? 326 ARG A O   1 
ATOM   224 C CB  . ARG A 1 30  ? 2.607   16.490  -8.258  1.00 32.29 ? 326 ARG A CB  1 
ATOM   225 C CG  . ARG A 1 30  ? 1.794   15.910  -9.355  1.00 38.59 ? 326 ARG A CG  1 
ATOM   226 C CD  . ARG A 1 30  ? 1.335   17.026  -10.270 1.00 37.71 ? 326 ARG A CD  1 
ATOM   227 N NE  . ARG A 1 30  ? 2.365   17.359  -11.235 1.00 43.02 ? 326 ARG A NE  1 
ATOM   228 C CZ  . ARG A 1 30  ? 2.296   17.036  -12.516 1.00 44.61 ? 326 ARG A CZ  1 
ATOM   229 N NH1 . ARG A 1 30  ? 1.230   16.403  -12.978 1.00 46.24 ? 326 ARG A NH1 1 
ATOM   230 N NH2 . ARG A 1 30  ? 3.332   17.228  -13.315 1.00 48.14 ? 326 ARG A NH2 1 
ATOM   231 N N   . GLY A 1 31  ? 5.278   16.620  -6.490  1.00 26.94 ? 327 GLY A N   1 
ATOM   232 C CA  . GLY A 1 31  ? 5.988   17.429  -5.542  1.00 26.14 ? 327 GLY A CA  1 
ATOM   233 C C   . GLY A 1 31  ? 7.422   17.585  -5.961  1.00 33.07 ? 327 GLY A C   1 
ATOM   234 O O   . GLY A 1 31  ? 8.039   16.620  -6.440  1.00 31.93 ? 327 GLY A O   1 
ATOM   235 N N   . ASN A 1 32  ? 7.921   18.817  -5.854  1.00 35.17 ? 328 ASN A N   1 
ATOM   236 C CA  . ASN A 1 32  ? 9.319   19.104  -6.167  1.00 42.59 ? 328 ASN A CA  1 
ATOM   237 C C   . ASN A 1 32  ? 9.905   19.947  -5.024  1.00 39.92 ? 328 ASN A C   1 
ATOM   238 O O   . ASN A 1 32  ? 9.468   21.094  -4.788  1.00 40.31 ? 328 ASN A O   1 
ATOM   239 C CB  . ASN A 1 32  ? 9.538   19.788  -7.547  1.00 39.19 ? 328 ASN A CB  1 
ATOM   240 C CG  . ASN A 1 32  ? 10.999  19.587  -8.089  1.00 40.23 ? 328 ASN A CG  1 
ATOM   241 O OD1 . ASN A 1 32  ? 11.707  18.599  -7.729  1.00 32.07 ? 328 ASN A OD1 1 
ATOM   242 N ND2 . ASN A 1 32  ? 11.462  20.546  -8.918  1.00 39.62 ? 328 ASN A ND2 1 
ATOM   243 N N   . PRO A 1 33  ? 10.877  19.374  -4.278  1.00 29.07 ? 329 PRO A N   1 
ATOM   244 C CA  . PRO A 1 33  ? 11.493  18.037  -4.409  1.00 32.04 ? 329 PRO A CA  1 
ATOM   245 C C   . PRO A 1 33  ? 10.495  16.873  -4.213  1.00 42.61 ? 329 PRO A C   1 
ATOM   246 O O   . PRO A 1 33  ? 9.426   17.075  -3.612  1.00 41.62 ? 329 PRO A O   1 
ATOM   247 C CB  . PRO A 1 33  ? 12.525  18.019  -3.276  1.00 31.57 ? 329 PRO A CB  1 
ATOM   248 C CG  . PRO A 1 33  ? 12.874  19.484  -3.108  1.00 37.17 ? 329 PRO A CG  1 
ATOM   249 C CD  . PRO A 1 33  ? 11.527  20.150  -3.213  1.00 35.56 ? 329 PRO A CD  1 
ATOM   250 N N   . PRO A 1 34  ? 10.822  15.652  -4.732  1.00 45.20 ? 330 PRO A N   1 
ATOM   251 C CA  . PRO A 1 34  ? 9.987   14.417  -4.635  1.00 46.86 ? 330 PRO A CA  1 
ATOM   252 C C   . PRO A 1 34  ? 9.551   14.132  -3.181  1.00 48.42 ? 330 PRO A C   1 
ATOM   253 O O   . PRO A 1 34  ? 10.411  13.936  -2.324  1.00 51.69 ? 330 PRO A O   1 
ATOM   254 C CB  . PRO A 1 34  ? 10.923  13.322  -5.150  1.00 42.58 ? 330 PRO A CB  1 
ATOM   255 C CG  . PRO A 1 34  ? 11.716  14.063  -6.217  1.00 43.58 ? 330 PRO A CG  1 
ATOM   256 C CD  . PRO A 1 34  ? 12.004  15.436  -5.600  1.00 40.80 ? 330 PRO A CD  1 
ATOM   257 N N   . PRO A 1 35  ? 8.218   14.060  -2.903  1.00 44.70 ? 331 PRO A N   1 
ATOM   258 C CA  . PRO A 1 35  ? 7.686   13.819  -1.562  1.00 40.96 ? 331 PRO A CA  1 
ATOM   259 C C   . PRO A 1 35  ? 7.872   12.438  -1.014  1.00 36.12 ? 331 PRO A C   1 
ATOM   260 O O   . PRO A 1 35  ? 7.919   11.446  -1.738  1.00 34.71 ? 331 PRO A O   1 
ATOM   261 C CB  . PRO A 1 35  ? 6.165   14.104  -1.705  1.00 35.28 ? 331 PRO A CB  1 
ATOM   262 C CG  . PRO A 1 35  ? 5.997   14.678  -3.015  1.00 36.44 ? 331 PRO A CG  1 
ATOM   263 C CD  . PRO A 1 35  ? 7.101   14.075  -3.856  1.00 41.07 ? 331 PRO A CD  1 
ATOM   264 N N   . THR A 1 36  ? 7.892   12.397  0.306   1.00 35.97 ? 332 THR A N   1 
ATOM   265 C CA  . THR A 1 36  ? 7.979   11.147  0.990   1.00 34.11 ? 332 THR A CA  1 
ATOM   266 C C   . THR A 1 36  ? 6.517   10.771  1.309   1.00 26.65 ? 332 THR A C   1 
ATOM   267 O O   . THR A 1 36  ? 5.709   11.637  1.579   1.00 33.64 ? 332 THR A O   1 
ATOM   268 C CB  . THR A 1 36  ? 8.828   11.322  2.203   1.00 37.75 ? 332 THR A CB  1 
ATOM   269 O OG1 . THR A 1 36  ? 9.078   10.041  2.768   1.00 43.32 ? 332 THR A OG1 1 
ATOM   270 C CG2 . THR A 1 36  ? 8.143   12.246  3.198   1.00 46.38 ? 332 THR A CG2 1 
ATOM   271 N N   . LEU A 1 37  ? 6.168   9.508   1.145   1.00 25.43 ? 333 LEU A N   1 
ATOM   272 C CA  . LEU A 1 37  ? 4.797   9.022   1.341   1.00 31.32 ? 333 LEU A CA  1 
ATOM   273 C C   . LEU A 1 37  ? 4.607   8.075   2.531   1.00 32.98 ? 333 LEU A C   1 
ATOM   274 O O   . LEU A 1 37  ? 5.325   7.081   2.660   1.00 36.88 ? 333 LEU A O   1 
ATOM   275 C CB  . LEU A 1 37  ? 4.319   8.282   0.078   1.00 26.07 ? 333 LEU A CB  1 
ATOM   276 C CG  . LEU A 1 37  ? 3.956   9.004   -1.217  1.00 30.36 ? 333 LEU A CG  1 
ATOM   277 C CD1 . LEU A 1 37  ? 4.453   10.412  -1.236  1.00 33.82 ? 333 LEU A CD1 1 
ATOM   278 C CD2 . LEU A 1 37  ? 4.497   8.261   -2.402  1.00 32.35 ? 333 LEU A CD2 1 
ATOM   279 N N   . HIS A 1 38  ? 3.612   8.355   3.376   1.00 31.07 ? 334 HIS A N   1 
ATOM   280 C CA  . HIS A 1 38  ? 3.308   7.519   4.550   1.00 25.74 ? 334 HIS A CA  1 
ATOM   281 C C   . HIS A 1 38  ? 1.828   7.286   4.577   1.00 18.68 ? 334 HIS A C   1 
ATOM   282 O O   . HIS A 1 38  ? 1.069   8.154   4.211   1.00 22.08 ? 334 HIS A O   1 
ATOM   283 C CB  . HIS A 1 38  ? 3.727   8.213   5.847   1.00 27.82 ? 334 HIS A CB  1 
ATOM   284 C CG  . HIS A 1 38  ? 5.187   8.472   5.920   1.00 38.57 ? 334 HIS A CG  1 
ATOM   285 N ND1 . HIS A 1 38  ? 5.752   9.610   5.394   1.00 43.84 ? 334 HIS A ND1 1 
ATOM   286 C CD2 . HIS A 1 38  ? 6.217   7.715   6.370   1.00 41.18 ? 334 HIS A CD2 1 
ATOM   287 C CE1 . HIS A 1 38  ? 7.069   9.546   5.512   1.00 45.44 ? 334 HIS A CE1 1 
ATOM   288 N NE2 . HIS A 1 38  ? 7.375   8.405   6.103   1.00 45.01 ? 334 HIS A NE2 1 
ATOM   289 N N   . TRP A 1 39  ? 1.430   6.102   4.985   1.00 20.96 ? 335 TRP A N   1 
ATOM   290 C CA  . TRP A 1 39  ? 0.034   5.741   5.063   1.00 22.42 ? 335 TRP A CA  1 
ATOM   291 C C   . TRP A 1 39  ? -0.483  5.539   6.491   1.00 28.72 ? 335 TRP A C   1 
ATOM   292 O O   . TRP A 1 39  ? 0.235   5.095   7.399   1.00 26.76 ? 335 TRP A O   1 
ATOM   293 C CB  . TRP A 1 39  ? -0.159  4.423   4.334   1.00 24.06 ? 335 TRP A CB  1 
ATOM   294 C CG  . TRP A 1 39  ? 0.126   4.521   2.879   1.00 28.66 ? 335 TRP A CG  1 
ATOM   295 C CD1 . TRP A 1 39  ? 1.340   4.385   2.262   1.00 28.64 ? 335 TRP A CD1 1 
ATOM   296 C CD2 . TRP A 1 39  ? -0.824  4.776   1.841   1.00 26.81 ? 335 TRP A CD2 1 
ATOM   297 N NE1 . TRP A 1 39  ? 1.199   4.534   0.907   1.00 25.46 ? 335 TRP A NE1 1 
ATOM   298 C CE2 . TRP A 1 39  ? -0.115  4.782   0.621   1.00 29.46 ? 335 TRP A CE2 1 
ATOM   299 C CE3 . TRP A 1 39  ? -2.204  5.013   1.824   1.00 22.42 ? 335 TRP A CE3 1 
ATOM   300 C CZ2 . TRP A 1 39  ? -0.746  5.008   -0.608  1.00 25.68 ? 335 TRP A CZ2 1 
ATOM   301 C CZ3 . TRP A 1 39  ? -2.824  5.235   0.606   1.00 18.46 ? 335 TRP A CZ3 1 
ATOM   302 C CH2 . TRP A 1 39  ? -2.098  5.235   -0.589  1.00 20.24 ? 335 TRP A CH2 1 
ATOM   303 N N   . LEU A 1 40  ? -1.748  5.860   6.693   1.00 22.98 ? 336 LEU A N   1 
ATOM   304 C CA  . LEU A 1 40  ? -2.368  5.619   7.991   1.00 25.32 ? 336 LEU A CA  1 
ATOM   305 C C   . LEU A 1 40  ? -3.651  4.860   7.742   1.00 21.25 ? 336 LEU A C   1 
ATOM   306 O O   . LEU A 1 40  ? -4.313  5.042   6.709   1.00 24.02 ? 336 LEU A O   1 
ATOM   307 C CB  . LEU A 1 40  ? -2.749  6.918   8.713   1.00 27.56 ? 336 LEU A CB  1 
ATOM   308 C CG  . LEU A 1 40  ? -1.723  8.014   8.937   1.00 26.49 ? 336 LEU A CG  1 
ATOM   309 C CD1 . LEU A 1 40  ? -2.419  9.167   9.637   1.00 30.96 ? 336 LEU A CD1 1 
ATOM   310 C CD2 . LEU A 1 40  ? -0.565  7.499   9.734   1.00 25.05 ? 336 LEU A CD2 1 
ATOM   311 N N   . HIS A 1 41  ? -3.949  3.947   8.646   1.00 21.52 ? 337 HIS A N   1 
ATOM   312 C CA  . HIS A 1 41  ? -5.187  3.199   8.592   1.00 21.69 ? 337 HIS A CA  1 
ATOM   313 C C   . HIS A 1 41  ? -5.997  3.637   9.823   1.00 23.28 ? 337 HIS A C   1 
ATOM   314 O O   . HIS A 1 41  ? -5.683  3.265   10.947  1.00 23.00 ? 337 HIS A O   1 
ATOM   315 C CB  . HIS A 1 41  ? -4.919  1.698   8.631   1.00 22.42 ? 337 HIS A CB  1 
ATOM   316 C CG  . HIS A 1 41  ? -6.164  0.888   8.798   1.00 22.51 ? 337 HIS A CG  1 
ATOM   317 N ND1 . HIS A 1 41  ? -6.274  -0.095  9.754   1.00 25.23 ? 337 HIS A ND1 1 
ATOM   318 C CD2 . HIS A 1 41  ? -7.305  0.844   8.077   1.00 26.42 ? 337 HIS A CD2 1 
ATOM   319 C CE1 . HIS A 1 41  ? -7.423  -0.720  9.613   1.00 23.36 ? 337 HIS A CE1 1 
ATOM   320 N NE2 . HIS A 1 41  ? -8.075  -0.172  8.599   1.00 28.58 ? 337 HIS A NE2 1 
ATOM   321 N N   . ASN A 1 42  ? -7.032  4.431   9.591   1.00 30.00 ? 338 ASN A N   1 
ATOM   322 C CA  . ASN A 1 42  ? -7.887  4.934   10.661  1.00 35.39 ? 338 ASN A CA  1 
ATOM   323 C C   . ASN A 1 42  ? -7.058  5.775   11.601  1.00 36.49 ? 338 ASN A C   1 
ATOM   324 O O   . ASN A 1 42  ? -7.128  5.585   12.826  1.00 34.44 ? 338 ASN A O   1 
ATOM   325 C CB  . ASN A 1 42  ? -8.513  3.779   11.457  1.00 36.33 ? 338 ASN A CB  1 
ATOM   326 C CG  . ASN A 1 42  ? -9.705  3.164   10.765  1.00 38.21 ? 338 ASN A CG  1 
ATOM   327 O OD1 . ASN A 1 42  ? -10.449 3.826   10.007  1.00 34.88 ? 338 ASN A OD1 1 
ATOM   328 N ND2 . ASN A 1 42  ? -9.920  1.891   11.049  1.00 38.60 ? 338 ASN A ND2 1 
ATOM   329 N N   . GLY A 1 43  ? -6.219  6.641   11.037  1.00 31.69 ? 339 GLY A N   1 
ATOM   330 C CA  . GLY A 1 43  ? -5.349  7.494   11.846  1.00 29.82 ? 339 GLY A CA  1 
ATOM   331 C C   . GLY A 1 43  ? -4.088  6.856   12.438  1.00 32.21 ? 339 GLY A C   1 
ATOM   332 O O   . GLY A 1 43  ? -3.207  7.561   12.914  1.00 33.26 ? 339 GLY A O   1 
ATOM   333 N N   . GLN A 1 44  ? -3.989  5.531   12.368  1.00 28.92 ? 340 GLN A N   1 
ATOM   334 C CA  . GLN A 1 44  ? -2.860  4.771   12.867  1.00 27.76 ? 340 GLN A CA  1 
ATOM   335 C C   . GLN A 1 44  ? -1.860  4.425   11.734  1.00 34.03 ? 340 GLN A C   1 
ATOM   336 O O   . GLN A 1 44  ? -2.240  4.244   10.571  1.00 29.72 ? 340 GLN A O   1 
ATOM   337 C CB  . GLN A 1 44  ? -3.380  3.457   13.492  1.00 34.27 ? 340 GLN A CB  1 
ATOM   338 C CG  . GLN A 1 44  ? -4.162  3.604   14.782  1.00 41.01 ? 340 GLN A CG  1 
ATOM   339 C CD  . GLN A 1 44  ? -3.418  4.511   15.778  1.00 50.23 ? 340 GLN A CD  1 
ATOM   340 O OE1 . GLN A 1 44  ? -2.254  4.253   16.160  1.00 48.55 ? 340 GLN A OE1 1 
ATOM   341 N NE2 . GLN A 1 44  ? -4.068  5.605   16.156  1.00 53.25 ? 340 GLN A NE2 1 
ATOM   342 N N   . PRO A 1 45  ? -0.558  4.334   12.061  1.00 36.24 ? 341 PRO A N   1 
ATOM   343 C CA  . PRO A 1 45  ? 0.473   3.990   11.070  1.00 34.82 ? 341 PRO A CA  1 
ATOM   344 C C   . PRO A 1 45  ? 0.233   2.579   10.510  1.00 32.21 ? 341 PRO A C   1 
ATOM   345 O O   . PRO A 1 45  ? 0.071   1.599   11.266  1.00 32.38 ? 341 PRO A O   1 
ATOM   346 C CB  . PRO A 1 45  ? 1.745   4.016   11.898  1.00 38.63 ? 341 PRO A CB  1 
ATOM   347 C CG  . PRO A 1 45  ? 1.442   5.097   12.916  1.00 38.78 ? 341 PRO A CG  1 
ATOM   348 C CD  . PRO A 1 45  ? 0.054   4.751   13.337  1.00 36.09 ? 341 PRO A CD  1 
ATOM   349 N N   . LEU A 1 46  ? 0.155   2.490   9.193   1.00 32.31 ? 342 LEU A N   1 
ATOM   350 C CA  . LEU A 1 46  ? -0.084  1.223   8.532   1.00 32.72 ? 342 LEU A CA  1 
ATOM   351 C C   . LEU A 1 46  ? 1.146   0.315   8.548   1.00 38.46 ? 342 LEU A C   1 
ATOM   352 O O   . LEU A 1 46  ? 2.255   0.760   8.199   1.00 36.35 ? 342 LEU A O   1 
ATOM   353 C CB  . LEU A 1 46  ? -0.487  1.477   7.076   1.00 32.00 ? 342 LEU A CB  1 
ATOM   354 C CG  . LEU A 1 46  ? -1.064  0.293   6.300   1.00 31.81 ? 342 LEU A CG  1 
ATOM   355 C CD1 . LEU A 1 46  ? -2.372  -0.151  6.881   1.00 27.18 ? 342 LEU A CD1 1 
ATOM   356 C CD2 . LEU A 1 46  ? -1.218  0.677   4.869   1.00 35.36 ? 342 LEU A CD2 1 
ATOM   357 N N   . ARG A 1 47  ? 0.953   -0.933  9.007   1.00 44.94 ? 343 ARG A N   1 
ATOM   358 C CA  . ARG A 1 47  ? 2.003   -1.980  9.009   1.00 46.14 ? 343 ARG A CA  1 
ATOM   359 C C   . ARG A 1 47  ? 1.953   -2.727  7.653   1.00 48.03 ? 343 ARG A C   1 
ATOM   360 O O   . ARG A 1 47  ? 0.961   -3.408  7.333   1.00 41.55 ? 343 ARG A O   1 
ATOM   361 C CB  . ARG A 1 47  ? 1.719   -3.024  10.078  1.00 41.38 ? 343 ARG A CB  1 
ATOM   362 C CG  . ARG A 1 47  ? 2.059   -2.670  11.447  1.00 33.18 ? 343 ARG A CG  1 
ATOM   363 C CD  . ARG A 1 47  ? 1.467   -3.786  12.314  1.00 37.81 ? 343 ARG A CD  1 
ATOM   364 N NE  . ARG A 1 47  ? 2.451   -4.744  12.791  1.00 42.93 ? 343 ARG A NE  1 
ATOM   365 C CZ  . ARG A 1 47  ? 2.265   -5.591  13.803  1.00 38.59 ? 343 ARG A CZ  1 
ATOM   366 N NH1 . ARG A 1 47  ? 1.100   -5.581  14.460  1.00 42.55 ? 343 ARG A NH1 1 
ATOM   367 N NH2 . ARG A 1 47  ? 3.199   -6.469  14.117  1.00 37.60 ? 343 ARG A NH2 1 
ATOM   368 N N   . GLU A 1 48  ? 2.989   -2.574  6.823   1.00 59.18 ? 344 GLU A N   1 
ATOM   369 C CA  . GLU A 1 48  ? 2.957   -3.266  5.534   1.00 65.74 ? 344 GLU A CA  1 
ATOM   370 C C   . GLU A 1 48  ? 3.601   -4.648  5.644   1.00 63.55 ? 344 GLU A C   1 
ATOM   371 O O   . GLU A 1 48  ? 4.312   -4.925  6.626   1.00 58.40 ? 344 GLU A O   1 
ATOM   372 C CB  . GLU A 1 48  ? 3.571   -2.434  4.405   1.00 74.74 ? 344 GLU A CB  1 
ATOM   373 C CG  . GLU A 1 48  ? 4.145   -1.067  4.834   1.00 85.28 ? 344 GLU A CG  1 
ATOM   374 C CD  . GLU A 1 48  ? 4.179   -0.029  3.699   1.00 89.29 ? 344 GLU A CD  1 
ATOM   375 O OE1 . GLU A 1 48  ? 4.798   -0.305  2.645   1.00 92.06 ? 344 GLU A OE1 1 
ATOM   376 O OE2 . GLU A 1 48  ? 3.575   1.058   3.866   1.00 87.61 ? 344 GLU A OE2 1 
ATOM   377 N N   . SER A 1 49  ? 3.350   -5.479  4.621   1.00 65.87 ? 345 SER A N   1 
ATOM   378 C CA  . SER A 1 49  ? 3.844   -6.866  4.593   1.00 65.36 ? 345 SER A CA  1 
ATOM   379 C C   . SER A 1 49  ? 3.834   -7.469  3.195   1.00 61.75 ? 345 SER A C   1 
ATOM   380 O O   . SER A 1 49  ? 4.304   -6.879  2.209   1.00 52.97 ? 345 SER A O   1 
ATOM   381 C CB  . SER A 1 49  ? 2.900   -7.697  5.470   1.00 63.78 ? 345 SER A CB  1 
ATOM   382 O OG  . SER A 1 49  ? 2.480   -6.939  6.605   1.00 66.25 ? 345 SER A OG  1 
ATOM   383 N N   . LYS A 1 50  ? 3.358   -8.703  3.136   1.00 66.69 ? 346 LYS A N   1 
ATOM   384 C CA  . LYS A 1 50  ? 3.219   -9.399  1.881   1.00 69.64 ? 346 LYS A CA  1 
ATOM   385 C C   . LYS A 1 50  ? 1.724   -9.253  1.511   1.00 63.96 ? 346 LYS A C   1 
ATOM   386 O O   . LYS A 1 50  ? 1.381   -9.275  0.310   1.00 68.70 ? 346 LYS A O   1 
ATOM   387 C CB  . LYS A 1 50  ? 3.666   -10.859 2.039   1.00 75.51 ? 346 LYS A CB  1 
ATOM   388 C CG  . LYS A 1 50  ? 4.343   -11.481 0.811   1.00 78.08 ? 346 LYS A CG  1 
ATOM   389 C CD  . LYS A 1 50  ? 4.731   -12.947 1.047   1.00 80.04 ? 346 LYS A CD  1 
ATOM   390 C CE  . LYS A 1 50  ? 3.551   -13.818 1.545   1.00 81.29 ? 346 LYS A CE  1 
ATOM   391 N NZ  . LYS A 1 50  ? 2.304   -13.741 0.699   1.00 80.61 ? 346 LYS A NZ  1 
ATOM   392 N N   . ILE A 1 51  ? 0.848   -9.132  2.526   1.00 45.82 ? 347 ILE A N   1 
ATOM   393 C CA  . ILE A 1 51  ? -0.580  -8.908  2.310   1.00 42.14 ? 347 ILE A CA  1 
ATOM   394 C C   . ILE A 1 51  ? -0.807  -7.439  1.900   1.00 29.95 ? 347 ILE A C   1 
ATOM   395 O O   . ILE A 1 51  ? -1.666  -7.188  1.103   1.00 30.60 ? 347 ILE A O   1 
ATOM   396 C CB  . ILE A 1 51  ? -1.478  -9.260  3.547   1.00 45.64 ? 347 ILE A CB  1 
ATOM   397 C CG1 . ILE A 1 51  ? -2.566  -8.170  3.868   1.00 46.11 ? 347 ILE A CG1 1 
ATOM   398 C CG2 . ILE A 1 51  ? -0.590  -9.415  4.769   1.00 51.36 ? 347 ILE A CG2 1 
ATOM   399 C CD1 . ILE A 1 51  ? -3.859  -7.981  2.944   1.00 28.91 ? 347 ILE A CD1 1 
ATOM   400 N N   . ILE A 1 52  ? -0.075  -6.493  2.503   1.00 23.53 ? 348 ILE A N   1 
ATOM   401 C CA  . ILE A 1 52  ? -0.208  -5.074  2.118   1.00 25.98 ? 348 ILE A CA  1 
ATOM   402 C C   . ILE A 1 52  ? 1.134   -4.596  1.539   1.00 23.64 ? 348 ILE A C   1 
ATOM   403 O O   . ILE A 1 52  ? 2.152   -4.618  2.207   1.00 29.36 ? 348 ILE A O   1 
ATOM   404 C CB  . ILE A 1 52  ? -0.596  -4.158  3.300   1.00 28.31 ? 348 ILE A CB  1 
ATOM   405 C CG1 . ILE A 1 52  ? -2.039  -4.378  3.693   1.00 30.06 ? 348 ILE A CG1 1 
ATOM   406 C CG2 . ILE A 1 52  ? -0.470  -2.720  2.891   1.00 33.24 ? 348 ILE A CG2 1 
ATOM   407 C CD1 . ILE A 1 52  ? -2.237  -5.064  5.042   1.00 35.27 ? 348 ILE A CD1 1 
ATOM   408 N N   . HIS A 1 53  ? 1.141   -4.166  0.295   1.00 19.66 ? 349 HIS A N   1 
ATOM   409 C CA  . HIS A 1 53  ? 2.382   -3.716  -0.347  1.00 19.32 ? 349 HIS A CA  1 
ATOM   410 C C   . HIS A 1 53  ? 2.103   -2.608  -1.386  1.00 17.57 ? 349 HIS A C   1 
ATOM   411 O O   . HIS A 1 53  ? 1.056   -2.551  -2.015  1.00 16.54 ? 349 HIS A O   1 
ATOM   412 C CB  . HIS A 1 53  ? 3.180   -4.917  -0.922  1.00 21.22 ? 349 HIS A CB  1 
ATOM   413 C CG  . HIS A 1 53  ? 2.460   -5.680  -1.990  1.00 30.24 ? 349 HIS A CG  1 
ATOM   414 N ND1 . HIS A 1 53  ? 2.812   -5.620  -3.327  1.00 34.88 ? 349 HIS A ND1 1 
ATOM   415 C CD2 . HIS A 1 53  ? 1.486   -6.616  -1.906  1.00 32.14 ? 349 HIS A CD2 1 
ATOM   416 C CE1 . HIS A 1 53  ? 2.104   -6.499  -4.009  1.00 34.65 ? 349 HIS A CE1 1 
ATOM   417 N NE2 . HIS A 1 53  ? 1.291   -7.117  -3.172  1.00 36.88 ? 349 HIS A NE2 1 
ATOM   418 N N   . VAL A 1 54  ? 2.982   -1.629  -1.418  1.00 19.63 ? 350 VAL A N   1 
ATOM   419 C CA  . VAL A 1 54  ? 2.843   -0.498  -2.284  1.00 21.76 ? 350 VAL A CA  1 
ATOM   420 C C   . VAL A 1 54  ? 3.623   -0.764  -3.550  1.00 26.44 ? 350 VAL A C   1 
ATOM   421 O O   . VAL A 1 54  ? 4.747   -1.192  -3.470  1.00 25.74 ? 350 VAL A O   1 
ATOM   422 C CB  . VAL A 1 54  ? 3.408   0.742   -1.578  1.00 21.54 ? 350 VAL A CB  1 
ATOM   423 C CG1 . VAL A 1 54  ? 3.117   1.976   -2.365  1.00 22.34 ? 350 VAL A CG1 1 
ATOM   424 C CG2 . VAL A 1 54  ? 2.794   0.885   -0.217  1.00 24.08 ? 350 VAL A CG2 1 
ATOM   425 N N   . GLU A 1 55  ? 3.024   -0.578  -4.723  1.00 24.92 ? 351 GLU A N   1 
ATOM   426 C CA  . GLU A 1 55  ? 3.768   -0.761  -5.955  1.00 23.82 ? 351 GLU A CA  1 
ATOM   427 C C   . GLU A 1 55  ? 3.761   0.534   -6.761  1.00 27.70 ? 351 GLU A C   1 
ATOM   428 O O   . GLU A 1 55  ? 2.739   1.189   -6.855  1.00 21.98 ? 351 GLU A O   1 
ATOM   429 C CB  . GLU A 1 55  ? 3.209   -1.918  -6.756  1.00 31.89 ? 351 GLU A CB  1 
ATOM   430 C CG  . GLU A 1 55  ? 3.360   -3.259  -6.018  1.00 41.98 ? 351 GLU A CG  1 
ATOM   431 C CD  . GLU A 1 55  ? 4.786   -3.575  -5.539  1.00 47.00 ? 351 GLU A CD  1 
ATOM   432 O OE1 . GLU A 1 55  ? 5.756   -3.055  -6.128  1.00 45.23 ? 351 GLU A OE1 1 
ATOM   433 O OE2 . GLU A 1 55  ? 4.934   -4.347  -4.560  1.00 46.86 ? 351 GLU A OE2 1 
ATOM   434 N N   . TYR A 1 56  ? 4.925   0.953   -7.268  1.00 27.25 ? 352 TYR A N   1 
ATOM   435 C CA  . TYR A 1 56  ? 5.014   2.184   -8.042  1.00 27.02 ? 352 TYR A CA  1 
ATOM   436 C C   . TYR A 1 56  ? 5.119   1.895   -9.498  1.00 29.71 ? 352 TYR A C   1 
ATOM   437 O O   . TYR A 1 56  ? 5.812   0.970   -9.904  1.00 34.60 ? 352 TYR A O   1 
ATOM   438 C CB  . TYR A 1 56  ? 6.220   3.034   -7.657  1.00 25.35 ? 352 TYR A CB  1 
ATOM   439 C CG  . TYR A 1 56  ? 6.170   3.563   -6.276  1.00 24.50 ? 352 TYR A CG  1 
ATOM   440 C CD1 . TYR A 1 56  ? 6.657   2.806   -5.220  1.00 23.88 ? 352 TYR A CD1 1 
ATOM   441 C CD2 . TYR A 1 56  ? 5.580   4.796   -6.006  1.00 25.26 ? 352 TYR A CD2 1 
ATOM   442 C CE1 . TYR A 1 56  ? 6.556   3.255   -3.913  1.00 25.40 ? 352 TYR A CE1 1 
ATOM   443 C CE2 . TYR A 1 56  ? 5.477   5.259   -4.705  1.00 27.50 ? 352 TYR A CE2 1 
ATOM   444 C CZ  . TYR A 1 56  ? 5.964   4.471   -3.658  1.00 27.60 ? 352 TYR A CZ  1 
ATOM   445 O OH  . TYR A 1 56  ? 5.858   4.881   -2.353  1.00 32.78 ? 352 TYR A OH  1 
ATOM   446 N N   . TYR A 1 57  ? 4.391   2.670   -10.280 1.00 23.97 ? 353 TYR A N   1 
ATOM   447 C CA  . TYR A 1 57  ? 4.419   2.548   -11.716 1.00 25.38 ? 353 TYR A CA  1 
ATOM   448 C C   . TYR A 1 57  ? 5.386   3.611   -12.198 1.00 26.25 ? 353 TYR A C   1 
ATOM   449 O O   . TYR A 1 57  ? 5.988   3.485   -13.240 1.00 30.98 ? 353 TYR A O   1 
ATOM   450 C CB  . TYR A 1 57  ? 2.977   2.616   -12.274 1.00 32.32 ? 353 TYR A CB  1 
ATOM   451 C CG  . TYR A 1 57  ? 2.201   1.395   -11.734 1.00 44.13 ? 353 TYR A CG  1 
ATOM   452 C CD1 . TYR A 1 57  ? 2.788   0.114   -11.812 1.00 47.30 ? 353 TYR A CD1 1 
ATOM   453 C CD2 . TYR A 1 57  ? 1.013   1.522   -10.981 1.00 46.30 ? 353 TYR A CD2 1 
ATOM   454 C CE1 . TYR A 1 57  ? 2.249   -0.980  -11.145 1.00 50.25 ? 353 TYR A CE1 1 
ATOM   455 C CE2 . TYR A 1 57  ? 0.457   0.400   -10.302 1.00 47.04 ? 353 TYR A CE2 1 
ATOM   456 C CZ  . TYR A 1 57  ? 1.096   -0.837  -10.391 1.00 51.57 ? 353 TYR A CZ  1 
ATOM   457 O OH  . TYR A 1 57  ? 0.658   -1.938  -9.686  1.00 55.30 ? 353 TYR A OH  1 
ATOM   458 N N   . GLN A 1 58  ? 5.699   4.536   -11.301 1.00 28.79 ? 354 GLN A N   1 
ATOM   459 C CA  . GLN A 1 58  ? 6.616   5.635   -11.569 1.00 27.87 ? 354 GLN A CA  1 
ATOM   460 C C   . GLN A 1 58  ? 6.839   6.434   -10.255 1.00 32.00 ? 354 GLN A C   1 
ATOM   461 O O   . GLN A 1 58  ? 5.935   6.524   -9.399  1.00 26.13 ? 354 GLN A O   1 
ATOM   462 C CB  . GLN A 1 58  ? 6.122   6.503   -12.768 1.00 28.26 ? 354 GLN A CB  1 
ATOM   463 C CG  . GLN A 1 58  ? 5.384   7.802   -12.473 1.00 27.84 ? 354 GLN A CG  1 
ATOM   464 C CD  . GLN A 1 58  ? 5.221   8.677   -13.720 1.00 27.46 ? 354 GLN A CD  1 
ATOM   465 O OE1 . GLN A 1 58  ? 6.031   9.527   -13.980 1.00 36.73 ? 354 GLN A OE1 1 
ATOM   466 N NE2 . GLN A 1 58  ? 4.175   8.472   -14.469 1.00 28.13 ? 354 GLN A NE2 1 
ATOM   467 N N   . GLU A 1 59  ? 8.085   6.878   -10.046 1.00 32.25 ? 355 GLU A N   1 
ATOM   468 C CA  . GLU A 1 59  ? 8.503   7.643   -8.868  1.00 37.03 ? 355 GLU A CA  1 
ATOM   469 C C   . GLU A 1 59  ? 9.158   8.953   -9.274  1.00 35.25 ? 355 GLU A C   1 
ATOM   470 O O   . GLU A 1 59  ? 9.527   9.128   -10.424 1.00 43.26 ? 355 GLU A O   1 
ATOM   471 C CB  . GLU A 1 59  ? 9.488   6.833   -8.033  1.00 42.95 ? 355 GLU A CB  1 
ATOM   472 C CG  . GLU A 1 59  ? 8.846   5.762   -7.207  1.00 47.81 ? 355 GLU A CG  1 
ATOM   473 C CD  . GLU A 1 59  ? 9.652   5.451   -5.953  1.00 52.95 ? 355 GLU A CD  1 
ATOM   474 O OE1 . GLU A 1 59  ? 9.598   6.256   -4.987  1.00 54.22 ? 355 GLU A OE1 1 
ATOM   475 O OE2 . GLU A 1 59  ? 10.331  4.395   -5.915  1.00 52.93 ? 355 GLU A OE2 1 
ATOM   476 N N   . GLY A 1 60  ? 9.337   9.859   -8.327  1.00 34.33 ? 356 GLY A N   1 
ATOM   477 C CA  . GLY A 1 60  ? 9.933   11.137  -8.677  1.00 33.74 ? 356 GLY A CA  1 
ATOM   478 C C   . GLY A 1 60  ? 8.949   12.262  -8.473  1.00 29.37 ? 356 GLY A C   1 
ATOM   479 O O   . GLY A 1 60  ? 8.186   12.200  -7.519  1.00 30.93 ? 356 GLY A O   1 
ATOM   480 N N   . GLU A 1 61  ? 9.085   13.337  -9.255  1.00 26.84 ? 357 GLU A N   1 
ATOM   481 C CA  . GLU A 1 61  ? 8.172   14.492  -9.187  1.00 35.02 ? 357 GLU A CA  1 
ATOM   482 C C   . GLU A 1 61  ? 6.716   14.013  -9.309  1.00 31.46 ? 357 GLU A C   1 
ATOM   483 O O   . GLU A 1 61  ? 5.809   14.614  -8.729  1.00 29.37 ? 357 GLU A O   1 
ATOM   484 C CB  . GLU A 1 61  ? 8.479   15.526  -10.286 1.00 39.26 ? 357 GLU A CB  1 
ATOM   485 C CG  . GLU A 1 61  ? 9.600   16.484  -9.949  1.00 43.39 ? 357 GLU A CG  1 
ATOM   486 C CD  . GLU A 1 61  ? 9.940   17.463  -11.072 1.00 46.32 ? 357 GLU A CD  1 
ATOM   487 O OE1 . GLU A 1 61  ? 9.071   18.298  -11.459 1.00 41.31 ? 357 GLU A OE1 1 
ATOM   488 O OE2 . GLU A 1 61  ? 11.109  17.419  -11.531 1.00 50.07 ? 357 GLU A OE2 1 
ATOM   489 N N   . ILE A 1 62  ? 6.478   13.036  -10.172 1.00 25.30 ? 358 ILE A N   1 
ATOM   490 C CA  . ILE A 1 62  ? 5.151   12.452  -10.255 1.00 28.43 ? 358 ILE A CA  1 
ATOM   491 C C   . ILE A 1 62  ? 5.317   11.005  -9.733  1.00 30.16 ? 358 ILE A C   1 
ATOM   492 O O   . ILE A 1 62  ? 6.145   10.255  -10.241 1.00 28.50 ? 358 ILE A O   1 
ATOM   493 C CB  . ILE A 1 62  ? 4.591   12.463  -11.672 1.00 28.54 ? 358 ILE A CB  1 
ATOM   494 C CG1 . ILE A 1 62  ? 4.489   13.892  -12.151 1.00 33.55 ? 358 ILE A CG1 1 
ATOM   495 C CG2 . ILE A 1 62  ? 3.180   11.894  -11.680 1.00 25.54 ? 358 ILE A CG2 1 
ATOM   496 C CD1 . ILE A 1 62  ? 4.107   13.993  -13.578 1.00 39.98 ? 358 ILE A CD1 1 
ATOM   497 N N   . SER A 1 63  ? 4.630   10.680  -8.635  1.00 26.27 ? 359 SER A N   1 
ATOM   498 C CA  . SER A 1 63  ? 4.651   9.351   -8.024  1.00 27.69 ? 359 SER A CA  1 
ATOM   499 C C   . SER A 1 63  ? 3.267   8.809   -8.317  1.00 26.36 ? 359 SER A C   1 
ATOM   500 O O   . SER A 1 63  ? 2.253   9.438   -7.986  1.00 23.54 ? 359 SER A O   1 
ATOM   501 C CB  . SER A 1 63  ? 4.846   9.428   -6.500  1.00 37.87 ? 359 SER A CB  1 
ATOM   502 O OG  . SER A 1 63  ? 6.205   9.584   -6.149  1.00 50.07 ? 359 SER A OG  1 
ATOM   503 N N   . GLU A 1 64  ? 3.217   7.648   -8.948  1.00 22.76 ? 360 GLU A N   1 
ATOM   504 C CA  . GLU A 1 64  ? 1.943   7.029   -9.308  1.00 30.46 ? 360 GLU A CA  1 
ATOM   505 C C   . GLU A 1 64  ? 1.989   5.550   -8.911  1.00 29.63 ? 360 GLU A C   1 
ATOM   506 O O   . GLU A 1 64  ? 3.064   4.918   -8.977  1.00 22.36 ? 360 GLU A O   1 
ATOM   507 C CB  . GLU A 1 64  ? 1.796   7.146   -10.816 1.00 32.86 ? 360 GLU A CB  1 
ATOM   508 C CG  . GLU A 1 64  ? 0.413   6.995   -11.429 1.00 40.52 ? 360 GLU A CG  1 
ATOM   509 C CD  . GLU A 1 64  ? 0.397   7.624   -12.841 1.00 47.77 ? 360 GLU A CD  1 
ATOM   510 O OE1 . GLU A 1 64  ? 0.300   8.889   -12.960 1.00 47.29 ? 360 GLU A OE1 1 
ATOM   511 O OE2 . GLU A 1 64  ? 0.551   6.860   -13.825 1.00 50.44 ? 360 GLU A OE2 1 
ATOM   512 N N   . GLY A 1 65  ? 0.874   5.014   -8.419  1.00 24.68 ? 361 GLY A N   1 
ATOM   513 C CA  . GLY A 1 65  ? 0.878   3.606   -8.078  1.00 24.90 ? 361 GLY A CA  1 
ATOM   514 C C   . GLY A 1 65  ? -0.283  3.090   -7.291  1.00 22.54 ? 361 GLY A C   1 
ATOM   515 O O   . GLY A 1 65  ? -1.316  3.739   -7.194  1.00 18.53 ? 361 GLY A O   1 
ATOM   516 N N   . CYS A 1 66  ? -0.090  1.918   -6.700  1.00 18.37 ? 362 CYS A N   1 
ATOM   517 C CA  . CYS A 1 66  ? -1.120  1.316   -5.905  1.00 17.93 ? 362 CYS A CA  1 
ATOM   518 C C   . CYS A 1 66  ? -0.691  0.821   -4.524  1.00 18.53 ? 362 CYS A C   1 
ATOM   519 O O   . CYS A 1 66  ? 0.403   0.288   -4.379  1.00 18.35 ? 362 CYS A O   1 
ATOM   520 C CB  . CYS A 1 66  ? -1.635  0.067   -6.623  1.00 27.78 ? 362 CYS A CB  1 
ATOM   521 S SG  . CYS A 1 66  ? -2.790  0.287   -8.019  1.00 42.20 ? 362 CYS A SG  1 
ATOM   522 N N   . LEU A 1 67  ? -1.536  1.029   -3.510  1.00 15.11 ? 363 LEU A N   1 
ATOM   523 C CA  . LEU A 1 67  ? -1.305  0.398   -2.218  1.00 16.15 ? 363 LEU A CA  1 
ATOM   524 C C   . LEU A 1 67  ? -2.168  -0.889  -2.457  1.00 19.55 ? 363 LEU A C   1 
ATOM   525 O O   . LEU A 1 67  ? -3.379  -0.811  -2.713  1.00 19.11 ? 363 LEU A O   1 
ATOM   526 C CB  . LEU A 1 67  ? -1.813  1.246   -1.049  1.00 16.61 ? 363 LEU A CB  1 
ATOM   527 C CG  . LEU A 1 67  ? -1.890  0.488   0.277   1.00 18.16 ? 363 LEU A CG  1 
ATOM   528 C CD1 . LEU A 1 67  ? -0.512  0.216   0.822   1.00 25.42 ? 363 LEU A CD1 1 
ATOM   529 C CD2 . LEU A 1 67  ? -2.708  1.245   1.283   1.00 14.88 ? 363 LEU A CD2 1 
ATOM   530 N N   . LEU A 1 68  ? -1.523  -2.052  -2.464  1.00 20.54 ? 364 LEU A N   1 
ATOM   531 C CA  . LEU A 1 68  ? -2.185  -3.311  -2.771  1.00 16.31 ? 364 LEU A CA  1 
ATOM   532 C C   . LEU A 1 68  ? -2.530  -4.208  -1.608  1.00 19.05 ? 364 LEU A C   1 
ATOM   533 O O   . LEU A 1 68  ? -1.765  -4.363  -0.666  1.00 20.14 ? 364 LEU A O   1 
ATOM   534 C CB  . LEU A 1 68  ? -1.312  -4.088  -3.730  1.00 18.77 ? 364 LEU A CB  1 
ATOM   535 C CG  . LEU A 1 68  ? -1.169  -3.524  -5.134  1.00 24.51 ? 364 LEU A CG  1 
ATOM   536 C CD1 . LEU A 1 68  ? -0.093  -4.278  -5.811  1.00 25.92 ? 364 LEU A CD1 1 
ATOM   537 C CD2 . LEU A 1 68  ? -2.465  -3.674  -5.926  1.00 22.83 ? 364 LEU A CD2 1 
ATOM   538 N N   . PHE A 1 69  ? -3.674  -4.862  -1.700  1.00 21.29 ? 365 PHE A N   1 
ATOM   539 C CA  . PHE A 1 69  ? -4.122  -5.750  -0.627  1.00 21.11 ? 365 PHE A CA  1 
ATOM   540 C C   . PHE A 1 69  ? -4.337  -7.157  -1.151  1.00 24.74 ? 365 PHE A C   1 
ATOM   541 O O   . PHE A 1 69  ? -5.151  -7.361  -2.033  1.00 25.44 ? 365 PHE A O   1 
ATOM   542 C CB  . PHE A 1 69  ? -5.452  -5.241  -0.052  1.00 22.89 ? 365 PHE A CB  1 
ATOM   543 C CG  . PHE A 1 69  ? -5.355  -3.893  0.610   1.00 18.03 ? 365 PHE A CG  1 
ATOM   544 C CD1 . PHE A 1 69  ? -5.334  -2.729  -0.161  1.00 22.25 ? 365 PHE A CD1 1 
ATOM   545 C CD2 . PHE A 1 69  ? -5.194  -3.791  1.998   1.00 19.54 ? 365 PHE A CD2 1 
ATOM   546 C CE1 . PHE A 1 69  ? -5.158  -1.474  0.421   1.00 22.15 ? 365 PHE A CE1 1 
ATOM   547 C CE2 . PHE A 1 69  ? -5.012  -2.520  2.613   1.00 19.14 ? 365 PHE A CE2 1 
ATOM   548 C CZ  . PHE A 1 69  ? -4.986  -1.371  1.808   1.00 19.22 ? 365 PHE A CZ  1 
ATOM   549 N N   . ASN A 1 70  ? -3.556  -8.111  -0.659  1.00 30.05 ? 366 ASN A N   1 
ATOM   550 C CA  . ASN A 1 70  ? -3.717  -9.493  -1.060  1.00 28.30 ? 366 ASN A CA  1 
ATOM   551 C C   . ASN A 1 70  ? -4.462  -10.191 0.073   1.00 22.09 ? 366 ASN A C   1 
ATOM   552 O O   . ASN A 1 70  ? -3.976  -10.283 1.193   1.00 35.73 ? 366 ASN A O   1 
ATOM   553 C CB  . ASN A 1 70  ? -2.364  -10.132 -1.267  1.00 34.12 ? 366 ASN A CB  1 
ATOM   554 C CG  . ASN A 1 70  ? -2.468  -11.584 -1.731  1.00 45.50 ? 366 ASN A CG  1 
ATOM   555 O OD1 . ASN A 1 70  ? -3.531  -12.056 -2.145  1.00 46.31 ? 366 ASN A OD1 1 
ATOM   556 N ND2 . ASN A 1 70  ? -1.364  -12.313 -1.613  1.00 52.90 ? 366 ASN A ND2 1 
ATOM   557 N N   . LYS A 1 71  ? -5.690  -10.574 -0.190  1.00 28.88 ? 367 LYS A N   1 
ATOM   558 C CA  . LYS A 1 71  ? -6.536  -11.247 0.773   1.00 27.18 ? 367 LYS A CA  1 
ATOM   559 C C   . LYS A 1 71  ? -6.758  -10.436 2.033   1.00 19.86 ? 367 LYS A C   1 
ATOM   560 O O   . LYS A 1 71  ? -6.302  -10.791 3.107   1.00 27.28 ? 367 LYS A O   1 
ATOM   561 C CB  . LYS A 1 71  ? -6.000  -12.664 1.073   1.00 36.66 ? 367 LYS A CB  1 
ATOM   562 C CG  . LYS A 1 71  ? -6.073  -13.596 -0.149  1.00 42.51 ? 367 LYS A CG  1 
ATOM   563 C CD  . LYS A 1 71  ? -5.680  -15.020 0.166   1.00 50.20 ? 367 LYS A CD  1 
ATOM   564 C CE  . LYS A 1 71  ? -4.232  -15.308 -0.283  1.00 61.35 ? 367 LYS A CE  1 
ATOM   565 N NZ  . LYS A 1 71  ? -3.310  -15.613 0.875   1.00 67.84 ? 367 LYS A NZ  1 
ATOM   566 N N   . PRO A 1 72  ? -7.369  -9.263  1.890   1.00 18.12 ? 368 PRO A N   1 
ATOM   567 C CA  . PRO A 1 72  ? -7.632  -8.424  3.067   1.00 21.59 ? 368 PRO A CA  1 
ATOM   568 C C   . PRO A 1 72  ? -8.780  -9.058  3.918   1.00 26.90 ? 368 PRO A C   1 
ATOM   569 O O   . PRO A 1 72  ? -9.515  -9.901  3.441   1.00 24.06 ? 368 PRO A O   1 
ATOM   570 C CB  . PRO A 1 72  ? -8.067  -7.089  2.428   1.00 17.49 ? 368 PRO A CB  1 
ATOM   571 C CG  . PRO A 1 72  ? -8.743  -7.530  1.153   1.00 16.07 ? 368 PRO A CG  1 
ATOM   572 C CD  . PRO A 1 72  ? -7.792  -8.603  0.646   1.00 15.85 ? 368 PRO A CD  1 
ATOM   573 N N   . THR A 1 73  ? -8.928  -8.661  5.173   1.00 28.37 ? 369 THR A N   1 
ATOM   574 C CA  . THR A 1 73  ? -10.028 -9.168  5.995   1.00 25.50 ? 369 THR A CA  1 
ATOM   575 C C   . THR A 1 73  ? -10.907 -7.939  6.312   1.00 28.68 ? 369 THR A C   1 
ATOM   576 O O   . THR A 1 73  ? -10.733 -6.899  5.677   1.00 31.69 ? 369 THR A O   1 
ATOM   577 C CB  . THR A 1 73  ? -9.494  -9.839  7.307   1.00 30.29 ? 369 THR A CB  1 
ATOM   578 O OG1 . THR A 1 73  ? -8.932  -8.857  8.193   1.00 31.35 ? 369 THR A OG1 1 
ATOM   579 C CG2 . THR A 1 73  ? -8.407  -10.911 6.994   1.00 28.38 ? 369 THR A CG2 1 
ATOM   580 N N   . HIS A 1 74  ? -11.862 -8.032  7.240   1.00 29.38 ? 370 HIS A N   1 
ATOM   581 C CA  . HIS A 1 74  ? -12.707 -6.871  7.602   1.00 29.89 ? 370 HIS A CA  1 
ATOM   582 C C   . HIS A 1 74  ? -11.903 -5.870  8.416   1.00 23.14 ? 370 HIS A C   1 
ATOM   583 O O   . HIS A 1 74  ? -12.233 -4.705  8.472   1.00 27.60 ? 370 HIS A O   1 
ATOM   584 C CB  . HIS A 1 74  ? -13.956 -7.291  8.382   1.00 35.16 ? 370 HIS A CB  1 
ATOM   585 C CG  . HIS A 1 74  ? -13.663 -7.921  9.710   1.00 39.28 ? 370 HIS A CG  1 
ATOM   586 N ND1 . HIS A 1 74  ? -13.657 -9.286  9.908   1.00 39.88 ? 370 HIS A ND1 1 
ATOM   587 C CD2 . HIS A 1 74  ? -13.386 -7.371  10.919  1.00 43.63 ? 370 HIS A CD2 1 
ATOM   588 C CE1 . HIS A 1 74  ? -13.390 -9.551  11.174  1.00 41.49 ? 370 HIS A CE1 1 
ATOM   589 N NE2 . HIS A 1 74  ? -13.221 -8.408  11.809  1.00 44.34 ? 370 HIS A NE2 1 
ATOM   590 N N   . TYR A 1 75  ? -10.823 -6.341  9.016   1.00 25.74 ? 371 TYR A N   1 
ATOM   591 C CA  . TYR A 1 75  ? -9.925  -5.492  9.787   1.00 30.79 ? 371 TYR A CA  1 
ATOM   592 C C   . TYR A 1 75  ? -9.228  -4.466  8.872   1.00 30.18 ? 371 TYR A C   1 
ATOM   593 O O   . TYR A 1 75  ? -8.656  -3.502  9.352   1.00 27.78 ? 371 TYR A O   1 
ATOM   594 C CB  . TYR A 1 75  ? -8.857  -6.335  10.503  1.00 35.04 ? 371 TYR A CB  1 
ATOM   595 C CG  . TYR A 1 75  ? -9.281  -6.999  11.811  1.00 43.05 ? 371 TYR A CG  1 
ATOM   596 C CD1 . TYR A 1 75  ? -9.995  -6.293  12.788  1.00 47.68 ? 371 TYR A CD1 1 
ATOM   597 C CD2 . TYR A 1 75  ? -8.910  -8.320  12.104  1.00 46.23 ? 371 TYR A CD2 1 
ATOM   598 C CE1 . TYR A 1 75  ? -10.327 -6.891  14.033  1.00 46.78 ? 371 TYR A CE1 1 
ATOM   599 C CE2 . TYR A 1 75  ? -9.238  -8.920  13.339  1.00 42.78 ? 371 TYR A CE2 1 
ATOM   600 C CZ  . TYR A 1 75  ? -9.940  -8.194  14.290  1.00 42.47 ? 371 TYR A CZ  1 
ATOM   601 O OH  . TYR A 1 75  ? -10.254 -8.749  15.499  1.00 41.58 ? 371 TYR A OH  1 
ATOM   602 N N   . ASN A 1 76  ? -9.209  -4.714  7.565   1.00 27.30 ? 372 ASN A N   1 
ATOM   603 C CA  . ASN A 1 76  ? -8.609  -3.783  6.619   1.00 22.33 ? 372 ASN A CA  1 
ATOM   604 C C   . ASN A 1 76  ? -9.592  -2.673  6.270   1.00 25.22 ? 372 ASN A C   1 
ATOM   605 O O   . ASN A 1 76  ? -9.235  -1.690  5.615   1.00 32.60 ? 372 ASN A O   1 
ATOM   606 C CB  . ASN A 1 76  ? -8.114  -4.501  5.357   1.00 20.87 ? 372 ASN A CB  1 
ATOM   607 C CG  . ASN A 1 76  ? -6.921  -5.374  5.640   1.00 27.60 ? 372 ASN A CG  1 
ATOM   608 O OD1 . ASN A 1 76  ? -7.002  -6.601  5.665   1.00 30.00 ? 372 ASN A OD1 1 
ATOM   609 N ND2 . ASN A 1 76  ? -5.789  -4.741  5.861   1.00 35.60 ? 372 ASN A ND2 1 
ATOM   610 N N   . ASN A 1 77  ? -10.834 -2.818  6.724   1.00 23.15 ? 373 ASN A N   1 
ATOM   611 C CA  . ASN A 1 77  ? -11.851 -1.803  6.483   1.00 22.67 ? 373 ASN A CA  1 
ATOM   612 C C   . ASN A 1 77  ? -11.491 -0.490  7.233   1.00 27.32 ? 373 ASN A C   1 
ATOM   613 O O   . ASN A 1 77  ? -10.746 -0.484  8.232   1.00 20.90 ? 373 ASN A O   1 
ATOM   614 C CB  . ASN A 1 77  ? -13.220 -2.276  6.943   1.00 16.61 ? 373 ASN A CB  1 
ATOM   615 C CG  . ASN A 1 77  ? -13.804 -3.367  6.070   1.00 24.14 ? 373 ASN A CG  1 
ATOM   616 O OD1 . ASN A 1 77  ? -13.306 -3.694  4.993   1.00 28.78 ? 373 ASN A OD1 1 
ATOM   617 N ND2 . ASN A 1 77  ? -14.859 -3.976  6.559   1.00 29.33 ? 373 ASN A ND2 1 
ATOM   618 N N   . GLY A 1 78  ? -11.926 0.627   6.659   1.00 21.50 ? 374 GLY A N   1 
ATOM   619 C CA  . GLY A 1 78  ? -11.699 1.912   7.268   1.00 18.40 ? 374 GLY A CA  1 
ATOM   620 C C   . GLY A 1 78  ? -11.057 2.956   6.398   1.00 19.22 ? 374 GLY A C   1 
ATOM   621 O O   . GLY A 1 78  ? -10.890 2.805   5.191   1.00 25.06 ? 374 GLY A O   1 
ATOM   622 N N   . ASN A 1 79  ? -10.636 4.022   7.066   1.00 20.14 ? 375 ASN A N   1 
ATOM   623 C CA  . ASN A 1 79  ? -10.004 5.149   6.424   1.00 26.63 ? 375 ASN A CA  1 
ATOM   624 C C   . ASN A 1 79  ? -8.550  4.917   6.136   1.00 26.54 ? 375 ASN A C   1 
ATOM   625 O O   . ASN A 1 79  ? -7.839  4.352   6.943   1.00 24.26 ? 375 ASN A O   1 
ATOM   626 C CB  . ASN A 1 79  ? -10.141 6.391   7.312   1.00 34.55 ? 375 ASN A CB  1 
ATOM   627 C CG  . ASN A 1 79  ? -11.607 6.776   7.567   1.00 42.10 ? 375 ASN A CG  1 
ATOM   628 O OD1 . ASN A 1 79  ? -12.445 6.816   6.637   1.00 38.28 ? 375 ASN A OD1 1 
ATOM   629 N ND2 . ASN A 1 79  ? -11.930 7.047   8.829   1.00 44.11 ? 375 ASN A ND2 1 
ATOM   630 N N   . TYR A 1 80  ? -8.114  5.330   4.955   1.00 25.10 ? 376 TYR A N   1 
ATOM   631 C CA  . TYR A 1 80  ? -6.712  5.239   4.570   1.00 23.60 ? 376 TYR A CA  1 
ATOM   632 C C   . TYR A 1 80  ? -6.321  6.663   4.201   1.00 19.74 ? 376 TYR A C   1 
ATOM   633 O O   . TYR A 1 80  ? -6.968  7.283   3.349   1.00 20.20 ? 376 TYR A O   1 
ATOM   634 C CB  . TYR A 1 80  ? -6.513  4.265   3.386   1.00 21.47 ? 376 TYR A CB  1 
ATOM   635 C CG  . TYR A 1 80  ? -6.597  2.827   3.795   1.00 17.14 ? 376 TYR A CG  1 
ATOM   636 C CD1 . TYR A 1 80  ? -7.824  2.153   3.845   1.00 15.05 ? 376 TYR A CD1 1 
ATOM   637 C CD2 . TYR A 1 80  ? -5.463  2.163   4.232   1.00 17.78 ? 376 TYR A CD2 1 
ATOM   638 C CE1 . TYR A 1 80  ? -7.898  0.859   4.324   1.00 14.59 ? 376 TYR A CE1 1 
ATOM   639 C CE2 . TYR A 1 80  ? -5.528  0.889   4.709   1.00 16.25 ? 376 TYR A CE2 1 
ATOM   640 C CZ  . TYR A 1 80  ? -6.743  0.246   4.769   1.00 14.97 ? 376 TYR A CZ  1 
ATOM   641 O OH  . TYR A 1 80  ? -6.761  -0.999  5.345   1.00 19.93 ? 376 TYR A OH  1 
ATOM   642 N N   . THR A 1 81  ? -5.240  7.136   4.814   1.00 18.32 ? 377 THR A N   1 
ATOM   643 C CA  . THR A 1 81  ? -4.732  8.476   4.610   1.00 19.90 ? 377 THR A CA  1 
ATOM   644 C C   . THR A 1 81  ? -3.360  8.424   4.022   1.00 21.70 ? 377 THR A C   1 
ATOM   645 O O   . THR A 1 81  ? -2.520  7.650   4.472   1.00 25.99 ? 377 THR A O   1 
ATOM   646 C CB  . THR A 1 81  ? -4.597  9.213   5.955   1.00 20.53 ? 377 THR A CB  1 
ATOM   647 O OG1 . THR A 1 81  ? -5.854  9.199   6.639   1.00 24.06 ? 377 THR A OG1 1 
ATOM   648 C CG2 . THR A 1 81  ? -4.134  10.631  5.759   1.00 16.46 ? 377 THR A CG2 1 
ATOM   649 N N   . LEU A 1 82  ? -3.126  9.256   3.021   1.00 18.97 ? 378 LEU A N   1 
ATOM   650 C CA  . LEU A 1 82  ? -1.836  9.323   2.416   1.00 19.05 ? 378 LEU A CA  1 
ATOM   651 C C   . LEU A 1 82  ? -1.288  10.686  2.712   1.00 21.95 ? 378 LEU A C   1 
ATOM   652 O O   . LEU A 1 82  ? -1.863  11.724  2.283   1.00 25.62 ? 378 LEU A O   1 
ATOM   653 C CB  . LEU A 1 82  ? -1.941  9.092   0.913   1.00 21.31 ? 378 LEU A CB  1 
ATOM   654 C CG  . LEU A 1 82  ? -0.691  9.300   0.075   1.00 20.93 ? 378 LEU A CG  1 
ATOM   655 C CD1 . LEU A 1 82  ? 0.467   8.387   0.468   1.00 16.21 ? 378 LEU A CD1 1 
ATOM   656 C CD2 . LEU A 1 82  ? -1.115  9.062   -1.362  1.00 21.58 ? 378 LEU A CD2 1 
ATOM   657 N N   . ILE A 1 83  ? -0.186  10.671  3.469   1.00 25.13 ? 379 ILE A N   1 
ATOM   658 C CA  . ILE A 1 83  ? 0.536   11.889  3.860   1.00 24.27 ? 379 ILE A CA  1 
ATOM   659 C C   . ILE A 1 83  ? 1.790   11.962  2.964   1.00 24.60 ? 379 ILE A C   1 
ATOM   660 O O   . ILE A 1 83  ? 2.486   10.963  2.788   1.00 21.23 ? 379 ILE A O   1 
ATOM   661 C CB  . ILE A 1 83  ? 0.994   11.811  5.332   1.00 25.00 ? 379 ILE A CB  1 
ATOM   662 C CG1 . ILE A 1 83  ? -0.201  11.709  6.257   1.00 24.31 ? 379 ILE A CG1 1 
ATOM   663 C CG2 . ILE A 1 83  ? 1.856   13.016  5.693   1.00 28.29 ? 379 ILE A CG2 1 
ATOM   664 C CD1 . ILE A 1 83  ? 0.145   10.930  7.501   1.00 31.09 ? 379 ILE A CD1 1 
ATOM   665 N N   . ALA A 1 84  ? 2.000   13.106  2.326   1.00 24.58 ? 380 ALA A N   1 
ATOM   666 C CA  . ALA A 1 84  ? 3.147   13.301  1.458   1.00 30.73 ? 380 ALA A CA  1 
ATOM   667 C C   . ALA A 1 84  ? 3.813   14.598  1.916   1.00 38.42 ? 380 ALA A C   1 
ATOM   668 O O   . ALA A 1 84  ? 3.143   15.650  2.000   1.00 34.36 ? 380 ALA A O   1 
ATOM   669 C CB  . ALA A 1 84  ? 2.684   13.428  0.002   1.00 21.32 ? 380 ALA A CB  1 
ATOM   670 N N   . LYS A 1 85  ? 5.121   14.539  2.194   1.00 41.81 ? 381 LYS A N   1 
ATOM   671 C CA  . LYS A 1 85  ? 5.867   15.722  2.652   1.00 45.28 ? 381 LYS A CA  1 
ATOM   672 C C   . LYS A 1 85  ? 7.202   15.968  1.948   1.00 38.31 ? 381 LYS A C   1 
ATOM   673 O O   . LYS A 1 85  ? 7.914   15.034  1.558   1.00 26.70 ? 381 LYS A O   1 
ATOM   674 C CB  . LYS A 1 85  ? 6.135   15.683  4.175   1.00 52.33 ? 381 LYS A CB  1 
ATOM   675 C CG  . LYS A 1 85  ? 6.748   16.984  4.745   1.00 59.95 ? 381 LYS A CG  1 
ATOM   676 C CD  . LYS A 1 85  ? 7.741   16.748  5.907   1.00 67.11 ? 381 LYS A CD  1 
ATOM   677 C CE  . LYS A 1 85  ? 7.478   17.655  7.138   1.00 70.36 ? 381 LYS A CE  1 
ATOM   678 N NZ  . LYS A 1 85  ? 6.542   17.043  8.152   1.00 71.53 ? 381 LYS A NZ  1 
ATOM   679 N N   . ASN A 1 86  ? 7.491   17.258  1.767   1.00 39.93 ? 382 ASN A N   1 
ATOM   680 C CA  . ASN A 1 86  ? 8.739   17.765  1.195   1.00 38.55 ? 382 ASN A CA  1 
ATOM   681 C C   . ASN A 1 86  ? 9.077   19.081  1.954   1.00 42.76 ? 382 ASN A C   1 
ATOM   682 O O   . ASN A 1 86  ? 8.242   19.635  2.681   1.00 36.48 ? 382 ASN A O   1 
ATOM   683 C CB  . ASN A 1 86  ? 8.695   17.878  -0.357  1.00 25.06 ? 382 ASN A CB  1 
ATOM   684 C CG  . ASN A 1 86  ? 8.084   19.166  -0.872  1.00 37.33 ? 382 ASN A CG  1 
ATOM   685 O OD1 . ASN A 1 86  ? 7.659   20.022  -0.109  1.00 46.63 ? 382 ASN A OD1 1 
ATOM   686 N ND2 . ASN A 1 86  ? 8.014   19.296  -2.206  1.00 36.90 ? 382 ASN A ND2 1 
ATOM   687 N N   . PRO A 1 87  ? 10.328  19.545  1.869   1.00 45.77 ? 383 PRO A N   1 
ATOM   688 C CA  . PRO A 1 87  ? 10.694  20.768  2.571   1.00 46.71 ? 383 PRO A CA  1 
ATOM   689 C C   . PRO A 1 87  ? 9.803   21.989  2.351   1.00 51.56 ? 383 PRO A C   1 
ATOM   690 O O   . PRO A 1 87  ? 9.912   22.974  3.120   1.00 48.69 ? 383 PRO A O   1 
ATOM   691 C CB  . PRO A 1 87  ? 12.128  20.994  2.112   1.00 45.35 ? 383 PRO A CB  1 
ATOM   692 C CG  . PRO A 1 87  ? 12.649  19.604  2.052   1.00 45.22 ? 383 PRO A CG  1 
ATOM   693 C CD  . PRO A 1 87  ? 11.524  18.908  1.300   1.00 49.65 ? 383 PRO A CD  1 
ATOM   694 N N   . LEU A 1 88  ? 9.009   21.997  1.280   1.00 48.24 ? 384 LEU A N   1 
ATOM   695 C CA  . LEU A 1 88  ? 8.125   23.149  1.067   1.00 53.04 ? 384 LEU A CA  1 
ATOM   696 C C   . LEU A 1 88  ? 6.737   22.939  1.657   1.00 47.46 ? 384 LEU A C   1 
ATOM   697 O O   . LEU A 1 88  ? 5.943   23.885  1.740   1.00 43.14 ? 384 LEU A O   1 
ATOM   698 C CB  . LEU A 1 88  ? 8.029   23.584  -0.414  1.00 59.57 ? 384 LEU A CB  1 
ATOM   699 C CG  . LEU A 1 88  ? 9.171   24.420  -1.030  1.00 61.80 ? 384 LEU A CG  1 
ATOM   700 C CD1 . LEU A 1 88  ? 10.340  23.468  -1.377  1.00 63.86 ? 384 LEU A CD1 1 
ATOM   701 C CD2 . LEU A 1 88  ? 8.704   25.192  -2.287  1.00 60.45 ? 384 LEU A CD2 1 
ATOM   702 N N   . GLY A 1 89  ? 6.456   21.719  2.103   1.00 45.84 ? 385 GLY A N   1 
ATOM   703 C CA  . GLY A 1 89  ? 5.150   21.460  2.672   1.00 45.08 ? 385 GLY A CA  1 
ATOM   704 C C   . GLY A 1 89  ? 4.801   20.013  2.946   1.00 45.24 ? 385 GLY A C   1 
ATOM   705 O O   . GLY A 1 89  ? 5.634   19.097  2.894   1.00 40.66 ? 385 GLY A O   1 
ATOM   706 N N   . THR A 1 90  ? 3.544   19.822  3.321   1.00 49.01 ? 386 THR A N   1 
ATOM   707 C CA  . THR A 1 90  ? 2.996   18.498  3.612   1.00 43.23 ? 386 THR A CA  1 
ATOM   708 C C   . THR A 1 90  ? 1.590   18.485  3.002   1.00 36.38 ? 386 THR A C   1 
ATOM   709 O O   . THR A 1 90  ? 1.067   19.524  2.578   1.00 39.05 ? 386 THR A O   1 
ATOM   710 C CB  . THR A 1 90  ? 2.968   18.175  5.152   1.00 42.00 ? 386 THR A CB  1 
ATOM   711 O OG1 . THR A 1 90  ? 2.007   18.992  5.803   1.00 48.61 ? 386 THR A OG1 1 
ATOM   712 C CG2 . THR A 1 90  ? 4.280   18.512  5.805   1.00 44.54 ? 386 THR A CG2 1 
ATOM   713 N N   . ALA A 1 91  ? 1.097   17.290  2.735   1.00 32.14 ? 387 ALA A N   1 
ATOM   714 C CA  . ALA A 1 91  ? -0.237  17.143  2.193   1.00 28.23 ? 387 ALA A CA  1 
ATOM   715 C C   . ALA A 1 91  ? -0.767  15.800  2.664   1.00 29.04 ? 387 ALA A C   1 
ATOM   716 O O   . ALA A 1 91  ? 0.018   14.873  2.912   1.00 31.63 ? 387 ALA A O   1 
ATOM   717 C CB  . ALA A 1 91  ? -0.234  17.219  0.697   1.00 23.85 ? 387 ALA A CB  1 
ATOM   718 N N   . ASN A 1 92  ? -2.085  15.736  2.887   1.00 27.13 ? 388 ASN A N   1 
ATOM   719 C CA  . ASN A 1 92  ? -2.738  14.500  3.312   1.00 26.29 ? 388 ASN A CA  1 
ATOM   720 C C   . ASN A 1 92  ? -4.152  14.410  2.774   1.00 30.84 ? 388 ASN A C   1 
ATOM   721 O O   . ASN A 1 92  ? -4.829  15.425  2.631   1.00 31.04 ? 388 ASN A O   1 
ATOM   722 C CB  . ASN A 1 92  ? -2.677  14.305  4.823   1.00 29.05 ? 388 ASN A CB  1 
ATOM   723 C CG  . ASN A 1 92  ? -3.558  15.248  5.589   1.00 32.62 ? 388 ASN A CG  1 
ATOM   724 O OD1 . ASN A 1 92  ? -3.086  16.253  6.095   1.00 33.15 ? 388 ASN A OD1 1 
ATOM   725 N ND2 . ASN A 1 92  ? -4.801  14.848  5.817   1.00 31.78 ? 388 ASN A ND2 1 
ATOM   726 N N   . GLN A 1 93  ? -4.535  13.216  2.337   1.00 27.72 ? 389 GLN A N   1 
ATOM   727 C CA  . GLN A 1 93  ? -5.850  12.990  1.767   1.00 23.42 ? 389 GLN A CA  1 
ATOM   728 C C   . GLN A 1 93  ? -6.334  11.698  2.351   1.00 20.59 ? 389 GLN A C   1 
ATOM   729 O O   . GLN A 1 93  ? -5.560  10.738  2.418   1.00 20.24 ? 389 GLN A O   1 
ATOM   730 C CB  . GLN A 1 93  ? -5.724  12.839  0.249   1.00 27.21 ? 389 GLN A CB  1 
ATOM   731 C CG  . GLN A 1 93  ? -7.024  12.875  -0.481  1.00 33.38 ? 389 GLN A CG  1 
ATOM   732 C CD  . GLN A 1 93  ? -7.565  14.267  -0.523  1.00 42.31 ? 389 GLN A CD  1 
ATOM   733 O OE1 . GLN A 1 93  ? -6.793  15.220  -0.548  1.00 42.87 ? 389 GLN A OE1 1 
ATOM   734 N NE2 . GLN A 1 93  ? -8.890  14.411  -0.566  1.00 47.14 ? 389 GLN A NE2 1 
ATOM   735 N N   . THR A 1 94  ? -7.629  11.625  2.630   1.00 18.73 ? 390 THR A N   1 
ATOM   736 C CA  . THR A 1 94  ? -8.202  10.430  3.205   1.00 22.92 ? 390 THR A CA  1 
ATOM   737 C C   . THR A 1 94  ? -9.336  9.856   2.381   1.00 22.13 ? 390 THR A C   1 
ATOM   738 O O   . THR A 1 94  ? -10.083 10.589  1.742   1.00 22.92 ? 390 THR A O   1 
ATOM   739 C CB  . THR A 1 94  ? -8.673  10.688  4.659   1.00 27.79 ? 390 THR A CB  1 
ATOM   740 O OG1 . THR A 1 94  ? -7.553  11.103  5.436   1.00 34.18 ? 390 THR A OG1 1 
ATOM   741 C CG2 . THR A 1 94  ? -9.220  9.431   5.354   1.00 25.20 ? 390 THR A CG2 1 
ATOM   742 N N   . ILE A 1 95  ? -9.306  8.533   2.210   1.00 20.76 ? 391 ILE A N   1 
ATOM   743 C CA  . ILE A 1 95  ? -10.381 7.818   1.522   1.00 20.84 ? 391 ILE A CA  1 
ATOM   744 C C   . ILE A 1 95  ? -10.913 6.695   2.423   1.00 24.47 ? 391 ILE A C   1 
ATOM   745 O O   . ILE A 1 95  ? -10.310 6.351   3.455   1.00 26.50 ? 391 ILE A O   1 
ATOM   746 C CB  . ILE A 1 95  ? -10.049 7.289   0.022   1.00 26.37 ? 391 ILE A CB  1 
ATOM   747 C CG1 . ILE A 1 95  ? -8.878  6.279   -0.069  1.00 25.57 ? 391 ILE A CG1 1 
ATOM   748 C CG2 . ILE A 1 95  ? -9.854  8.485   -0.934  1.00 29.10 ? 391 ILE A CG2 1 
ATOM   749 C CD1 . ILE A 1 95  ? -9.231  4.824   0.274   1.00 26.85 ? 391 ILE A CD1 1 
ATOM   750 N N   . ASN A 1 96  ? -12.124 6.248   2.134   1.00 26.28 ? 392 ASN A N   1 
ATOM   751 C CA  . ASN A 1 96  ? -12.686 5.155   2.895   1.00 31.47 ? 392 ASN A CA  1 
ATOM   752 C C   . ASN A 1 96  ? -12.549 3.874   2.054   1.00 33.68 ? 392 ASN A C   1 
ATOM   753 O O   . ASN A 1 96  ? -12.860 3.864   0.849   1.00 41.19 ? 392 ASN A O   1 
ATOM   754 C CB  . ASN A 1 96  ? -14.156 5.403   3.230   1.00 29.13 ? 392 ASN A CB  1 
ATOM   755 C CG  . ASN A 1 96  ? -14.776 4.225   4.015   1.00 37.12 ? 392 ASN A CG  1 
ATOM   756 O OD1 . ASN A 1 96  ? -15.466 3.386   3.438   1.00 38.84 ? 392 ASN A OD1 1 
ATOM   757 N ND2 . ASN A 1 96  ? -14.560 4.198   5.341   1.00 38.05 ? 392 ASN A ND2 1 
ATOM   758 N N   . GLY A 1 97  ? -11.973 2.839   2.656   1.00 28.87 ? 393 GLY A N   1 
ATOM   759 C CA  . GLY A 1 97  ? -11.839 1.569   1.971   1.00 26.09 ? 393 GLY A CA  1 
ATOM   760 C C   . GLY A 1 97  ? -12.740 0.507   2.598   1.00 26.85 ? 393 GLY A C   1 
ATOM   761 O O   . GLY A 1 97  ? -12.701 0.285   3.802   1.00 27.60 ? 393 GLY A O   1 
ATOM   762 N N   . HIS A 1 98  ? -13.567 -0.140  1.787   1.00 24.40 ? 394 HIS A N   1 
ATOM   763 C CA  . HIS A 1 98  ? -14.433 -1.206  2.272   1.00 27.28 ? 394 HIS A CA  1 
ATOM   764 C C   . HIS A 1 98  ? -14.024 -2.443  1.481   1.00 26.86 ? 394 HIS A C   1 
ATOM   765 O O   . HIS A 1 98  ? -14.068 -2.457  0.254   1.00 29.58 ? 394 HIS A O   1 
ATOM   766 C CB  . HIS A 1 98  ? -15.891 -0.887  2.008   1.00 30.18 ? 394 HIS A CB  1 
ATOM   767 C CG  . HIS A 1 98  ? -16.810 -1.965  2.456   1.00 33.48 ? 394 HIS A CG  1 
ATOM   768 N ND1 . HIS A 1 98  ? -17.293 -2.919  1.588   1.00 37.78 ? 394 HIS A ND1 1 
ATOM   769 C CD2 . HIS A 1 98  ? -17.375 -2.225  3.656   1.00 34.14 ? 394 HIS A CD2 1 
ATOM   770 C CE1 . HIS A 1 98  ? -18.121 -3.721  2.239   1.00 38.97 ? 394 HIS A CE1 1 
ATOM   771 N NE2 . HIS A 1 98  ? -18.185 -3.317  3.495   1.00 39.18 ? 394 HIS A NE2 1 
ATOM   772 N N   . PHE A 1 99  ? -13.538 -3.452  2.186   1.00 25.84 ? 395 PHE A N   1 
ATOM   773 C CA  . PHE A 1 99  ? -13.077 -4.666  1.543   1.00 25.16 ? 395 PHE A CA  1 
ATOM   774 C C   . PHE A 1 99  ? -14.038 -5.816  1.714   1.00 35.84 ? 395 PHE A C   1 
ATOM   775 O O   . PHE A 1 99  ? -14.382 -6.487  0.715   1.00 36.42 ? 395 PHE A O   1 
ATOM   776 C CB  . PHE A 1 99  ? -11.741 -5.049  2.133   1.00 20.29 ? 395 PHE A CB  1 
ATOM   777 C CG  . PHE A 1 99  ? -10.699 -4.039  1.895   1.00 22.84 ? 395 PHE A CG  1 
ATOM   778 C CD1 . PHE A 1 99  ? -9.941  -4.073  0.725   1.00 25.16 ? 395 PHE A CD1 1 
ATOM   779 C CD2 . PHE A 1 99  ? -10.446 -3.051  2.823   1.00 19.83 ? 395 PHE A CD2 1 
ATOM   780 C CE1 . PHE A 1 99  ? -8.958  -3.149  0.500   1.00 18.28 ? 395 PHE A CE1 1 
ATOM   781 C CE2 . PHE A 1 99  ? -9.469  -2.137  2.589   1.00 17.21 ? 395 PHE A CE2 1 
ATOM   782 C CZ  . PHE A 1 99  ? -8.722  -2.194  1.420   1.00 20.57 ? 395 PHE A CZ  1 
ATOM   783 N N   . LEU A 1 100 ? -14.400 -6.063  2.988   1.00 34.86 ? 396 LEU A N   1 
ATOM   784 C CA  . LEU A 1 100 ? -15.319 -7.137  3.392   1.00 33.97 ? 396 LEU A CA  1 
ATOM   785 C C   . LEU A 1 100 ? -16.331 -6.743  4.499   1.00 31.87 ? 396 LEU A C   1 
ATOM   786 O O   . LEU A 1 100 ? -16.142 -5.751  5.202   1.00 32.90 ? 396 LEU A O   1 
ATOM   787 C CB  . LEU A 1 100 ? -14.511 -8.383  3.816   1.00 30.61 ? 396 LEU A CB  1 
ATOM   788 C CG  . LEU A 1 100 ? -13.895 -9.223  2.677   1.00 34.16 ? 396 LEU A CG  1 
ATOM   789 C CD1 . LEU A 1 100 ? -13.228 -10.457 3.233   1.00 35.10 ? 396 LEU A CD1 1 
ATOM   790 C CD2 . LEU A 1 100 ? -14.983 -9.647  1.661   1.00 35.20 ? 396 LEU A CD2 1 
ATOM   791 N N   . LYS A 1 101 ? -17.419 -7.493  4.627   1.00 30.76 ? 397 LYS A N   1 
ATOM   792 C CA  . LYS A 1 101 ? -18.449 -7.207  5.640   1.00 35.50 ? 397 LYS A CA  1 
ATOM   793 C C   . LYS A 1 101 ? -17.909 -7.335  7.089   1.00 35.72 ? 397 LYS A C   1 
ATOM   794 O O   . LYS A 1 101 ? -17.129 -8.222  7.379   1.00 37.21 ? 397 LYS A O   1 
ATOM   795 C CB  . LYS A 1 101 ? -19.669 -8.114  5.379   1.00 39.49 ? 397 LYS A CB  1 
ATOM   796 C CG  . LYS A 1 101 ? -20.344 -8.753  6.594   1.00 50.20 ? 397 LYS A CG  1 
ATOM   797 C CD  . LYS A 1 101 ? -19.682 -10.075 7.083   1.00 58.05 ? 397 LYS A CD  1 
ATOM   798 C CE  . LYS A 1 101 ? -20.442 -10.636 8.306   1.00 59.76 ? 397 LYS A CE  1 
ATOM   799 N NZ  . LYS A 1 101 ? -19.866 -11.827 8.944   1.00 56.92 ? 397 LYS A NZ  1 
ATOM   800 N N   . GLU A 1 102 ? -18.283 -6.395  7.961   1.00 37.60 ? 398 GLU A N   1 
ATOM   801 C CA  . GLU A 1 102 ? -17.897 -6.352  9.385   1.00 44.24 ? 398 GLU A CA  1 
ATOM   802 C C   . GLU A 1 102 ? -18.862 -7.339  10.054  1.00 48.82 ? 398 GLU A C   1 
ATOM   803 O O   . GLU A 1 102 ? -20.073 -7.235  9.880   1.00 48.78 ? 398 GLU A O   1 
ATOM   804 C CB  . GLU A 1 102 ? -18.130 -4.934  9.919   1.00 49.08 ? 398 GLU A CB  1 
ATOM   805 C CG  . GLU A 1 102 ? -17.176 -4.403  10.967  1.00 62.05 ? 398 GLU A CG  1 
ATOM   806 C CD  . GLU A 1 102 ? -15.704 -4.524  10.595  1.00 70.14 ? 398 GLU A CD  1 
ATOM   807 O OE1 . GLU A 1 102 ? -15.154 -3.669  9.838   1.00 69.41 ? 398 GLU A OE1 1 
ATOM   808 O OE2 . GLU A 1 102 ? -15.110 -5.495  11.113  1.00 73.20 ? 398 GLU A OE2 1 
ATOM   809 N N   . PRO A 1 103 ? -18.338 -8.354  10.769  1.00 48.51 ? 399 PRO A N   1 
ATOM   810 C CA  . PRO A 1 103 ? -19.264 -9.307  11.401  1.00 47.02 ? 399 PRO A CA  1 
ATOM   811 C C   . PRO A 1 103 ? -20.155 -8.721  12.501  1.00 45.10 ? 399 PRO A C   1 
ATOM   812 O O   . PRO A 1 103 ? -19.742 -7.817  13.262  1.00 40.08 ? 399 PRO A O   1 
ATOM   813 C CB  . PRO A 1 103 ? -18.326 -10.380 11.968  1.00 45.55 ? 399 PRO A CB  1 
ATOM   814 C CG  . PRO A 1 103 ? -17.067 -10.219 11.138  1.00 47.24 ? 399 PRO A CG  1 
ATOM   815 C CD  . PRO A 1 103 ? -16.939 -8.736  11.011  1.00 45.18 ? 399 PRO A CD  1 
ATOM   816 N N   . PHE A 1 104 ? -21.357 -9.289  12.619  1.00 41.84 ? 400 PHE A N   1 
ATOM   817 C CA  . PHE A 1 104 ? -22.289 -8.857  13.647  1.00 42.12 ? 400 PHE A CA  1 
ATOM   818 C C   . PHE A 1 104 ? -21.667 -9.140  15.032  1.00 39.32 ? 400 PHE A C   1 
ATOM   819 O O   . PHE A 1 104 ? -20.851 -10.053 15.183  1.00 38.05 ? 400 PHE A O   1 
ATOM   820 C CB  . PHE A 1 104 ? -23.646 -9.562  13.471  1.00 38.96 ? 400 PHE A CB  1 
ATOM   821 C CG  . PHE A 1 104 ? -24.776 -8.903  14.229  1.00 38.52 ? 400 PHE A CG  1 
ATOM   822 C CD1 . PHE A 1 104 ? -25.167 -7.580  13.925  1.00 36.86 ? 400 PHE A CD1 1 
ATOM   823 C CD2 . PHE A 1 104 ? -25.394 -9.568  15.300  1.00 36.60 ? 400 PHE A CD2 1 
ATOM   824 C CE1 . PHE A 1 104 ? -26.162 -6.910  14.678  1.00 31.71 ? 400 PHE A CE1 1 
ATOM   825 C CE2 . PHE A 1 104 ? -26.382 -8.925  16.059  1.00 34.17 ? 400 PHE A CE2 1 
ATOM   826 C CZ  . PHE A 1 104 ? -26.766 -7.578  15.743  1.00 32.20 ? 400 PHE A CZ  1 
ATOM   827 N N   . PRO A 1 105 ? -21.946 -8.283  16.024  1.00 40.43 ? 401 PRO A N   1 
ATOM   828 C CA  . PRO A 1 105 ? -21.370 -8.529  17.359  1.00 43.08 ? 401 PRO A CA  1 
ATOM   829 C C   . PRO A 1 105 ? -21.836 -9.849  18.040  1.00 52.76 ? 401 PRO A C   1 
ATOM   830 O O   . PRO A 1 105 ? -23.005 -10.259 17.934  1.00 58.81 ? 401 PRO A O   1 
ATOM   831 C CB  . PRO A 1 105 ? -21.787 -7.271  18.140  1.00 41.81 ? 401 PRO A CB  1 
ATOM   832 C CG  . PRO A 1 105 ? -21.776 -6.203  17.075  1.00 42.20 ? 401 PRO A CG  1 
ATOM   833 C CD  . PRO A 1 105 ? -22.476 -6.910  15.916  1.00 40.14 ? 401 PRO A CD  1 
ATOM   834 N N   . VAL A 1 106 ? -20.910 -10.526 18.716  1.00 53.43 ? 402 VAL A N   1 
ATOM   835 C CA  . VAL A 1 106 ? -21.180 -11.778 19.419  1.00 48.77 ? 402 VAL A CA  1 
ATOM   836 C C   . VAL A 1 106 ? -21.645 -11.594 20.892  1.00 55.75 ? 402 VAL A C   1 
ATOM   837 O O   . VAL A 1 106 ? -22.329 -12.466 21.463  1.00 53.01 ? 402 VAL A O   1 
ATOM   838 C CB  . VAL A 1 106 ? -19.933 -12.640 19.371  1.00 41.23 ? 402 VAL A CB  1 
ATOM   839 C CG1 . VAL A 1 106 ? -19.658 -13.030 17.943  1.00 37.26 ? 402 VAL A CG1 1 
ATOM   840 C CG2 . VAL A 1 106 ? -18.736 -11.850 19.925  1.00 41.60 ? 402 VAL A CG2 1 
ATOM   841 N N   . ASP A 1 107 ? -21.296 -10.450 21.488  1.00 60.11 ? 403 ASP A N   1 
ATOM   842 C CA  . ASP A 1 107 ? -21.658 -10.145 22.871  1.00 63.97 ? 403 ASP A CA  1 
ATOM   843 C C   . ASP A 1 107 ? -22.721 -9.041  22.960  1.00 67.85 ? 403 ASP A C   1 
ATOM   844 O O   . ASP A 1 107 ? -22.737 -8.125  22.105  1.00 67.85 ? 403 ASP A O   1 
ATOM   845 C CB  . ASP A 1 107 ? -20.396 -9.769  23.657  1.00 61.37 ? 403 ASP A CB  1 
ATOM   846 C CG  . ASP A 1 107 ? -19.344 -10.883 23.664  1.00 59.32 ? 403 ASP A CG  1 
ATOM   847 O OD1 . ASP A 1 107 ? -19.678 -12.042 23.312  1.00 57.97 ? 403 ASP A OD1 1 
ATOM   848 O OD2 . ASP A 1 107 ? -18.190 -10.615 24.062  1.00 55.83 ? 403 ASP A OD2 1 
ATOM   849 N N   . GLU A 1 108 ? -23.559 -9.115  24.018  1.00 74.02 ? 404 GLU A N   1 
ATOM   850 C CA  . GLU A 1 108 ? -24.683 -8.170  24.277  1.00 77.46 ? 404 GLU A CA  1 
ATOM   851 C C   . GLU A 1 108 ? -24.425 -6.661  24.087  1.00 81.19 ? 404 GLU A C   1 
ATOM   852 O O   . GLU A 1 108 ? -25.329 -5.853  23.793  1.00 80.35 ? 404 GLU A O   1 
ATOM   853 C CB  . GLU A 1 108 ? -25.281 -8.408  25.667  1.00 75.25 ? 404 GLU A CB  1 
ATOM   854 C CG  . GLU A 1 108 ? -25.753 -9.857  25.905  1.00 81.28 ? 404 GLU A CG  1 
ATOM   855 C CD  . GLU A 1 108 ? -27.273 -10.153 25.600  1.00 84.12 ? 404 GLU A CD  1 
ATOM   856 O OE1 . GLU A 1 108 ? -27.879 -9.508  24.697  1.00 85.04 ? 404 GLU A OE1 1 
ATOM   857 O OE2 . GLU A 1 108 ? -27.847 -11.073 26.262  1.00 81.84 ? 404 GLU A OE2 1 
HETATM 858 O O   . HOH B 2 .   ? 6.822   -5.334  15.373  1.00 23.67 ? 415 HOH A O   1 
HETATM 859 O O   . HOH B 2 .   ? -20.959 -3.036  9.757   1.00 28.86 ? 416 HOH A O   1 
HETATM 860 O O   . HOH B 2 .   ? -8.376  2.300   -6.592  1.00 20.91 ? 417 HOH A O   1 
HETATM 861 O O   . HOH B 2 .   ? 2.582   5.572   8.725   1.00 31.88 ? 418 HOH A O   1 
HETATM 862 O O   . HOH B 2 .   ? -21.598 -2.285  3.251   1.00 19.61 ? 419 HOH A O   1 
HETATM 863 O O   . HOH B 2 .   ? 9.054   -4.569  -5.882  1.00 59.49 ? 420 HOH A O   1 
HETATM 864 O O   . HOH B 2 .   ? 1.562   -10.455 7.898   1.00 37.12 ? 421 HOH A O   1 
HETATM 865 O O   . HOH B 2 .   ? -13.110 -10.712 6.974   1.00 29.84 ? 422 HOH A O   1 
HETATM 866 O O   . HOH B 2 .   ? -7.572  -10.001 -2.790  1.00 36.84 ? 423 HOH A O   1 
HETATM 867 O O   . HOH B 2 .   ? -15.700 -10.249 6.413   1.00 39.34 ? 424 HOH A O   1 
HETATM 868 O O   . HOH B 2 .   ? -3.909  6.167   20.221  1.00 59.08 ? 425 HOH A O   1 
HETATM 869 O O   . HOH B 2 .   ? -6.391  6.995   8.419   1.00 27.24 ? 426 HOH A O   1 
HETATM 870 O O   . HOH B 2 .   ? 26.546  -21.038 -12.068 1.00 57.74 ? 427 HOH A O   1 
HETATM 871 O O   . HOH B 2 .   ? 10.139  6.301   -11.976 1.00 39.48 ? 428 HOH A O   1 
HETATM 872 O O   . HOH B 2 .   ? -13.749 -11.452 -4.686  1.00 93.43 ? 429 HOH A O   1 
HETATM 873 O O   . HOH B 2 .   ? 0.237   -6.692  6.150   1.00 34.28 ? 430 HOH A O   1 
HETATM 874 O O   . HOH B 2 .   ? -21.870 -5.654  11.207  1.00 36.86 ? 431 HOH A O   1 
HETATM 875 O O   . HOH B 2 .   ? 5.166   11.796  4.244   1.00 51.93 ? 432 HOH A O   1 
HETATM 876 O O   . HOH B 2 .   ? 9.588   -3.026  -8.434  1.00 44.83 ? 433 HOH A O   1 
HETATM 877 O O   . HOH B 2 .   ? 1.989   -10.672 4.737   1.00 53.41 ? 434 HOH A O   1 
HETATM 878 O O   . HOH B 2 .   ? -22.914 -7.654  7.654   1.00 30.13 ? 435 HOH A O   1 
HETATM 879 O O   . HOH B 2 .   ? -1.285  -15.589 -3.793  1.00 79.41 ? 436 HOH A O   1 
HETATM 880 O O   . HOH B 2 .   ? -10.102 -10.792 -2.198  1.00 35.19 ? 437 HOH A O   1 
HETATM 881 O O   . HOH B 2 .   ? -9.238  -2.266  13.048  1.00 52.44 ? 438 HOH A O   1 
HETATM 882 O O   . HOH B 2 .   ? -18.070 -9.071  2.319   1.00 33.83 ? 439 HOH A O   1 
HETATM 883 O O   . HOH B 2 .   ? 4.909   -6.338  17.160  1.00 53.23 ? 440 HOH A O   1 
HETATM 884 O O   . HOH B 2 .   ? 5.626   12.595  -6.335  1.00 25.63 ? 441 HOH A O   1 
HETATM 885 O O   . HOH B 2 .   ? 8.045   8.273   0.047   1.00 36.97 ? 442 HOH A O   1 
HETATM 886 O O   . HOH B 2 .   ? -15.275 -2.187  -2.127  1.00 46.12 ? 443 HOH A O   1 
HETATM 887 O O   . HOH B 2 .   ? -11.873 -3.602  -3.503  1.00 34.06 ? 444 HOH A O   1 
HETATM 888 O O   . HOH B 2 .   ? -7.023  13.646  5.256   1.00 29.82 ? 445 HOH A O   1 
HETATM 889 O O   . HOH B 2 .   ? 2.562   4.840   -14.174 1.00 45.31 ? 446 HOH A O   1 
HETATM 890 O O   . HOH B 2 .   ? 10.976  9.974   6.822   1.00 38.45 ? 447 HOH A O   1 
HETATM 891 O O   . HOH B 2 .   ? 8.057   11.396  -12.251 1.00 46.68 ? 448 HOH A O   1 
HETATM 892 O O   . HOH B 2 .   ? -9.564  13.703  2.767   1.00 45.13 ? 449 HOH A O   1 
HETATM 893 O O   . HOH B 2 .   ? -21.858 -4.947  1.630   1.00 47.78 ? 450 HOH A O   1 
HETATM 894 O O   . HOH B 2 .   ? -6.460  -8.293  8.703   1.00 47.89 ? 451 HOH A O   1 
HETATM 895 O O   . HOH B 2 .   ? -1.464  10.234  17.283  1.00 42.06 ? 452 HOH A O   1 
HETATM 896 O O   . HOH B 2 .   ? -18.313 -2.337  6.639   1.00 39.02 ? 453 HOH A O   1 
HETATM 897 O O   . HOH B 2 .   ? 6.623   -4.081  8.005   1.00 47.88 ? 454 HOH A O   1 
HETATM 898 O O   . HOH B 2 .   ? -13.744 -3.673  -7.276  1.00 52.57 ? 455 HOH A O   1 
HETATM 899 O O   . HOH B 2 .   ? 10.596  13.951  4.236   1.00 53.35 ? 456 HOH A O   1 
HETATM 900 O O   . HOH B 2 .   ? -19.380 -1.318  11.577  1.00 49.30 ? 457 HOH A O   1 
HETATM 901 O O   . HOH B 2 .   ? 5.113   -5.023  11.158  1.00 40.93 ? 458 HOH A O   1 
HETATM 902 O O   . HOH B 2 .   ? -2.299  -21.252 -10.462 1.00 35.91 ? 459 HOH A O   1 
HETATM 903 O O   . HOH B 2 .   ? 8.443   -2.279  18.276  1.00 49.41 ? 460 HOH A O   1 
HETATM 904 O O   . HOH B 2 .   ? -6.640  18.263  6.602   1.00 53.88 ? 461 HOH A O   1 
HETATM 905 O O   . HOH B 2 .   ? -7.255  3.448   15.085  1.00 47.61 ? 462 HOH A O   1 
HETATM 906 O O   . HOH B 2 .   ? 3.390   4.202   5.420   1.00 39.69 ? 463 HOH A O   1 
HETATM 907 O O   . HOH B 2 .   ? 30.218  -12.219 4.082   1.00 62.71 ? 464 HOH A O   1 
HETATM 908 O O   . HOH B 2 .   ? 7.387   20.959  6.694   1.00 64.33 ? 465 HOH A O   1 
HETATM 909 O O   . HOH B 2 .   ? 6.182   -4.904  19.740  1.00 47.95 ? 466 HOH A O   1 
HETATM 910 O O   . HOH B 2 .   ? 8.242   2.219   -0.226  1.00 94.88 ? 467 HOH A O   1 
HETATM 911 O O   . HOH B 2 .   ? 8.344   14.711  -13.018 1.00 85.37 ? 468 HOH A O   1 
HETATM 912 O O   . HOH B 2 .   ? 3.954   4.589   -16.839 1.00 38.68 ? 469 HOH A O   1 
HETATM 913 O O   . HOH B 2 .   ? -9.076  8.113   11.084  1.00 42.68 ? 470 HOH A O   1 
HETATM 914 O O   . HOH B 2 .   ? 2.567   22.806  5.456   1.00 50.26 ? 471 HOH A O   1 
HETATM 915 O O   . HOH B 2 .   ? -4.964  -1.792  7.568   1.00 48.06 ? 472 HOH A O   1 
HETATM 916 O O   . HOH B 2 .   ? 8.485   -5.346  5.543   1.00 42.18 ? 473 HOH A O   1 
HETATM 917 O O   . HOH B 2 .   ? -0.908  17.648  5.703   1.00 38.87 ? 474 HOH A O   1 
HETATM 918 O O   . HOH B 2 .   ? 7.915   -0.024  -2.586  1.00 59.75 ? 475 HOH A O   1 
HETATM 919 O O   . HOH B 2 .   ? -2.587  5.949   -10.483 1.00 41.18 ? 476 HOH A O   1 
HETATM 920 O O   . HOH B 2 .   ? 3.062   -6.411  -7.191  1.00 37.37 ? 477 HOH A O   1 
HETATM 921 O O   . HOH B 2 .   ? -10.302 -11.406 1.446   1.00 40.79 ? 478 HOH A O   1 
HETATM 922 O O   . HOH B 2 .   ? -8.886  6.463   17.830  1.00 53.54 ? 479 HOH A O   1 
HETATM 923 O O   . HOH B 2 .   ? 10.046  3.326   -8.407  1.00 46.07 ? 480 HOH A O   1 
HETATM 924 O O   . HOH B 2 .   ? 11.148  7.219   -15.209 1.00 47.12 ? 481 HOH A O   1 
HETATM 925 O O   . HOH B 2 .   ? -12.059 -3.808  -11.401 1.00 58.48 ? 482 HOH A O   1 
HETATM 926 O O   . HOH B 2 .   ? 4.724   17.344  -10.405 1.00 53.72 ? 483 HOH A O   1 
HETATM 927 O O   . HOH B 2 .   ? 6.861   1.944   5.766   1.00 57.98 ? 484 HOH A O   1 
HETATM 928 O O   . HOH B 2 .   ? 5.524   -2.409  0.621   1.00 39.40 ? 485 HOH A O   1 
HETATM 929 O O   . HOH B 2 .   ? -1.589  -3.537  7.874   1.00 56.90 ? 486 HOH A O   1 
HETATM 930 O O   . HOH B 2 .   ? -8.749  -13.684 3.908   1.00 56.65 ? 487 HOH A O   1 
HETATM 931 O O   . HOH B 2 .   ? 13.443  6.411   4.364   1.00 66.89 ? 488 HOH A O   1 
HETATM 932 O O   . HOH B 2 .   ? -19.804 -3.088  17.833  1.00 52.09 ? 489 HOH A O   1 
HETATM 933 O O   . HOH B 2 .   ? -4.328  -13.658 -4.476  1.00 60.35 ? 490 HOH A O   1 
HETATM 934 O O   . HOH B 2 .   ? -18.595 -8.666  20.106  1.00 47.26 ? 491 HOH A O   1 
HETATM 935 O O   . HOH B 2 .   ? -3.504  -9.477  9.045   1.00 62.15 ? 492 HOH A O   1 
HETATM 936 O O   . HOH B 2 .   ? 7.203   -14.092 -0.106  1.00 59.29 ? 493 HOH A O   1 
HETATM 937 O O   . HOH B 2 .   ? -12.898 0.950   10.410  1.00 46.77 ? 494 HOH A O   1 
HETATM 938 O O   . HOH B 2 .   ? 11.488  13.458  -12.025 1.00 79.23 ? 495 HOH A O   1 
HETATM 939 O O   . HOH B 2 .   ? 27.683  -21.325 -1.641  1.00 55.10 ? 496 HOH A O   1 
HETATM 940 O O   . HOH B 2 .   ? -17.498 -12.838 8.669   1.00 58.73 ? 497 HOH A O   1 
HETATM 941 O O   . HOH B 2 .   ? -16.796 -12.248 -0.985  1.00 52.48 ? 498 HOH A O   1 
HETATM 942 O O   . HOH B 2 .   ? 9.012   3.792   -14.168 1.00 83.35 ? 499 HOH A O   1 
HETATM 943 O O   . HOH B 2 .   ? 2.211   -22.246 -11.379 1.00 27.46 ? 500 HOH A O   1 
HETATM 944 O O   . HOH B 2 .   ? 6.583   -5.567  -2.666  1.00 75.00 ? 501 HOH A O   1 
HETATM 945 O O   . HOH B 2 .   ? -14.943 1.018   5.533   1.00 58.04 ? 502 HOH A O   1 
HETATM 946 O O   . HOH B 2 .   ? 3.704   10.071  9.332   1.00 48.05 ? 503 HOH A O   1 
HETATM 947 O O   . HOH B 2 .   ? -12.929 -3.524  11.688  1.00 48.10 ? 504 HOH A O   1 
HETATM 948 O O   . HOH B 2 .   ? -2.407  -9.447  -8.606  1.00 49.22 ? 505 HOH A O   1 
HETATM 949 O O   . HOH B 2 .   ? 3.770   4.764   -0.455  1.00 54.36 ? 506 HOH A O   1 
HETATM 950 O O   . HOH B 2 .   ? 7.419   -6.329  0.299   1.00 41.97 ? 507 HOH A O   1 
HETATM 951 O O   . HOH B 2 .   ? -5.920  -19.058 -17.298 1.00 58.80 ? 508 HOH A O   1 
HETATM 952 O O   . HOH B 2 .   ? 9.054   -8.619  4.868   1.00 51.13 ? 509 HOH A O   1 
HETATM 953 O O   . HOH B 2 .   ? -3.356  -23.322 -14.293 1.00 83.45 ? 510 HOH A O   1 
HETATM 954 O O   . HOH B 2 .   ? -11.997 -13.024 5.854   1.00 56.92 ? 511 HOH A O   1 
HETATM 955 O O   . HOH B 2 .   ? 0.003   6.983   15.328  1.00 58.23 ? 512 HOH A O   1 
HETATM 956 O O   . HOH B 2 .   ? -8.469  -14.578 -3.523  1.00 48.42 ? 513 HOH A O   1 
HETATM 957 O O   . HOH B 2 .   ? 9.133   9.481   -4.929  1.00 60.71 ? 514 HOH A O   1 
HETATM 958 O O   . HOH B 2 .   ? -21.196 -16.103 9.633   1.00 66.86 ? 515 HOH A O   1 
# 
